data_2KPJ
#
_entry.id   2KPJ
#
_entity_poly.entity_id   1
_entity_poly.type   'polypeptide(L)'
_entity_poly.pdbx_seq_one_letter_code
;MVKDKQKAIFSENLNSYIAKSEKTQLEIAKSIGVSPQTFNTWCKGIAIPRMGKVQALADYFNINKSDLIEDKKLNIDTVP
IESGYTLEHHHHHH
;
_entity_poly.pdbx_strand_id   A
#
# COMPACT_ATOMS: atom_id res chain seq x y z
N MET A 1 -18.12 -10.23 -6.37
CA MET A 1 -16.77 -10.32 -6.99
C MET A 1 -15.94 -11.41 -6.33
N VAL A 2 -16.09 -11.56 -5.02
CA VAL A 2 -15.24 -12.46 -4.24
C VAL A 2 -13.78 -12.00 -4.34
N LYS A 3 -13.50 -10.84 -3.79
CA LYS A 3 -12.17 -10.27 -3.81
C LYS A 3 -11.73 -9.92 -2.39
N ASP A 4 -10.47 -10.14 -2.09
CA ASP A 4 -9.92 -9.84 -0.78
C ASP A 4 -9.74 -8.34 -0.62
N LYS A 5 -10.32 -7.80 0.45
CA LYS A 5 -10.32 -6.37 0.69
C LYS A 5 -8.91 -5.86 0.97
N GLN A 6 -8.09 -6.68 1.64
CA GLN A 6 -6.73 -6.29 1.98
C GLN A 6 -5.93 -5.98 0.73
N LYS A 7 -5.96 -6.88 -0.26
CA LYS A 7 -5.27 -6.66 -1.52
C LYS A 7 -5.82 -5.44 -2.26
N ALA A 8 -7.11 -5.17 -2.06
CA ALA A 8 -7.74 -4.02 -2.67
C ALA A 8 -7.28 -2.73 -2.02
N ILE A 9 -6.97 -2.80 -0.73
CA ILE A 9 -6.45 -1.66 0.01
C ILE A 9 -4.99 -1.44 -0.34
N PHE A 10 -4.21 -2.51 -0.27
CA PHE A 10 -2.77 -2.46 -0.59
C PHE A 10 -2.55 -1.85 -1.97
N SER A 11 -3.27 -2.34 -2.97
CA SER A 11 -3.14 -1.82 -4.32
C SER A 11 -3.59 -0.37 -4.40
N GLU A 12 -4.71 -0.07 -3.73
CA GLU A 12 -5.24 1.29 -3.69
C GLU A 12 -4.19 2.26 -3.16
N ASN A 13 -3.57 1.91 -2.05
CA ASN A 13 -2.55 2.73 -1.43
C ASN A 13 -1.30 2.80 -2.30
N LEU A 14 -0.83 1.65 -2.76
CA LEU A 14 0.37 1.57 -3.59
C LEU A 14 0.19 2.37 -4.88
N ASN A 15 -0.94 2.16 -5.54
CA ASN A 15 -1.25 2.85 -6.79
C ASN A 15 -1.26 4.35 -6.60
N SER A 16 -1.66 4.81 -5.42
CA SER A 16 -1.65 6.23 -5.10
C SER A 16 -0.25 6.81 -5.24
N TYR A 17 0.73 6.13 -4.65
CA TYR A 17 2.11 6.60 -4.69
C TYR A 17 2.69 6.48 -6.10
N ILE A 18 2.36 5.38 -6.77
CA ILE A 18 2.84 5.13 -8.12
C ILE A 18 2.32 6.18 -9.09
N ALA A 19 1.02 6.46 -9.01
CA ALA A 19 0.39 7.42 -9.91
C ALA A 19 0.75 8.85 -9.57
N LYS A 20 1.44 9.04 -8.45
CA LYS A 20 1.94 10.36 -8.07
C LYS A 20 3.33 10.57 -8.66
N SER A 21 3.93 9.50 -9.15
CA SER A 21 5.24 9.58 -9.76
C SER A 21 5.09 9.60 -11.29
N GLU A 22 6.11 10.08 -11.97
CA GLU A 22 6.10 10.12 -13.42
C GLU A 22 6.90 8.97 -14.00
N LYS A 23 7.40 8.10 -13.12
CA LYS A 23 8.08 6.89 -13.53
C LYS A 23 7.06 5.77 -13.72
N THR A 24 7.17 5.04 -14.81
CA THR A 24 6.22 3.99 -15.14
C THR A 24 6.39 2.78 -14.22
N GLN A 25 5.38 1.91 -14.25
CA GLN A 25 5.42 0.66 -13.50
C GLN A 25 6.64 -0.15 -13.91
N LEU A 26 6.97 -0.08 -15.20
CA LEU A 26 8.12 -0.79 -15.75
C LEU A 26 9.43 -0.20 -15.21
N GLU A 27 9.40 1.09 -14.90
CA GLU A 27 10.55 1.77 -14.32
C GLU A 27 10.79 1.32 -12.89
N ILE A 28 9.74 1.39 -12.08
CA ILE A 28 9.85 1.05 -10.66
C ILE A 28 10.20 -0.43 -10.47
N ALA A 29 9.65 -1.27 -11.34
CA ALA A 29 9.88 -2.72 -11.27
C ALA A 29 11.36 -3.07 -11.29
N LYS A 30 12.13 -2.38 -12.14
CA LYS A 30 13.56 -2.67 -12.27
C LYS A 30 14.32 -2.25 -11.03
N SER A 31 13.92 -1.11 -10.46
CA SER A 31 14.55 -0.57 -9.27
C SER A 31 14.33 -1.50 -8.07
N ILE A 32 13.12 -2.07 -8.00
CA ILE A 32 12.79 -3.01 -6.94
C ILE A 32 13.50 -4.33 -7.15
N GLY A 33 13.49 -4.81 -8.39
CA GLY A 33 14.13 -6.06 -8.72
C GLY A 33 13.14 -7.13 -9.08
N VAL A 34 12.08 -6.74 -9.78
CA VAL A 34 11.05 -7.67 -10.19
C VAL A 34 10.74 -7.52 -11.67
N SER A 35 9.87 -8.37 -12.18
CA SER A 35 9.45 -8.28 -13.57
C SER A 35 8.18 -7.45 -13.69
N PRO A 36 7.96 -6.81 -14.85
CA PRO A 36 6.79 -5.94 -15.08
C PRO A 36 5.47 -6.67 -14.85
N GLN A 37 5.43 -7.95 -15.19
CA GLN A 37 4.22 -8.76 -14.98
C GLN A 37 3.96 -8.96 -13.49
N THR A 38 5.02 -9.00 -12.69
CA THR A 38 4.89 -9.16 -11.25
C THR A 38 4.35 -7.87 -10.65
N PHE A 39 4.83 -6.75 -11.17
CA PHE A 39 4.40 -5.45 -10.70
C PHE A 39 2.96 -5.17 -11.13
N ASN A 40 2.62 -5.66 -12.31
CA ASN A 40 1.28 -5.48 -12.88
C ASN A 40 0.20 -6.07 -11.98
N THR A 41 0.45 -7.26 -11.44
CA THR A 41 -0.53 -7.94 -10.60
C THR A 41 -0.70 -7.23 -9.26
N TRP A 42 0.36 -6.55 -8.81
CA TRP A 42 0.29 -5.77 -7.58
C TRP A 42 -0.59 -4.55 -7.81
N CYS A 43 -0.39 -3.89 -8.93
CA CYS A 43 -1.11 -2.67 -9.26
C CYS A 43 -2.59 -2.96 -9.51
N LYS A 44 -2.88 -4.18 -9.94
CA LYS A 44 -4.25 -4.60 -10.16
C LYS A 44 -4.87 -5.19 -8.89
N GLY A 45 -4.07 -5.23 -7.83
CA GLY A 45 -4.55 -5.76 -6.56
C GLY A 45 -4.89 -7.24 -6.63
N ILE A 46 -4.14 -7.97 -7.43
CA ILE A 46 -4.38 -9.40 -7.61
C ILE A 46 -3.60 -10.20 -6.57
N ALA A 47 -2.42 -9.70 -6.21
CA ALA A 47 -1.55 -10.40 -5.27
C ALA A 47 -0.72 -9.41 -4.47
N ILE A 48 -0.37 -9.81 -3.25
CA ILE A 48 0.53 -9.02 -2.42
C ILE A 48 1.89 -9.71 -2.34
N PRO A 49 2.96 -8.98 -2.65
CA PRO A 49 4.33 -9.50 -2.60
C PRO A 49 4.73 -9.92 -1.19
N ARG A 50 5.83 -10.65 -1.09
CA ARG A 50 6.34 -11.09 0.20
C ARG A 50 7.00 -9.92 0.93
N MET A 51 7.31 -10.13 2.20
CA MET A 51 7.86 -9.06 3.05
C MET A 51 9.08 -8.41 2.44
N GLY A 52 9.93 -9.22 1.81
CA GLY A 52 11.16 -8.70 1.21
C GLY A 52 10.89 -7.67 0.13
N LYS A 53 9.76 -7.80 -0.55
CA LYS A 53 9.42 -6.90 -1.64
C LYS A 53 8.55 -5.75 -1.15
N VAL A 54 7.69 -6.02 -0.17
CA VAL A 54 6.87 -4.97 0.42
C VAL A 54 7.75 -3.92 1.08
N GLN A 55 8.76 -4.39 1.81
CA GLN A 55 9.71 -3.50 2.44
C GLN A 55 10.50 -2.73 1.40
N ALA A 56 10.84 -3.40 0.30
CA ALA A 56 11.58 -2.77 -0.79
C ALA A 56 10.78 -1.65 -1.43
N LEU A 57 9.48 -1.88 -1.62
CA LEU A 57 8.57 -0.88 -2.17
C LEU A 57 8.54 0.36 -1.29
N ALA A 58 8.29 0.15 0.00
CA ALA A 58 8.21 1.25 0.95
C ALA A 58 9.55 1.96 1.10
N ASP A 59 10.62 1.18 1.06
CA ASP A 59 11.98 1.71 1.22
C ASP A 59 12.35 2.61 0.04
N TYR A 60 11.87 2.26 -1.14
CA TYR A 60 12.19 3.01 -2.35
C TYR A 60 11.40 4.32 -2.40
N PHE A 61 10.18 4.30 -1.88
CA PHE A 61 9.33 5.49 -1.89
C PHE A 61 9.60 6.37 -0.66
N ASN A 62 10.46 5.86 0.22
CA ASN A 62 10.75 6.51 1.50
C ASN A 62 9.47 6.65 2.32
N ILE A 63 8.81 5.52 2.54
CA ILE A 63 7.58 5.47 3.32
C ILE A 63 7.60 4.25 4.23
N ASN A 64 6.58 4.13 5.07
CA ASN A 64 6.48 2.99 5.97
C ASN A 64 5.64 1.91 5.31
N LYS A 65 5.94 0.64 5.60
CA LYS A 65 5.13 -0.45 5.08
C LYS A 65 3.70 -0.34 5.60
N SER A 66 3.57 0.23 6.80
CA SER A 66 2.26 0.46 7.40
C SER A 66 1.38 1.35 6.53
N ASP A 67 2.01 2.23 5.74
CA ASP A 67 1.28 3.14 4.87
C ASP A 67 0.61 2.38 3.74
N LEU A 68 1.15 1.20 3.41
CA LEU A 68 0.60 0.39 2.33
C LEU A 68 -0.40 -0.63 2.86
N ILE A 69 -0.27 -0.97 4.13
CA ILE A 69 -1.08 -2.01 4.74
C ILE A 69 -2.39 -1.45 5.31
N GLU A 70 -2.31 -0.31 5.97
CA GLU A 70 -3.46 0.29 6.61
C GLU A 70 -4.24 1.17 5.63
N ASP A 71 -5.54 1.26 5.84
CA ASP A 71 -6.44 1.98 4.92
C ASP A 71 -6.15 3.48 4.95
N LYS A 72 -6.46 4.16 3.85
CA LYS A 72 -6.23 5.59 3.74
C LYS A 72 -7.32 6.39 4.47
N LYS A 73 -7.70 5.91 5.65
CA LYS A 73 -8.67 6.57 6.51
C LYS A 73 -7.97 7.64 7.34
N LEU A 74 -7.15 8.44 6.67
CA LEU A 74 -6.30 9.41 7.32
C LEU A 74 -7.09 10.58 7.90
N ASN A 75 -7.77 10.31 9.00
CA ASN A 75 -8.39 11.35 9.81
C ASN A 75 -7.75 11.33 11.18
N ILE A 76 -6.90 12.32 11.45
CA ILE A 76 -6.11 12.34 12.66
C ILE A 76 -6.99 12.31 13.91
N ASP A 77 -6.67 11.37 14.79
CA ASP A 77 -7.35 11.18 16.04
C ASP A 77 -6.30 10.87 17.08
N THR A 78 -6.30 11.66 18.13
CA THR A 78 -5.26 11.63 19.15
C THR A 78 -4.87 10.21 19.54
N VAL A 79 -3.58 9.94 19.44
CA VAL A 79 -3.03 8.61 19.65
C VAL A 79 -2.04 8.59 20.83
N PRO A 80 -2.56 8.37 22.04
CA PRO A 80 -1.73 8.28 23.24
C PRO A 80 -0.66 7.20 23.10
N ILE A 81 0.59 7.61 23.20
CA ILE A 81 1.72 6.70 23.09
C ILE A 81 2.65 6.88 24.28
N GLU A 82 3.18 5.77 24.78
CA GLU A 82 4.03 5.79 25.96
C GLU A 82 5.47 6.16 25.60
N SER A 83 5.64 7.41 25.18
CA SER A 83 6.95 7.94 24.82
C SER A 83 6.82 9.44 24.55
N GLY A 84 7.93 10.08 24.24
CA GLY A 84 7.91 11.50 23.95
C GLY A 84 7.78 11.78 22.47
N TYR A 85 6.69 11.30 21.89
CA TYR A 85 6.44 11.48 20.46
C TYR A 85 5.53 12.69 20.25
N THR A 86 5.69 13.36 19.13
CA THR A 86 4.90 14.55 18.83
C THR A 86 3.49 14.17 18.36
N LEU A 87 2.50 14.90 18.86
CA LEU A 87 1.12 14.72 18.42
C LEU A 87 0.45 16.08 18.28
N GLU A 88 -0.48 16.19 17.34
CA GLU A 88 -1.13 17.45 17.04
C GLU A 88 -2.62 17.41 17.40
N HIS A 89 -3.22 18.59 17.51
CA HIS A 89 -4.65 18.71 17.77
C HIS A 89 -5.26 19.75 16.85
N HIS A 90 -6.50 19.54 16.46
CA HIS A 90 -7.17 20.45 15.54
C HIS A 90 -8.18 21.33 16.27
N HIS A 91 -9.28 20.71 16.70
CA HIS A 91 -10.36 21.41 17.39
C HIS A 91 -11.11 22.35 16.46
N HIS A 92 -12.27 21.93 16.01
CA HIS A 92 -13.18 22.76 15.25
C HIS A 92 -14.61 22.44 15.65
N HIS A 93 -15.40 23.47 15.92
CA HIS A 93 -16.77 23.26 16.34
C HIS A 93 -17.65 22.95 15.14
N HIS A 94 -18.12 21.71 15.08
CA HIS A 94 -18.94 21.25 13.96
C HIS A 94 -19.63 19.94 14.36
N MET A 1 -13.24 -11.77 -10.19
CA MET A 1 -13.23 -12.44 -8.87
C MET A 1 -11.82 -12.47 -8.30
N VAL A 2 -11.62 -13.21 -7.22
CA VAL A 2 -10.31 -13.38 -6.58
C VAL A 2 -9.88 -12.09 -5.85
N LYS A 3 -10.80 -11.14 -5.76
CA LYS A 3 -10.53 -9.89 -5.07
C LYS A 3 -10.92 -9.97 -3.60
N ASP A 4 -10.13 -9.32 -2.75
CA ASP A 4 -10.38 -9.28 -1.31
C ASP A 4 -10.17 -7.87 -0.80
N LYS A 5 -10.67 -7.59 0.40
CA LYS A 5 -10.57 -6.24 0.97
C LYS A 5 -9.13 -5.82 1.16
N GLN A 6 -8.32 -6.71 1.74
CA GLN A 6 -6.90 -6.44 1.97
C GLN A 6 -6.21 -6.10 0.66
N LYS A 7 -6.52 -6.88 -0.37
CA LYS A 7 -5.95 -6.66 -1.70
C LYS A 7 -6.35 -5.30 -2.25
N ALA A 8 -7.61 -4.93 -2.03
CA ALA A 8 -8.12 -3.65 -2.49
C ALA A 8 -7.43 -2.49 -1.79
N ILE A 9 -7.33 -2.58 -0.46
CA ILE A 9 -6.71 -1.53 0.34
C ILE A 9 -5.25 -1.32 -0.07
N PHE A 10 -4.51 -2.42 -0.16
CA PHE A 10 -3.10 -2.37 -0.52
C PHE A 10 -2.91 -1.75 -1.90
N SER A 11 -3.68 -2.20 -2.87
CA SER A 11 -3.57 -1.71 -4.24
C SER A 11 -3.98 -0.25 -4.32
N GLU A 12 -5.07 0.12 -3.64
CA GLU A 12 -5.54 1.48 -3.65
C GLU A 12 -4.48 2.46 -3.17
N ASN A 13 -3.81 2.11 -2.09
CA ASN A 13 -2.73 2.95 -1.56
C ASN A 13 -1.56 2.98 -2.54
N LEU A 14 -1.03 1.79 -2.84
CA LEU A 14 0.15 1.66 -3.69
C LEU A 14 -0.05 2.37 -5.03
N ASN A 15 -1.21 2.13 -5.64
CA ASN A 15 -1.51 2.66 -6.96
C ASN A 15 -1.57 4.19 -6.94
N SER A 16 -2.19 4.75 -5.90
CA SER A 16 -2.36 6.19 -5.81
C SER A 16 -1.02 6.92 -5.67
N TYR A 17 -0.07 6.32 -4.95
CA TYR A 17 1.24 6.93 -4.78
C TYR A 17 2.01 6.87 -6.10
N ILE A 18 2.03 5.69 -6.69
CA ILE A 18 2.74 5.46 -7.94
C ILE A 18 2.17 6.29 -9.09
N ALA A 19 0.84 6.27 -9.21
CA ALA A 19 0.17 6.97 -10.30
C ALA A 19 0.17 8.48 -10.08
N LYS A 20 0.57 8.93 -8.90
CA LYS A 20 0.70 10.36 -8.64
C LYS A 20 1.93 10.88 -9.36
N SER A 21 2.94 10.04 -9.42
CA SER A 21 4.18 10.38 -10.10
C SER A 21 4.04 10.15 -11.61
N GLU A 22 5.01 10.60 -12.38
CA GLU A 22 4.96 10.47 -13.82
C GLU A 22 5.85 9.31 -14.28
N LYS A 23 6.18 8.43 -13.35
CA LYS A 23 7.03 7.29 -13.64
C LYS A 23 6.20 6.10 -14.07
N THR A 24 6.83 5.16 -14.76
CA THR A 24 6.15 3.97 -15.24
C THR A 24 6.33 2.81 -14.27
N GLN A 25 5.37 1.89 -14.28
CA GLN A 25 5.48 0.68 -13.46
C GLN A 25 6.75 -0.08 -13.84
N LEU A 26 7.01 -0.12 -15.13
CA LEU A 26 8.18 -0.81 -15.68
C LEU A 26 9.47 -0.28 -15.07
N GLU A 27 9.60 1.04 -14.98
CA GLU A 27 10.80 1.67 -14.43
C GLU A 27 10.96 1.32 -12.95
N ILE A 28 9.87 1.39 -12.20
CA ILE A 28 9.90 1.08 -10.78
C ILE A 28 10.19 -0.41 -10.55
N ALA A 29 9.61 -1.24 -11.40
CA ALA A 29 9.81 -2.69 -11.30
C ALA A 29 11.29 -3.04 -11.47
N LYS A 30 11.94 -2.40 -12.44
CA LYS A 30 13.38 -2.61 -12.67
C LYS A 30 14.20 -2.21 -11.45
N SER A 31 13.73 -1.17 -10.76
CA SER A 31 14.43 -0.66 -9.59
C SER A 31 14.33 -1.66 -8.42
N ILE A 32 13.22 -2.39 -8.38
CA ILE A 32 12.99 -3.37 -7.33
C ILE A 32 13.66 -4.69 -7.69
N GLY A 33 13.50 -5.11 -8.93
CA GLY A 33 14.07 -6.38 -9.37
C GLY A 33 13.02 -7.28 -9.97
N VAL A 34 11.76 -6.93 -9.76
CA VAL A 34 10.65 -7.74 -10.25
C VAL A 34 10.26 -7.34 -11.67
N SER A 35 9.46 -8.18 -12.31
CA SER A 35 8.98 -7.89 -13.64
C SER A 35 7.64 -7.17 -13.57
N PRO A 36 7.35 -6.31 -14.55
CA PRO A 36 6.06 -5.59 -14.64
C PRO A 36 4.86 -6.54 -14.56
N GLN A 37 5.04 -7.78 -14.99
CA GLN A 37 4.01 -8.81 -14.84
C GLN A 37 3.64 -8.98 -13.37
N THR A 38 4.65 -9.09 -12.52
CA THR A 38 4.44 -9.24 -11.10
C THR A 38 3.92 -7.93 -10.50
N PHE A 39 4.49 -6.83 -10.97
CA PHE A 39 4.12 -5.50 -10.51
C PHE A 39 2.65 -5.22 -10.82
N ASN A 40 2.20 -5.74 -11.95
CA ASN A 40 0.81 -5.57 -12.38
C ASN A 40 -0.16 -6.19 -11.39
N THR A 41 0.15 -7.37 -10.88
CA THR A 41 -0.73 -8.04 -9.93
C THR A 41 -0.80 -7.29 -8.61
N TRP A 42 0.21 -6.49 -8.34
CA TRP A 42 0.21 -5.64 -7.15
C TRP A 42 -0.65 -4.40 -7.40
N CYS A 43 -0.46 -3.80 -8.57
CA CYS A 43 -1.17 -2.58 -8.95
C CYS A 43 -2.66 -2.84 -9.13
N LYS A 44 -2.99 -4.02 -9.66
CA LYS A 44 -4.38 -4.40 -9.86
C LYS A 44 -4.97 -5.03 -8.60
N GLY A 45 -4.17 -5.10 -7.54
CA GLY A 45 -4.64 -5.67 -6.28
C GLY A 45 -5.08 -7.12 -6.41
N ILE A 46 -4.24 -7.92 -7.03
CA ILE A 46 -4.52 -9.34 -7.19
C ILE A 46 -3.67 -10.16 -6.21
N ALA A 47 -2.44 -9.73 -6.02
CA ALA A 47 -1.51 -10.42 -5.14
C ALA A 47 -0.73 -9.42 -4.30
N ILE A 48 -0.22 -9.87 -3.16
CA ILE A 48 0.55 -9.02 -2.27
C ILE A 48 1.91 -9.63 -2.00
N PRO A 49 2.98 -8.85 -2.18
CA PRO A 49 4.36 -9.29 -1.95
C PRO A 49 4.67 -9.43 -0.46
N ARG A 50 5.71 -10.21 -0.17
CA ARG A 50 6.12 -10.44 1.21
C ARG A 50 7.25 -9.49 1.61
N MET A 51 7.69 -9.61 2.86
CA MET A 51 8.64 -8.66 3.47
C MET A 51 9.86 -8.43 2.59
N GLY A 52 10.38 -9.51 2.01
CA GLY A 52 11.56 -9.41 1.17
C GLY A 52 11.43 -8.37 0.06
N LYS A 53 10.23 -8.22 -0.49
CA LYS A 53 10.01 -7.26 -1.56
C LYS A 53 9.38 -5.98 -1.03
N VAL A 54 8.63 -6.10 0.07
CA VAL A 54 8.03 -4.93 0.71
C VAL A 54 9.09 -3.95 1.20
N GLN A 55 10.18 -4.50 1.73
CA GLN A 55 11.29 -3.69 2.22
C GLN A 55 11.93 -2.88 1.09
N ALA A 56 11.93 -3.44 -0.11
CA ALA A 56 12.46 -2.76 -1.28
C ALA A 56 11.54 -1.61 -1.69
N LEU A 57 10.24 -1.88 -1.69
CA LEU A 57 9.24 -0.86 -2.03
C LEU A 57 9.25 0.26 -1.01
N ALA A 58 9.28 -0.10 0.27
CA ALA A 58 9.26 0.88 1.35
C ALA A 58 10.53 1.71 1.35
N ASP A 59 11.62 1.14 0.86
CA ASP A 59 12.89 1.86 0.79
C ASP A 59 12.92 2.82 -0.39
N TYR A 60 12.32 2.37 -1.49
CA TYR A 60 12.31 3.12 -2.74
C TYR A 60 11.57 4.45 -2.59
N PHE A 61 10.51 4.45 -1.80
CA PHE A 61 9.74 5.66 -1.54
C PHE A 61 10.09 6.23 -0.17
N ASN A 62 10.88 5.47 0.59
CA ASN A 62 11.22 5.78 1.98
C ASN A 62 9.95 6.05 2.79
N ILE A 63 9.22 4.99 3.05
CA ILE A 63 7.98 5.06 3.80
C ILE A 63 7.90 3.91 4.80
N ASN A 64 6.81 3.85 5.55
CA ASN A 64 6.60 2.77 6.50
C ASN A 64 5.75 1.70 5.84
N LYS A 65 5.86 0.47 6.30
CA LYS A 65 5.07 -0.62 5.74
C LYS A 65 3.58 -0.33 5.89
N SER A 66 3.24 0.35 6.98
CA SER A 66 1.86 0.69 7.28
C SER A 66 1.28 1.67 6.26
N ASP A 67 2.15 2.48 5.65
CA ASP A 67 1.71 3.51 4.69
C ASP A 67 1.03 2.87 3.48
N LEU A 68 1.37 1.61 3.21
CA LEU A 68 0.77 0.88 2.11
C LEU A 68 -0.40 0.02 2.59
N ILE A 69 -0.43 -0.26 3.89
CA ILE A 69 -1.37 -1.23 4.44
C ILE A 69 -2.62 -0.55 5.03
N GLU A 70 -2.47 0.66 5.55
CA GLU A 70 -3.54 1.32 6.28
C GLU A 70 -4.76 1.59 5.41
N ASP A 71 -5.93 1.56 6.03
CA ASP A 71 -7.17 1.90 5.36
C ASP A 71 -7.33 3.41 5.36
N LYS A 72 -7.20 4.01 4.19
CA LYS A 72 -7.21 5.47 4.08
C LYS A 72 -8.63 6.01 3.98
N LYS A 73 -9.61 5.17 4.31
CA LYS A 73 -11.00 5.56 4.27
C LYS A 73 -11.51 5.85 5.67
N LEU A 74 -10.58 6.11 6.58
CA LEU A 74 -10.91 6.50 7.93
C LEU A 74 -11.34 7.96 7.95
N ASN A 75 -12.58 8.20 7.57
CA ASN A 75 -13.14 9.54 7.50
C ASN A 75 -13.10 10.23 8.86
N ILE A 76 -12.29 11.27 8.93
CA ILE A 76 -12.18 12.11 10.12
C ILE A 76 -13.52 12.83 10.35
N ASP A 77 -13.76 13.25 11.59
CA ASP A 77 -14.99 13.95 11.94
C ASP A 77 -15.04 15.33 11.32
N THR A 78 -15.39 15.35 10.06
CA THR A 78 -15.60 16.59 9.33
C THR A 78 -17.10 16.76 9.06
N VAL A 79 -17.54 18.00 8.82
CA VAL A 79 -18.94 18.27 8.53
C VAL A 79 -19.14 18.56 7.04
N PRO A 80 -19.39 17.53 6.22
CA PRO A 80 -19.59 17.69 4.78
C PRO A 80 -20.92 18.33 4.46
N ILE A 81 -20.91 19.30 3.55
CA ILE A 81 -22.12 19.98 3.15
C ILE A 81 -22.73 19.30 1.92
N GLU A 82 -24.05 19.08 1.99
CA GLU A 82 -24.80 18.40 0.93
C GLU A 82 -24.36 16.94 0.83
N SER A 83 -24.93 16.20 -0.14
CA SER A 83 -24.60 14.80 -0.37
C SER A 83 -25.13 13.91 0.76
N GLY A 84 -24.80 12.62 0.70
CA GLY A 84 -25.28 11.70 1.71
C GLY A 84 -24.16 11.23 2.62
N TYR A 85 -24.52 10.78 3.82
CA TYR A 85 -23.54 10.34 4.81
C TYR A 85 -23.64 8.83 5.05
N THR A 86 -22.50 8.15 4.96
CA THR A 86 -22.46 6.72 5.18
C THR A 86 -22.14 6.38 6.63
N LEU A 87 -23.04 5.68 7.29
CA LEU A 87 -22.84 5.28 8.68
C LEU A 87 -22.18 3.91 8.73
N GLU A 88 -20.91 3.87 9.11
CA GLU A 88 -20.20 2.61 9.25
C GLU A 88 -20.40 2.05 10.66
N HIS A 89 -19.77 0.92 10.94
CA HIS A 89 -19.95 0.28 12.23
C HIS A 89 -18.64 -0.33 12.72
N HIS A 90 -18.34 -0.13 14.00
CA HIS A 90 -17.15 -0.71 14.61
C HIS A 90 -17.51 -2.04 15.25
N HIS A 91 -16.85 -3.11 14.82
CA HIS A 91 -17.16 -4.43 15.35
C HIS A 91 -16.43 -4.69 16.67
N HIS A 92 -17.08 -5.43 17.56
CA HIS A 92 -16.47 -5.81 18.83
C HIS A 92 -15.25 -6.70 18.58
N HIS A 93 -14.20 -6.51 19.38
CA HIS A 93 -12.95 -7.28 19.22
C HIS A 93 -13.25 -8.78 19.17
N HIS A 94 -13.81 -9.28 20.26
CA HIS A 94 -14.30 -10.65 20.32
C HIS A 94 -15.56 -10.67 21.16
N MET A 1 -17.52 -8.73 -5.91
CA MET A 1 -17.30 -9.47 -4.64
C MET A 1 -15.85 -9.30 -4.17
N VAL A 2 -15.67 -8.69 -3.00
CA VAL A 2 -14.34 -8.48 -2.47
C VAL A 2 -13.93 -9.67 -1.58
N LYS A 3 -13.02 -10.48 -2.11
CA LYS A 3 -12.54 -11.65 -1.37
C LYS A 3 -11.34 -11.27 -0.50
N ASP A 4 -10.59 -10.28 -0.95
CA ASP A 4 -9.42 -9.81 -0.22
C ASP A 4 -9.55 -8.34 0.11
N LYS A 5 -9.97 -8.05 1.33
CA LYS A 5 -10.15 -6.68 1.77
C LYS A 5 -8.81 -5.96 1.87
N GLN A 6 -7.87 -6.60 2.57
CA GLN A 6 -6.58 -6.00 2.83
C GLN A 6 -5.77 -5.84 1.54
N LYS A 7 -5.98 -6.75 0.59
CA LYS A 7 -5.25 -6.70 -0.67
C LYS A 7 -5.74 -5.53 -1.53
N ALA A 8 -7.05 -5.31 -1.52
CA ALA A 8 -7.64 -4.21 -2.27
C ALA A 8 -7.17 -2.87 -1.71
N ILE A 9 -7.07 -2.79 -0.39
CA ILE A 9 -6.56 -1.58 0.26
C ILE A 9 -5.08 -1.40 -0.05
N PHE A 10 -4.30 -2.47 0.15
CA PHE A 10 -2.86 -2.45 -0.11
C PHE A 10 -2.57 -2.04 -1.55
N SER A 11 -3.29 -2.65 -2.48
CA SER A 11 -3.10 -2.39 -3.90
C SER A 11 -3.40 -0.93 -4.22
N GLU A 12 -4.55 -0.43 -3.76
CA GLU A 12 -4.94 0.94 -4.06
C GLU A 12 -3.99 1.93 -3.41
N ASN A 13 -3.54 1.63 -2.19
CA ASN A 13 -2.58 2.48 -1.49
C ASN A 13 -1.31 2.63 -2.31
N LEU A 14 -0.73 1.50 -2.71
CA LEU A 14 0.51 1.50 -3.48
C LEU A 14 0.30 2.15 -4.84
N ASN A 15 -0.76 1.74 -5.53
CA ASN A 15 -1.03 2.18 -6.89
C ASN A 15 -1.27 3.69 -6.94
N SER A 16 -1.89 4.24 -5.90
CA SER A 16 -2.14 5.68 -5.84
C SER A 16 -0.82 6.46 -5.78
N TYR A 17 0.15 5.94 -5.02
CA TYR A 17 1.45 6.59 -4.91
C TYR A 17 2.19 6.53 -6.23
N ILE A 18 2.03 5.42 -6.95
CA ILE A 18 2.65 5.24 -8.25
C ILE A 18 2.06 6.24 -9.25
N ALA A 19 0.74 6.37 -9.25
CA ALA A 19 0.04 7.27 -10.16
C ALA A 19 0.32 8.73 -9.80
N LYS A 20 0.52 8.99 -8.52
CA LYS A 20 0.81 10.34 -8.05
C LYS A 20 2.26 10.71 -8.35
N SER A 21 3.12 9.71 -8.30
CA SER A 21 4.53 9.88 -8.64
C SER A 21 4.70 10.05 -10.15
N GLU A 22 5.87 10.52 -10.57
CA GLU A 22 6.15 10.68 -11.99
C GLU A 22 6.58 9.36 -12.61
N LYS A 23 7.24 8.54 -11.81
CA LYS A 23 7.83 7.30 -12.30
C LYS A 23 6.74 6.28 -12.66
N THR A 24 7.04 5.45 -13.65
CA THR A 24 6.07 4.47 -14.13
C THR A 24 6.19 3.16 -13.36
N GLN A 25 5.18 2.32 -13.52
CA GLN A 25 5.18 0.98 -12.96
C GLN A 25 6.43 0.23 -13.38
N LEU A 26 6.81 0.42 -14.64
CA LEU A 26 7.95 -0.27 -15.23
C LEU A 26 9.25 0.22 -14.62
N GLU A 27 9.37 1.54 -14.43
CA GLU A 27 10.54 2.14 -13.83
C GLU A 27 10.81 1.57 -12.44
N ILE A 28 9.75 1.45 -11.66
CA ILE A 28 9.87 0.92 -10.30
C ILE A 28 10.29 -0.54 -10.33
N ALA A 29 9.65 -1.33 -11.20
CA ALA A 29 9.97 -2.75 -11.32
C ALA A 29 11.44 -2.97 -11.65
N LYS A 30 11.97 -2.13 -12.53
CA LYS A 30 13.37 -2.19 -12.92
C LYS A 30 14.30 -2.01 -11.72
N SER A 31 13.97 -1.03 -10.88
CA SER A 31 14.81 -0.70 -9.74
C SER A 31 14.65 -1.73 -8.60
N ILE A 32 13.45 -2.31 -8.49
CA ILE A 32 13.19 -3.32 -7.47
C ILE A 32 13.90 -4.62 -7.84
N GLY A 33 13.81 -5.02 -9.10
CA GLY A 33 14.44 -6.23 -9.53
C GLY A 33 13.42 -7.30 -9.88
N VAL A 34 12.19 -6.89 -10.12
CA VAL A 34 11.12 -7.80 -10.45
C VAL A 34 10.61 -7.56 -11.87
N SER A 35 9.97 -8.55 -12.43
CA SER A 35 9.43 -8.42 -13.78
C SER A 35 8.15 -7.57 -13.75
N PRO A 36 7.93 -6.74 -14.79
CA PRO A 36 6.76 -5.87 -14.87
C PRO A 36 5.44 -6.63 -14.82
N GLN A 37 5.44 -7.87 -15.31
CA GLN A 37 4.25 -8.72 -15.24
C GLN A 37 3.88 -9.03 -13.80
N THR A 38 4.89 -9.19 -12.96
CA THR A 38 4.67 -9.48 -11.54
C THR A 38 4.23 -8.21 -10.84
N PHE A 39 4.82 -7.09 -11.24
CA PHE A 39 4.44 -5.79 -10.71
C PHE A 39 2.99 -5.47 -11.09
N ASN A 40 2.61 -5.89 -12.28
CA ASN A 40 1.26 -5.68 -12.78
C ASN A 40 0.22 -6.34 -11.88
N THR A 41 0.48 -7.57 -11.46
CA THR A 41 -0.46 -8.29 -10.62
C THR A 41 -0.63 -7.62 -9.26
N TRP A 42 0.36 -6.83 -8.86
CA TRP A 42 0.27 -6.06 -7.62
C TRP A 42 -0.64 -4.84 -7.84
N CYS A 43 -0.43 -4.19 -8.97
CA CYS A 43 -1.21 -3.01 -9.35
C CYS A 43 -2.67 -3.36 -9.63
N LYS A 44 -2.89 -4.57 -10.14
CA LYS A 44 -4.23 -5.04 -10.45
C LYS A 44 -4.91 -5.62 -9.21
N GLY A 45 -4.20 -5.60 -8.09
CA GLY A 45 -4.76 -6.11 -6.85
C GLY A 45 -5.01 -7.61 -6.88
N ILE A 46 -4.19 -8.32 -7.64
CA ILE A 46 -4.36 -9.76 -7.79
C ILE A 46 -3.58 -10.50 -6.71
N ALA A 47 -2.36 -10.05 -6.45
CA ALA A 47 -1.50 -10.72 -5.47
C ALA A 47 -0.68 -9.71 -4.68
N ILE A 48 -0.30 -10.11 -3.47
CA ILE A 48 0.56 -9.28 -2.63
C ILE A 48 1.95 -9.91 -2.54
N PRO A 49 3.00 -9.13 -2.81
CA PRO A 49 4.39 -9.62 -2.75
C PRO A 49 4.80 -10.02 -1.35
N ARG A 50 5.83 -10.84 -1.25
CA ARG A 50 6.35 -11.25 0.04
C ARG A 50 6.89 -10.03 0.80
N MET A 51 6.95 -10.13 2.12
CA MET A 51 7.35 -9.00 2.98
C MET A 51 8.65 -8.35 2.52
N GLY A 52 9.61 -9.18 2.09
CA GLY A 52 10.88 -8.66 1.62
C GLY A 52 10.75 -7.73 0.42
N LYS A 53 9.72 -7.97 -0.39
CA LYS A 53 9.50 -7.16 -1.58
C LYS A 53 8.69 -5.92 -1.22
N VAL A 54 7.77 -6.06 -0.27
CA VAL A 54 6.99 -4.94 0.22
C VAL A 54 7.93 -3.88 0.82
N GLN A 55 8.92 -4.37 1.56
CA GLN A 55 9.92 -3.51 2.16
C GLN A 55 10.69 -2.75 1.08
N ALA A 56 10.98 -3.44 -0.02
CA ALA A 56 11.71 -2.84 -1.14
C ALA A 56 10.88 -1.74 -1.79
N LEU A 57 9.58 -1.99 -1.94
CA LEU A 57 8.68 -1.01 -2.52
C LEU A 57 8.62 0.25 -1.66
N ALA A 58 8.38 0.06 -0.36
CA ALA A 58 8.32 1.17 0.57
C ALA A 58 9.65 1.89 0.64
N ASP A 59 10.73 1.13 0.51
CA ASP A 59 12.09 1.67 0.53
C ASP A 59 12.35 2.57 -0.67
N TYR A 60 11.88 2.13 -1.84
CA TYR A 60 12.08 2.88 -3.07
C TYR A 60 11.35 4.22 -3.01
N PHE A 61 10.18 4.24 -2.38
CA PHE A 61 9.42 5.46 -2.23
C PHE A 61 9.90 6.24 -1.00
N ASN A 62 10.71 5.57 -0.17
CA ASN A 62 11.22 6.13 1.07
C ASN A 62 10.06 6.45 2.02
N ILE A 63 9.03 5.63 1.96
CA ILE A 63 7.85 5.79 2.79
C ILE A 63 7.76 4.67 3.81
N ASN A 64 6.66 4.61 4.55
CA ASN A 64 6.45 3.52 5.49
C ASN A 64 5.67 2.41 4.82
N LYS A 65 5.95 1.17 5.20
CA LYS A 65 5.21 0.03 4.66
C LYS A 65 3.78 0.07 5.18
N SER A 66 3.63 0.63 6.37
CA SER A 66 2.31 0.79 6.99
C SER A 66 1.38 1.63 6.13
N ASP A 67 1.96 2.60 5.40
CA ASP A 67 1.17 3.48 4.53
C ASP A 67 0.43 2.70 3.44
N LEU A 68 0.96 1.52 3.12
CA LEU A 68 0.36 0.67 2.13
C LEU A 68 -0.62 -0.30 2.78
N ILE A 69 -0.44 -0.51 4.08
CA ILE A 69 -1.21 -1.51 4.81
C ILE A 69 -2.50 -0.93 5.41
N GLU A 70 -2.38 0.20 6.10
CA GLU A 70 -3.51 0.75 6.82
C GLU A 70 -4.52 1.41 5.90
N ASP A 71 -5.77 1.41 6.33
CA ASP A 71 -6.86 1.99 5.56
C ASP A 71 -6.75 3.50 5.52
N LYS A 72 -6.88 4.07 4.33
CA LYS A 72 -6.63 5.49 4.13
C LYS A 72 -7.94 6.28 4.12
N LYS A 73 -9.05 5.62 4.42
CA LYS A 73 -10.36 6.24 4.41
C LYS A 73 -10.67 6.85 5.78
N LEU A 74 -9.63 7.30 6.45
CA LEU A 74 -9.77 7.93 7.75
C LEU A 74 -10.23 9.39 7.59
N ASN A 75 -11.50 9.54 7.23
CA ASN A 75 -12.13 10.84 7.12
C ASN A 75 -13.62 10.67 7.32
N ILE A 76 -14.26 11.65 7.95
CA ILE A 76 -15.66 11.52 8.36
C ILE A 76 -16.60 11.40 7.17
N ASP A 77 -17.46 10.39 7.25
CA ASP A 77 -18.51 10.14 6.26
C ASP A 77 -19.49 9.15 6.84
N THR A 78 -20.71 9.60 7.09
CA THR A 78 -21.71 8.74 7.68
C THR A 78 -22.27 7.77 6.65
N VAL A 79 -22.50 6.53 7.06
CA VAL A 79 -22.94 5.50 6.14
C VAL A 79 -24.20 4.82 6.63
N PRO A 80 -25.38 5.36 6.29
CA PRO A 80 -26.67 4.74 6.59
C PRO A 80 -26.79 3.39 5.88
N ILE A 81 -26.72 2.31 6.65
CA ILE A 81 -26.74 0.97 6.09
C ILE A 81 -28.15 0.57 5.68
N GLU A 82 -28.28 0.06 4.48
CA GLU A 82 -29.54 -0.48 4.02
C GLU A 82 -29.67 -1.93 4.44
N SER A 83 -30.17 -2.14 5.64
CA SER A 83 -30.25 -3.47 6.21
C SER A 83 -31.41 -4.25 5.59
N GLY A 84 -31.10 -5.39 5.01
CA GLY A 84 -32.11 -6.26 4.45
C GLY A 84 -32.34 -7.48 5.31
N TYR A 85 -31.44 -8.45 5.20
CA TYR A 85 -31.55 -9.68 5.98
C TYR A 85 -30.18 -10.30 6.21
N THR A 86 -30.08 -11.09 7.28
CA THR A 86 -28.83 -11.74 7.64
C THR A 86 -28.94 -13.26 7.46
N LEU A 87 -28.16 -13.80 6.54
CA LEU A 87 -28.23 -15.23 6.24
C LEU A 87 -27.30 -16.04 7.14
N GLU A 88 -27.82 -17.13 7.67
CA GLU A 88 -27.04 -18.06 8.47
C GLU A 88 -26.04 -18.80 7.58
N HIS A 89 -24.83 -18.96 8.07
CA HIS A 89 -23.74 -19.46 7.24
C HIS A 89 -23.52 -20.95 7.40
N HIS A 90 -24.29 -21.75 6.65
CA HIS A 90 -24.05 -23.19 6.51
C HIS A 90 -23.98 -23.90 7.88
N HIS A 91 -25.14 -24.33 8.38
CA HIS A 91 -25.23 -24.89 9.73
C HIS A 91 -25.04 -26.40 9.77
N HIS A 92 -25.52 -27.10 8.75
CA HIS A 92 -25.61 -28.57 8.78
C HIS A 92 -26.51 -29.01 9.93
N HIS A 93 -25.94 -29.18 11.12
CA HIS A 93 -26.75 -29.45 12.30
C HIS A 93 -26.15 -28.77 13.53
N HIS A 94 -25.37 -27.72 13.31
CA HIS A 94 -24.94 -26.84 14.38
C HIS A 94 -24.74 -25.41 13.85
N MET A 1 -10.25 -7.56 -10.56
CA MET A 1 -10.85 -8.63 -9.73
C MET A 1 -10.26 -8.64 -8.33
N VAL A 2 -11.04 -8.17 -7.37
CA VAL A 2 -10.61 -8.13 -5.98
C VAL A 2 -11.45 -9.09 -5.14
N LYS A 3 -10.78 -9.94 -4.38
CA LYS A 3 -11.47 -10.97 -3.60
C LYS A 3 -11.56 -10.58 -2.12
N ASP A 4 -10.73 -9.63 -1.71
CA ASP A 4 -10.64 -9.25 -0.31
C ASP A 4 -10.27 -7.78 -0.18
N LYS A 5 -10.77 -7.12 0.88
CA LYS A 5 -10.53 -5.69 1.08
C LYS A 5 -9.06 -5.39 1.23
N GLN A 6 -8.33 -6.19 1.99
CA GLN A 6 -6.92 -5.93 2.26
C GLN A 6 -6.12 -5.98 0.96
N LYS A 7 -6.50 -6.87 0.06
CA LYS A 7 -5.83 -6.98 -1.23
C LYS A 7 -6.17 -5.77 -2.12
N ALA A 8 -7.40 -5.28 -1.99
CA ALA A 8 -7.85 -4.11 -2.74
C ALA A 8 -7.26 -2.83 -2.19
N ILE A 9 -7.24 -2.71 -0.86
CA ILE A 9 -6.67 -1.54 -0.21
C ILE A 9 -5.19 -1.41 -0.54
N PHE A 10 -4.48 -2.54 -0.52
CA PHE A 10 -3.06 -2.55 -0.83
C PHE A 10 -2.80 -2.04 -2.25
N SER A 11 -3.56 -2.57 -3.21
CA SER A 11 -3.39 -2.20 -4.60
C SER A 11 -3.81 -0.75 -4.84
N GLU A 12 -4.88 -0.31 -4.18
CA GLU A 12 -5.32 1.07 -4.28
C GLU A 12 -4.29 2.01 -3.67
N ASN A 13 -3.74 1.61 -2.51
CA ASN A 13 -2.67 2.37 -1.86
C ASN A 13 -1.48 2.50 -2.79
N LEU A 14 -1.04 1.37 -3.33
CA LEU A 14 0.09 1.33 -4.24
C LEU A 14 -0.14 2.29 -5.40
N ASN A 15 -1.33 2.22 -5.99
CA ASN A 15 -1.70 3.09 -7.10
C ASN A 15 -1.61 4.56 -6.70
N SER A 16 -1.98 4.88 -5.46
CA SER A 16 -1.98 6.25 -4.98
C SER A 16 -0.61 6.90 -5.18
N TYR A 17 0.43 6.23 -4.69
CA TYR A 17 1.77 6.79 -4.67
C TYR A 17 2.40 6.74 -6.05
N ILE A 18 2.05 5.73 -6.82
CA ILE A 18 2.59 5.57 -8.17
C ILE A 18 1.97 6.59 -9.12
N ALA A 19 0.65 6.74 -9.04
CA ALA A 19 -0.06 7.69 -9.90
C ALA A 19 0.24 9.13 -9.49
N LYS A 20 0.66 9.31 -8.24
CA LYS A 20 1.03 10.63 -7.75
C LYS A 20 2.45 10.96 -8.21
N SER A 21 3.32 9.96 -8.18
CA SER A 21 4.70 10.12 -8.61
C SER A 21 4.77 10.20 -10.15
N GLU A 22 5.96 10.47 -10.65
CA GLU A 22 6.15 10.68 -12.09
C GLU A 22 6.78 9.47 -12.76
N LYS A 23 7.46 8.64 -11.97
CA LYS A 23 8.21 7.53 -12.52
C LYS A 23 7.26 6.37 -12.88
N THR A 24 7.59 5.67 -13.95
CA THR A 24 6.75 4.59 -14.45
C THR A 24 6.82 3.35 -13.57
N GLN A 25 5.79 2.52 -13.66
CA GLN A 25 5.74 1.27 -12.94
C GLN A 25 6.87 0.35 -13.40
N LEU A 26 7.13 0.40 -14.69
CA LEU A 26 8.23 -0.34 -15.30
C LEU A 26 9.55 0.07 -14.66
N GLU A 27 9.77 1.37 -14.53
CA GLU A 27 10.96 1.91 -13.89
C GLU A 27 11.10 1.41 -12.45
N ILE A 28 10.00 1.46 -11.72
CA ILE A 28 9.97 0.99 -10.34
C ILE A 28 10.35 -0.49 -10.28
N ALA A 29 9.66 -1.30 -11.07
CA ALA A 29 9.87 -2.75 -11.09
C ALA A 29 11.31 -3.10 -11.44
N LYS A 30 11.90 -2.36 -12.37
CA LYS A 30 13.26 -2.60 -12.79
C LYS A 30 14.23 -2.39 -11.62
N SER A 31 14.03 -1.30 -10.88
CA SER A 31 14.90 -0.99 -9.76
C SER A 31 14.61 -1.89 -8.56
N ILE A 32 13.41 -2.47 -8.52
CA ILE A 32 13.08 -3.46 -7.50
C ILE A 32 13.80 -4.76 -7.80
N GLY A 33 13.80 -5.15 -9.07
CA GLY A 33 14.47 -6.37 -9.48
C GLY A 33 13.50 -7.43 -9.95
N VAL A 34 12.39 -6.97 -10.54
CA VAL A 34 11.37 -7.87 -11.05
C VAL A 34 10.89 -7.41 -12.42
N SER A 35 10.02 -8.20 -13.03
CA SER A 35 9.40 -7.83 -14.28
C SER A 35 8.11 -7.05 -14.01
N PRO A 36 7.72 -6.14 -14.92
CA PRO A 36 6.48 -5.37 -14.80
C PRO A 36 5.25 -6.28 -14.72
N GLN A 37 5.38 -7.49 -15.25
CA GLN A 37 4.33 -8.51 -15.16
C GLN A 37 4.00 -8.77 -13.70
N THR A 38 5.03 -8.97 -12.88
CA THR A 38 4.84 -9.28 -11.47
C THR A 38 4.33 -8.05 -10.74
N PHE A 39 4.73 -6.89 -11.22
CA PHE A 39 4.31 -5.62 -10.65
C PHE A 39 2.82 -5.39 -10.93
N ASN A 40 2.38 -5.81 -12.12
CA ASN A 40 1.00 -5.64 -12.53
C ASN A 40 0.07 -6.52 -11.70
N THR A 41 0.50 -7.73 -11.39
CA THR A 41 -0.29 -8.63 -10.56
C THR A 41 -0.43 -8.08 -9.15
N TRP A 42 0.52 -7.22 -8.74
CA TRP A 42 0.41 -6.52 -7.47
C TRP A 42 -0.56 -5.36 -7.59
N CYS A 43 -0.47 -4.66 -8.72
CA CYS A 43 -1.30 -3.49 -8.98
C CYS A 43 -2.77 -3.86 -9.09
N LYS A 44 -3.03 -5.09 -9.53
CA LYS A 44 -4.39 -5.60 -9.65
C LYS A 44 -4.84 -6.27 -8.36
N GLY A 45 -4.00 -6.23 -7.34
CA GLY A 45 -4.36 -6.82 -6.05
C GLY A 45 -4.58 -8.31 -6.13
N ILE A 46 -3.89 -8.97 -7.07
CA ILE A 46 -4.01 -10.40 -7.24
C ILE A 46 -3.23 -11.11 -6.14
N ALA A 47 -2.06 -10.59 -5.85
CA ALA A 47 -1.21 -11.14 -4.80
C ALA A 47 -0.45 -10.02 -4.10
N ILE A 48 -0.37 -10.10 -2.79
CA ILE A 48 0.42 -9.16 -2.02
C ILE A 48 1.82 -9.72 -1.82
N PRO A 49 2.83 -8.99 -2.29
CA PRO A 49 4.23 -9.44 -2.21
C PRO A 49 4.68 -9.65 -0.77
N ARG A 50 5.61 -10.57 -0.59
CA ARG A 50 6.10 -10.92 0.74
C ARG A 50 6.85 -9.74 1.35
N MET A 51 7.03 -9.75 2.67
CA MET A 51 7.57 -8.60 3.39
C MET A 51 8.95 -8.19 2.85
N GLY A 52 9.70 -9.15 2.33
CA GLY A 52 11.00 -8.85 1.77
C GLY A 52 10.92 -8.02 0.51
N LYS A 53 9.82 -8.15 -0.21
CA LYS A 53 9.61 -7.41 -1.45
C LYS A 53 8.98 -6.06 -1.13
N VAL A 54 8.15 -6.03 -0.10
CA VAL A 54 7.53 -4.79 0.35
C VAL A 54 8.59 -3.80 0.81
N GLN A 55 9.64 -4.33 1.44
CA GLN A 55 10.77 -3.51 1.88
C GLN A 55 11.39 -2.75 0.72
N ALA A 56 11.55 -3.43 -0.41
CA ALA A 56 12.12 -2.80 -1.60
C ALA A 56 11.22 -1.68 -2.11
N LEU A 57 9.92 -1.96 -2.17
CA LEU A 57 8.93 -0.97 -2.62
C LEU A 57 8.92 0.25 -1.69
N ALA A 58 8.83 -0.02 -0.39
CA ALA A 58 8.77 1.04 0.61
C ALA A 58 10.04 1.87 0.60
N ASP A 59 11.17 1.22 0.40
CA ASP A 59 12.47 1.89 0.40
C ASP A 59 12.60 2.80 -0.81
N TYR A 60 12.12 2.32 -1.94
CA TYR A 60 12.18 3.07 -3.20
C TYR A 60 11.46 4.40 -3.06
N PHE A 61 10.29 4.38 -2.42
CA PHE A 61 9.49 5.58 -2.26
C PHE A 61 9.89 6.34 -0.99
N ASN A 62 10.68 5.68 -0.14
CA ASN A 62 11.05 6.20 1.17
C ASN A 62 9.80 6.35 2.04
N ILE A 63 9.02 5.28 2.08
CA ILE A 63 7.81 5.22 2.89
C ILE A 63 7.86 4.00 3.81
N ASN A 64 6.80 3.77 4.55
CA ASN A 64 6.75 2.64 5.46
C ASN A 64 5.94 1.51 4.85
N LYS A 65 6.18 0.28 5.30
CA LYS A 65 5.45 -0.87 4.80
C LYS A 65 3.96 -0.73 5.13
N SER A 66 3.67 -0.06 6.24
CA SER A 66 2.30 0.13 6.69
C SER A 66 1.54 1.05 5.75
N ASP A 67 2.27 1.97 5.13
CA ASP A 67 1.69 2.98 4.25
C ASP A 67 1.04 2.34 3.02
N LEU A 68 1.52 1.15 2.68
CA LEU A 68 0.98 0.42 1.53
C LEU A 68 -0.12 -0.55 1.96
N ILE A 69 -0.02 -1.06 3.18
CA ILE A 69 -0.89 -2.13 3.64
C ILE A 69 -2.16 -1.60 4.29
N GLU A 70 -2.00 -0.67 5.23
CA GLU A 70 -3.12 -0.23 6.05
C GLU A 70 -4.12 0.64 5.30
N ASP A 71 -5.32 0.71 5.83
CA ASP A 71 -6.40 1.46 5.20
C ASP A 71 -6.16 2.96 5.30
N LYS A 72 -6.56 3.67 4.26
CA LYS A 72 -6.26 5.09 4.15
C LYS A 72 -7.46 5.92 4.60
N LYS A 73 -8.42 5.27 5.24
CA LYS A 73 -9.58 5.95 5.78
C LYS A 73 -9.27 6.52 7.16
N LEU A 74 -8.02 6.39 7.55
CA LEU A 74 -7.55 6.84 8.86
C LEU A 74 -7.34 8.36 8.89
N ASN A 75 -7.84 9.01 7.87
CA ASN A 75 -7.75 10.47 7.72
C ASN A 75 -6.33 10.91 7.40
N ILE A 76 -6.04 11.00 6.11
CA ILE A 76 -4.76 11.48 5.63
C ILE A 76 -4.97 12.79 4.87
N ASP A 77 -4.09 13.75 5.11
CA ASP A 77 -4.23 15.07 4.51
C ASP A 77 -3.67 15.07 3.10
N THR A 78 -4.52 14.74 2.16
CA THR A 78 -4.16 14.77 0.75
C THR A 78 -5.11 15.68 -0.02
N VAL A 79 -4.78 15.97 -1.27
CA VAL A 79 -5.63 16.83 -2.11
C VAL A 79 -6.21 16.05 -3.28
N PRO A 80 -7.36 15.40 -3.07
CA PRO A 80 -8.04 14.62 -4.10
C PRO A 80 -9.15 15.39 -4.82
N ILE A 81 -9.78 14.73 -5.78
CA ILE A 81 -10.91 15.32 -6.49
C ILE A 81 -12.06 14.31 -6.56
N GLU A 82 -13.26 14.78 -6.30
CA GLU A 82 -14.42 13.92 -6.28
C GLU A 82 -15.30 14.15 -7.51
N SER A 83 -15.49 13.09 -8.29
CA SER A 83 -16.33 13.15 -9.47
C SER A 83 -17.80 13.10 -9.07
N GLY A 84 -18.65 13.68 -9.89
CA GLY A 84 -20.08 13.73 -9.58
C GLY A 84 -20.90 12.88 -10.52
N TYR A 85 -20.73 13.11 -11.81
CA TYR A 85 -21.47 12.37 -12.83
C TYR A 85 -20.76 12.46 -14.17
N THR A 86 -21.26 11.72 -15.15
CA THR A 86 -20.70 11.75 -16.50
C THR A 86 -21.81 12.09 -17.50
N LEU A 87 -21.53 13.02 -18.41
CA LEU A 87 -22.55 13.48 -19.33
C LEU A 87 -22.25 13.07 -20.77
N GLU A 88 -23.15 12.29 -21.34
CA GLU A 88 -23.08 11.92 -22.75
C GLU A 88 -24.49 11.87 -23.32
N HIS A 89 -24.59 11.42 -24.57
CA HIS A 89 -25.87 11.28 -25.28
C HIS A 89 -26.77 12.50 -25.07
N HIS A 90 -26.46 13.55 -25.80
CA HIS A 90 -27.22 14.79 -25.71
C HIS A 90 -28.38 14.76 -26.69
N HIS A 91 -29.56 14.46 -26.16
CA HIS A 91 -30.75 14.30 -26.97
C HIS A 91 -31.46 15.64 -27.14
N HIS A 92 -31.83 15.96 -28.37
CA HIS A 92 -32.52 17.20 -28.64
C HIS A 92 -33.94 16.93 -29.13
N HIS A 93 -34.90 17.01 -28.23
CA HIS A 93 -36.30 16.86 -28.59
C HIS A 93 -37.14 17.82 -27.76
N HIS A 94 -37.21 19.05 -28.22
CA HIS A 94 -37.95 20.10 -27.53
C HIS A 94 -38.27 21.20 -28.51
N MET A 1 -12.97 -7.55 -10.08
CA MET A 1 -13.99 -7.91 -9.07
C MET A 1 -13.36 -7.86 -7.69
N VAL A 2 -14.19 -7.65 -6.68
CA VAL A 2 -13.67 -7.51 -5.32
C VAL A 2 -13.86 -8.80 -4.52
N LYS A 3 -12.82 -9.17 -3.79
CA LYS A 3 -12.86 -10.33 -2.90
C LYS A 3 -12.15 -10.00 -1.59
N ASP A 4 -10.83 -10.01 -1.63
CA ASP A 4 -10.02 -9.77 -0.45
C ASP A 4 -9.87 -8.27 -0.22
N LYS A 5 -10.36 -7.80 0.92
CA LYS A 5 -10.33 -6.38 1.25
C LYS A 5 -8.91 -5.88 1.52
N GLN A 6 -8.04 -6.75 2.02
CA GLN A 6 -6.67 -6.34 2.33
C GLN A 6 -5.90 -6.10 1.05
N LYS A 7 -6.16 -6.92 0.04
CA LYS A 7 -5.59 -6.72 -1.29
C LYS A 7 -5.98 -5.36 -1.83
N ALA A 8 -7.22 -4.97 -1.58
CA ALA A 8 -7.72 -3.66 -2.00
C ALA A 8 -6.99 -2.54 -1.28
N ILE A 9 -6.78 -2.72 0.02
CA ILE A 9 -6.04 -1.75 0.82
C ILE A 9 -4.61 -1.59 0.29
N PHE A 10 -3.93 -2.71 0.09
CA PHE A 10 -2.56 -2.72 -0.39
C PHE A 10 -2.47 -2.06 -1.77
N SER A 11 -3.27 -2.54 -2.71
CA SER A 11 -3.21 -2.08 -4.09
C SER A 11 -3.57 -0.60 -4.20
N GLU A 12 -4.63 -0.19 -3.52
CA GLU A 12 -5.09 1.19 -3.60
C GLU A 12 -4.02 2.16 -3.12
N ASN A 13 -3.42 1.85 -1.98
CA ASN A 13 -2.38 2.69 -1.41
C ASN A 13 -1.17 2.73 -2.34
N LEU A 14 -0.75 1.56 -2.81
CA LEU A 14 0.41 1.46 -3.70
C LEU A 14 0.14 2.18 -5.01
N ASN A 15 -1.03 1.92 -5.60
CA ASN A 15 -1.42 2.52 -6.87
C ASN A 15 -1.38 4.05 -6.77
N SER A 16 -1.85 4.56 -5.64
CA SER A 16 -1.86 6.00 -5.39
C SER A 16 -0.44 6.57 -5.46
N TYR A 17 0.50 5.90 -4.78
CA TYR A 17 1.89 6.34 -4.79
C TYR A 17 2.48 6.26 -6.19
N ILE A 18 2.25 5.14 -6.86
CA ILE A 18 2.79 4.93 -8.21
C ILE A 18 2.40 6.07 -9.15
N ALA A 19 1.10 6.36 -9.20
CA ALA A 19 0.58 7.40 -10.09
C ALA A 19 1.07 8.78 -9.68
N LYS A 20 1.10 9.03 -8.38
CA LYS A 20 1.48 10.35 -7.86
C LYS A 20 2.98 10.59 -7.91
N SER A 21 3.76 9.52 -8.01
CA SER A 21 5.19 9.64 -8.12
C SER A 21 5.59 9.90 -9.57
N GLU A 22 4.65 9.68 -10.48
CA GLU A 22 4.87 9.85 -11.92
C GLU A 22 6.03 8.95 -12.37
N LYS A 23 5.97 7.71 -11.94
CA LYS A 23 6.98 6.73 -12.29
C LYS A 23 6.30 5.52 -12.90
N THR A 24 6.90 4.98 -13.96
CA THR A 24 6.33 3.84 -14.65
C THR A 24 6.45 2.56 -13.82
N GLN A 25 5.50 1.65 -14.00
CA GLN A 25 5.51 0.37 -13.31
C GLN A 25 6.84 -0.34 -13.53
N LEU A 26 7.36 -0.22 -14.74
CA LEU A 26 8.62 -0.85 -15.11
C LEU A 26 9.77 -0.27 -14.28
N GLU A 27 9.83 1.05 -14.19
CA GLU A 27 10.89 1.74 -13.47
C GLU A 27 10.94 1.30 -12.00
N ILE A 28 9.77 1.25 -11.37
CA ILE A 28 9.68 0.84 -9.98
C ILE A 28 10.06 -0.63 -9.85
N ALA A 29 9.62 -1.44 -10.82
CA ALA A 29 9.93 -2.87 -10.83
C ALA A 29 11.45 -3.09 -10.88
N LYS A 30 12.14 -2.26 -11.65
CA LYS A 30 13.60 -2.32 -11.76
C LYS A 30 14.25 -2.10 -10.39
N SER A 31 13.70 -1.16 -9.65
CA SER A 31 14.23 -0.78 -8.35
C SER A 31 13.98 -1.90 -7.32
N ILE A 32 12.99 -2.72 -7.58
CA ILE A 32 12.68 -3.85 -6.72
C ILE A 32 13.49 -5.07 -7.14
N GLY A 33 13.54 -5.30 -8.45
CA GLY A 33 14.21 -6.47 -8.98
C GLY A 33 13.22 -7.47 -9.52
N VAL A 34 12.01 -7.00 -9.82
CA VAL A 34 10.94 -7.88 -10.30
C VAL A 34 10.61 -7.57 -11.74
N SER A 35 9.75 -8.38 -12.32
CA SER A 35 9.31 -8.19 -13.69
C SER A 35 8.02 -7.37 -13.73
N PRO A 36 7.87 -6.50 -14.74
CA PRO A 36 6.69 -5.65 -14.89
C PRO A 36 5.37 -6.43 -14.86
N GLN A 37 5.40 -7.67 -15.36
CA GLN A 37 4.21 -8.52 -15.34
C GLN A 37 3.75 -8.78 -13.92
N THR A 38 4.71 -8.98 -13.03
CA THR A 38 4.42 -9.26 -11.63
C THR A 38 3.97 -7.99 -10.93
N PHE A 39 4.60 -6.89 -11.30
CA PHE A 39 4.24 -5.59 -10.74
C PHE A 39 2.82 -5.20 -11.16
N ASN A 40 2.46 -5.60 -12.38
CA ASN A 40 1.14 -5.29 -12.92
C ASN A 40 0.04 -5.96 -12.10
N THR A 41 0.27 -7.21 -11.69
CA THR A 41 -0.71 -7.94 -10.89
C THR A 41 -0.86 -7.33 -9.49
N TRP A 42 0.15 -6.60 -9.05
CA TRP A 42 0.08 -5.86 -7.79
C TRP A 42 -0.77 -4.62 -7.96
N CYS A 43 -0.58 -3.95 -9.09
CA CYS A 43 -1.31 -2.74 -9.42
C CYS A 43 -2.80 -3.03 -9.63
N LYS A 44 -3.09 -4.26 -10.08
CA LYS A 44 -4.46 -4.68 -10.29
C LYS A 44 -5.08 -5.18 -8.99
N GLY A 45 -4.26 -5.27 -7.94
CA GLY A 45 -4.75 -5.74 -6.66
C GLY A 45 -5.06 -7.24 -6.67
N ILE A 46 -4.43 -7.96 -7.58
CA ILE A 46 -4.67 -9.40 -7.72
C ILE A 46 -3.87 -10.17 -6.68
N ALA A 47 -2.61 -9.78 -6.52
CA ALA A 47 -1.72 -10.47 -5.61
C ALA A 47 -0.95 -9.49 -4.74
N ILE A 48 -0.55 -9.93 -3.57
CA ILE A 48 0.25 -9.13 -2.67
C ILE A 48 1.65 -9.72 -2.56
N PRO A 49 2.67 -8.91 -2.79
CA PRO A 49 4.07 -9.33 -2.66
C PRO A 49 4.44 -9.57 -1.20
N ARG A 50 5.39 -10.45 -0.97
CA ARG A 50 5.82 -10.76 0.38
C ARG A 50 6.68 -9.62 0.92
N MET A 51 6.93 -9.62 2.24
CA MET A 51 7.60 -8.51 2.91
C MET A 51 8.94 -8.15 2.27
N GLY A 52 9.58 -9.12 1.63
CA GLY A 52 10.86 -8.87 0.99
C GLY A 52 10.74 -7.83 -0.13
N LYS A 53 9.68 -7.93 -0.91
CA LYS A 53 9.46 -7.00 -2.01
C LYS A 53 8.69 -5.77 -1.54
N VAL A 54 7.99 -5.90 -0.42
CA VAL A 54 7.29 -4.75 0.17
C VAL A 54 8.30 -3.70 0.62
N GLN A 55 9.37 -4.15 1.25
CA GLN A 55 10.43 -3.26 1.70
C GLN A 55 11.06 -2.52 0.52
N ALA A 56 11.18 -3.20 -0.61
CA ALA A 56 11.74 -2.60 -1.81
C ALA A 56 10.86 -1.46 -2.31
N LEU A 57 9.54 -1.63 -2.16
CA LEU A 57 8.59 -0.59 -2.49
C LEU A 57 8.73 0.58 -1.53
N ALA A 58 8.69 0.28 -0.24
CA ALA A 58 8.75 1.30 0.80
C ALA A 58 10.04 2.11 0.70
N ASP A 59 11.15 1.41 0.45
CA ASP A 59 12.46 2.05 0.39
C ASP A 59 12.56 2.98 -0.81
N TYR A 60 11.91 2.60 -1.90
CA TYR A 60 11.91 3.40 -3.11
C TYR A 60 11.08 4.67 -2.92
N PHE A 61 9.94 4.53 -2.27
CA PHE A 61 9.01 5.64 -2.11
C PHE A 61 9.36 6.45 -0.87
N ASN A 62 10.33 5.96 -0.11
CA ASN A 62 10.80 6.61 1.12
C ASN A 62 9.70 6.58 2.19
N ILE A 63 8.70 5.73 1.95
CA ILE A 63 7.59 5.57 2.88
C ILE A 63 7.89 4.45 3.85
N ASN A 64 6.90 4.11 4.67
CA ASN A 64 7.06 3.04 5.63
C ASN A 64 6.39 1.77 5.13
N LYS A 65 6.91 0.63 5.59
CA LYS A 65 6.40 -0.67 5.20
C LYS A 65 4.94 -0.84 5.64
N SER A 66 4.59 -0.21 6.75
CA SER A 66 3.27 -0.33 7.34
C SER A 66 2.17 0.26 6.44
N ASP A 67 2.52 1.30 5.69
CA ASP A 67 1.54 2.02 4.84
C ASP A 67 0.81 1.07 3.90
N LEU A 68 1.51 0.05 3.42
CA LEU A 68 0.92 -0.88 2.47
C LEU A 68 0.32 -2.11 3.17
N ILE A 69 0.90 -2.48 4.30
CA ILE A 69 0.56 -3.72 4.98
C ILE A 69 -0.53 -3.52 6.05
N GLU A 70 -0.72 -2.28 6.49
CA GLU A 70 -1.61 -1.99 7.60
C GLU A 70 -3.06 -2.32 7.28
N ASP A 71 -3.88 -2.25 8.31
CA ASP A 71 -5.29 -2.58 8.25
C ASP A 71 -6.07 -1.50 8.96
N LYS A 72 -7.38 -1.43 8.74
CA LYS A 72 -8.19 -0.40 9.35
C LYS A 72 -8.64 -0.82 10.74
N LYS A 73 -8.28 -2.03 11.13
CA LYS A 73 -8.55 -2.54 12.47
C LYS A 73 -7.46 -2.09 13.45
N LEU A 74 -6.62 -1.18 12.99
CA LEU A 74 -5.55 -0.66 13.82
C LEU A 74 -6.03 0.55 14.60
N ASN A 75 -6.66 0.26 15.74
CA ASN A 75 -7.28 1.25 16.61
C ASN A 75 -8.53 1.84 15.95
N ILE A 76 -9.66 1.64 16.61
CA ILE A 76 -10.95 2.03 16.06
C ILE A 76 -11.10 3.55 16.06
N ASP A 77 -11.64 4.08 14.96
CA ASP A 77 -11.88 5.51 14.86
C ASP A 77 -13.15 5.88 15.61
N THR A 78 -13.03 5.95 16.92
CA THR A 78 -14.15 6.28 17.78
C THR A 78 -13.78 7.45 18.69
N VAL A 79 -14.65 7.77 19.64
CA VAL A 79 -14.41 8.84 20.59
C VAL A 79 -14.09 8.29 21.98
N PRO A 80 -12.80 8.01 22.25
CA PRO A 80 -12.36 7.37 23.49
C PRO A 80 -12.58 8.26 24.71
N ILE A 81 -13.56 7.89 25.53
CA ILE A 81 -13.80 8.57 26.79
C ILE A 81 -12.97 7.92 27.89
N GLU A 82 -12.16 8.75 28.54
CA GLU A 82 -11.26 8.28 29.58
C GLU A 82 -11.12 9.32 30.67
N SER A 83 -11.44 8.93 31.89
CA SER A 83 -11.19 9.78 33.04
C SER A 83 -9.72 9.67 33.45
N GLY A 84 -8.97 10.75 33.29
CA GLY A 84 -7.55 10.71 33.51
C GLY A 84 -7.16 10.73 34.98
N TYR A 85 -8.14 10.91 35.86
CA TYR A 85 -7.90 10.95 37.30
C TYR A 85 -6.93 12.09 37.63
N THR A 86 -6.33 12.04 38.81
CA THR A 86 -5.30 12.99 39.19
C THR A 86 -3.94 12.50 38.67
N LEU A 87 -4.01 11.49 37.79
CA LEU A 87 -2.82 10.83 37.23
C LEU A 87 -2.04 10.15 38.34
N GLU A 88 -0.78 9.85 38.09
CA GLU A 88 0.07 9.23 39.10
C GLU A 88 0.51 10.27 40.13
N HIS A 89 0.73 11.49 39.65
CA HIS A 89 1.18 12.59 40.51
C HIS A 89 2.51 12.23 41.17
N HIS A 90 3.26 11.36 40.49
CA HIS A 90 4.49 10.81 41.02
C HIS A 90 5.69 11.59 40.51
N HIS A 91 6.31 12.35 41.41
CA HIS A 91 7.50 13.11 41.07
C HIS A 91 8.56 12.91 42.16
N HIS A 92 9.82 12.92 41.75
CA HIS A 92 10.91 12.70 42.70
C HIS A 92 11.63 14.00 43.02
N HIS A 93 11.94 14.19 44.29
CA HIS A 93 12.63 15.38 44.77
C HIS A 93 14.12 15.28 44.48
N HIS A 94 14.58 14.07 44.22
CA HIS A 94 15.96 13.82 43.81
C HIS A 94 16.01 12.74 42.75
N MET A 1 -17.06 -9.41 -0.46
CA MET A 1 -17.32 -10.79 0.01
C MET A 1 -16.51 -11.81 -0.78
N VAL A 2 -16.25 -11.52 -2.06
CA VAL A 2 -15.52 -12.46 -2.90
C VAL A 2 -14.13 -11.91 -3.25
N LYS A 3 -13.99 -10.59 -3.24
CA LYS A 3 -12.72 -9.97 -3.56
C LYS A 3 -12.08 -9.41 -2.30
N ASP A 4 -10.83 -9.80 -2.05
CA ASP A 4 -10.12 -9.41 -0.84
C ASP A 4 -9.99 -7.90 -0.73
N LYS A 5 -10.64 -7.32 0.27
CA LYS A 5 -10.57 -5.88 0.49
C LYS A 5 -9.20 -5.45 0.98
N GLN A 6 -8.57 -6.27 1.83
CA GLN A 6 -7.26 -5.94 2.37
C GLN A 6 -6.23 -5.86 1.25
N LYS A 7 -6.29 -6.82 0.34
CA LYS A 7 -5.42 -6.81 -0.84
C LYS A 7 -5.70 -5.60 -1.72
N ALA A 8 -6.98 -5.22 -1.81
CA ALA A 8 -7.37 -4.05 -2.59
C ALA A 8 -6.83 -2.77 -1.97
N ILE A 9 -6.83 -2.71 -0.64
CA ILE A 9 -6.32 -1.55 0.09
C ILE A 9 -4.83 -1.36 -0.18
N PHE A 10 -4.07 -2.43 0.01
CA PHE A 10 -2.62 -2.42 -0.22
C PHE A 10 -2.30 -1.95 -1.64
N SER A 11 -2.97 -2.55 -2.62
CA SER A 11 -2.76 -2.20 -4.01
C SER A 11 -3.15 -0.75 -4.30
N GLU A 12 -4.28 -0.32 -3.77
CA GLU A 12 -4.76 1.04 -3.98
C GLU A 12 -3.75 2.05 -3.47
N ASN A 13 -3.25 1.83 -2.25
CA ASN A 13 -2.26 2.71 -1.65
C ASN A 13 -1.00 2.76 -2.49
N LEU A 14 -0.43 1.59 -2.76
CA LEU A 14 0.81 1.49 -3.52
C LEU A 14 0.66 2.10 -4.91
N ASN A 15 -0.43 1.75 -5.59
CA ASN A 15 -0.66 2.18 -6.97
C ASN A 15 -0.77 3.70 -7.06
N SER A 16 -1.30 4.32 -6.02
CA SER A 16 -1.45 5.77 -5.98
C SER A 16 -0.08 6.44 -5.96
N TYR A 17 0.85 5.90 -5.17
CA TYR A 17 2.20 6.44 -5.10
C TYR A 17 2.93 6.21 -6.42
N ILE A 18 2.63 5.09 -7.05
CA ILE A 18 3.23 4.75 -8.35
C ILE A 18 2.84 5.76 -9.42
N ALA A 19 1.54 6.05 -9.50
CA ALA A 19 1.02 6.98 -10.50
C ALA A 19 1.54 8.40 -10.25
N LYS A 20 1.53 8.81 -8.99
CA LYS A 20 1.92 10.17 -8.63
C LYS A 20 3.44 10.36 -8.63
N SER A 21 4.16 9.27 -8.84
CA SER A 21 5.61 9.33 -8.96
C SER A 21 6.02 9.85 -10.34
N GLU A 22 5.06 9.85 -11.26
CA GLU A 22 5.26 10.29 -12.65
C GLU A 22 6.08 9.26 -13.45
N LYS A 23 7.06 8.66 -12.80
CA LYS A 23 7.84 7.60 -13.41
C LYS A 23 6.94 6.39 -13.63
N THR A 24 7.32 5.52 -14.55
CA THR A 24 6.45 4.44 -14.96
C THR A 24 6.56 3.22 -14.06
N GLN A 25 5.53 2.39 -14.10
CA GLN A 25 5.47 1.18 -13.30
C GLN A 25 6.67 0.28 -13.60
N LEU A 26 7.05 0.25 -14.86
CA LEU A 26 8.18 -0.54 -15.31
C LEU A 26 9.48 -0.03 -14.70
N GLU A 27 9.61 1.29 -14.62
CA GLU A 27 10.78 1.93 -14.04
C GLU A 27 10.96 1.54 -12.58
N ILE A 28 9.86 1.49 -11.85
CA ILE A 28 9.89 1.07 -10.46
C ILE A 28 10.14 -0.44 -10.38
N ALA A 29 9.48 -1.20 -11.25
CA ALA A 29 9.60 -2.64 -11.27
C ALA A 29 11.04 -3.09 -11.49
N LYS A 30 11.72 -2.48 -12.47
CA LYS A 30 13.10 -2.84 -12.78
C LYS A 30 14.03 -2.48 -11.64
N SER A 31 13.65 -1.49 -10.85
CA SER A 31 14.45 -1.06 -9.70
C SER A 31 14.25 -2.03 -8.54
N ILE A 32 13.03 -2.54 -8.40
CA ILE A 32 12.73 -3.55 -7.39
C ILE A 32 13.44 -4.85 -7.74
N GLY A 33 13.37 -5.22 -9.01
CA GLY A 33 14.01 -6.44 -9.45
C GLY A 33 13.02 -7.52 -9.82
N VAL A 34 11.83 -7.11 -10.26
CA VAL A 34 10.78 -8.04 -10.64
C VAL A 34 10.27 -7.72 -12.04
N SER A 35 9.59 -8.67 -12.65
CA SER A 35 9.04 -8.48 -13.98
C SER A 35 7.84 -7.54 -13.93
N PRO A 36 7.66 -6.72 -14.98
CA PRO A 36 6.60 -5.71 -15.04
C PRO A 36 5.21 -6.28 -14.80
N GLN A 37 4.95 -7.49 -15.28
CA GLN A 37 3.63 -8.11 -15.09
C GLN A 37 3.44 -8.62 -13.67
N THR A 38 4.51 -8.91 -12.98
CA THR A 38 4.42 -9.30 -11.58
C THR A 38 4.14 -8.07 -10.73
N PHE A 39 4.67 -6.95 -11.18
CA PHE A 39 4.38 -5.66 -10.59
C PHE A 39 2.95 -5.27 -10.95
N ASN A 40 2.53 -5.66 -12.15
CA ASN A 40 1.19 -5.37 -12.65
C ASN A 40 0.13 -6.14 -11.88
N THR A 41 0.43 -7.39 -11.53
CA THR A 41 -0.50 -8.21 -10.77
C THR A 41 -0.73 -7.62 -9.37
N TRP A 42 0.24 -6.86 -8.88
CA TRP A 42 0.09 -6.14 -7.63
C TRP A 42 -0.83 -4.93 -7.82
N CYS A 43 -0.67 -4.28 -8.97
CA CYS A 43 -1.51 -3.14 -9.35
C CYS A 43 -2.96 -3.59 -9.57
N LYS A 44 -3.14 -4.84 -9.96
CA LYS A 44 -4.45 -5.43 -10.16
C LYS A 44 -5.05 -5.93 -8.85
N GLY A 45 -4.25 -5.87 -7.78
CA GLY A 45 -4.72 -6.34 -6.49
C GLY A 45 -4.95 -7.84 -6.45
N ILE A 46 -4.17 -8.58 -7.23
CA ILE A 46 -4.33 -10.02 -7.31
C ILE A 46 -3.55 -10.71 -6.18
N ALA A 47 -2.43 -10.11 -5.79
CA ALA A 47 -1.60 -10.68 -4.75
C ALA A 47 -0.78 -9.62 -4.04
N ILE A 48 -0.52 -9.84 -2.76
CA ILE A 48 0.38 -9.01 -1.99
C ILE A 48 1.74 -9.71 -1.87
N PRO A 49 2.83 -8.99 -2.16
CA PRO A 49 4.19 -9.53 -2.03
C PRO A 49 4.55 -9.79 -0.57
N ARG A 50 5.58 -10.60 -0.35
CA ARG A 50 5.98 -10.96 0.99
C ARG A 50 6.88 -9.86 1.58
N MET A 51 7.12 -9.91 2.89
CA MET A 51 7.80 -8.82 3.62
C MET A 51 9.10 -8.38 2.95
N GLY A 52 9.84 -9.33 2.40
CA GLY A 52 11.12 -9.00 1.79
C GLY A 52 10.98 -8.12 0.56
N LYS A 53 9.91 -8.34 -0.19
CA LYS A 53 9.66 -7.56 -1.40
C LYS A 53 8.95 -6.25 -1.07
N VAL A 54 8.10 -6.30 -0.05
CA VAL A 54 7.39 -5.12 0.42
C VAL A 54 8.38 -4.08 0.92
N GLN A 55 9.43 -4.53 1.62
CA GLN A 55 10.45 -3.65 2.14
C GLN A 55 11.12 -2.88 0.99
N ALA A 56 11.32 -3.56 -0.14
CA ALA A 56 11.92 -2.92 -1.30
C ALA A 56 11.01 -1.83 -1.85
N LEU A 57 9.71 -2.12 -1.90
CA LEU A 57 8.72 -1.16 -2.36
C LEU A 57 8.67 0.05 -1.43
N ALA A 58 8.56 -0.22 -0.14
CA ALA A 58 8.48 0.84 0.86
C ALA A 58 9.78 1.63 0.95
N ASP A 59 10.89 0.99 0.59
CA ASP A 59 12.19 1.63 0.65
C ASP A 59 12.36 2.60 -0.50
N TYR A 60 11.93 2.20 -1.69
CA TYR A 60 12.02 3.03 -2.87
C TYR A 60 11.32 4.36 -2.67
N PHE A 61 10.14 4.31 -2.09
CA PHE A 61 9.36 5.51 -1.82
C PHE A 61 9.74 6.10 -0.47
N ASN A 62 10.58 5.37 0.25
CA ASN A 62 11.01 5.74 1.61
C ASN A 62 9.81 6.03 2.50
N ILE A 63 9.02 5.01 2.76
CA ILE A 63 7.84 5.13 3.60
C ILE A 63 7.78 3.95 4.57
N ASN A 64 6.79 3.96 5.44
CA ASN A 64 6.58 2.88 6.40
C ASN A 64 5.59 1.87 5.83
N LYS A 65 5.67 0.64 6.30
CA LYS A 65 4.76 -0.42 5.84
C LYS A 65 3.31 -0.05 6.09
N SER A 66 3.07 0.74 7.13
CA SER A 66 1.73 1.15 7.51
C SER A 66 1.09 2.06 6.45
N ASP A 67 1.92 2.65 5.59
CA ASP A 67 1.40 3.48 4.50
C ASP A 67 0.76 2.62 3.42
N LEU A 68 1.31 1.43 3.22
CA LEU A 68 0.84 0.52 2.19
C LEU A 68 -0.17 -0.47 2.74
N ILE A 69 0.12 -1.01 3.92
CA ILE A 69 -0.70 -2.07 4.51
C ILE A 69 -1.96 -1.49 5.14
N GLU A 70 -1.79 -0.48 5.98
CA GLU A 70 -2.88 0.07 6.74
C GLU A 70 -3.55 1.21 6.00
N ASP A 71 -4.78 1.52 6.38
CA ASP A 71 -5.48 2.66 5.81
C ASP A 71 -5.01 3.93 6.52
N LYS A 72 -4.72 4.98 5.74
CA LYS A 72 -4.10 6.18 6.29
C LYS A 72 -5.10 7.15 6.91
N LYS A 73 -6.16 6.62 7.50
CA LYS A 73 -7.06 7.41 8.31
C LYS A 73 -6.49 7.49 9.74
N LEU A 74 -5.31 6.93 9.87
CA LEU A 74 -4.65 6.80 11.14
C LEU A 74 -4.07 8.11 11.62
N ASN A 75 -4.87 8.89 12.30
CA ASN A 75 -4.37 10.02 13.08
C ASN A 75 -3.69 9.46 14.32
N ILE A 76 -2.37 9.37 14.27
CA ILE A 76 -1.59 8.65 15.27
C ILE A 76 -1.87 9.16 16.68
N ASP A 77 -2.39 8.26 17.50
CA ASP A 77 -2.69 8.57 18.89
C ASP A 77 -1.58 8.03 19.78
N THR A 78 -0.52 8.81 19.88
CA THR A 78 0.62 8.43 20.70
C THR A 78 0.23 8.36 22.18
N VAL A 79 0.89 7.48 22.91
CA VAL A 79 0.58 7.23 24.31
C VAL A 79 1.67 7.81 25.21
N PRO A 80 1.53 9.08 25.63
CA PRO A 80 2.48 9.73 26.53
C PRO A 80 2.48 9.10 27.92
N ILE A 81 3.07 9.79 28.90
CA ILE A 81 3.09 9.31 30.28
C ILE A 81 1.67 8.97 30.74
N GLU A 82 1.49 7.73 31.12
CA GLU A 82 0.19 7.21 31.51
C GLU A 82 -0.18 7.68 32.92
N SER A 83 -1.31 7.19 33.41
CA SER A 83 -1.73 7.47 34.78
C SER A 83 -0.74 6.85 35.76
N GLY A 84 -0.62 7.45 36.95
CA GLY A 84 0.33 6.98 37.95
C GLY A 84 0.17 5.51 38.28
N TYR A 85 -0.94 5.17 38.93
CA TYR A 85 -1.24 3.78 39.29
C TYR A 85 -0.16 3.22 40.21
N THR A 86 -0.11 1.91 40.36
CA THR A 86 0.96 1.26 41.09
C THR A 86 1.99 0.73 40.10
N LEU A 87 3.11 1.42 39.97
CA LEU A 87 4.09 1.07 38.96
C LEU A 87 5.50 1.09 39.55
N GLU A 88 6.47 0.74 38.72
CA GLU A 88 7.86 0.64 39.16
C GLU A 88 8.77 1.22 38.09
N HIS A 89 9.90 1.78 38.52
CA HIS A 89 10.88 2.34 37.59
C HIS A 89 12.27 1.80 37.90
N HIS A 90 13.23 2.17 37.05
CA HIS A 90 14.63 1.76 37.18
C HIS A 90 14.81 0.28 36.87
N HIS A 91 14.29 -0.58 37.76
CA HIS A 91 14.49 -2.02 37.67
C HIS A 91 15.98 -2.32 37.60
N HIS A 92 16.70 -1.89 38.62
CA HIS A 92 18.15 -2.01 38.68
C HIS A 92 18.80 -1.13 37.61
N HIS A 93 18.87 0.16 37.89
CA HIS A 93 19.48 1.11 36.96
C HIS A 93 20.06 2.28 37.73
N HIS A 94 21.39 2.30 37.86
CA HIS A 94 22.07 3.37 38.55
C HIS A 94 22.49 4.45 37.57
N MET A 1 -18.25 -12.53 0.77
CA MET A 1 -17.46 -13.59 0.09
C MET A 1 -16.24 -12.98 -0.58
N VAL A 2 -15.17 -13.78 -0.71
CA VAL A 2 -13.92 -13.34 -1.33
C VAL A 2 -13.13 -12.43 -0.39
N LYS A 3 -11.95 -12.89 -0.01
CA LYS A 3 -11.11 -12.18 0.94
C LYS A 3 -10.12 -11.28 0.18
N ASP A 4 -10.64 -10.18 -0.36
CA ASP A 4 -9.84 -9.30 -1.20
C ASP A 4 -9.86 -7.87 -0.67
N LYS A 5 -10.46 -7.67 0.50
CA LYS A 5 -10.57 -6.34 1.08
C LYS A 5 -9.20 -5.70 1.26
N GLN A 6 -8.28 -6.45 1.87
CA GLN A 6 -6.92 -5.97 2.09
C GLN A 6 -6.20 -5.78 0.75
N LYS A 7 -6.53 -6.61 -0.22
CA LYS A 7 -5.96 -6.51 -1.55
C LYS A 7 -6.34 -5.19 -2.20
N ALA A 8 -7.62 -4.86 -2.13
CA ALA A 8 -8.13 -3.61 -2.68
C ALA A 8 -7.45 -2.40 -2.03
N ILE A 9 -7.40 -2.41 -0.71
CA ILE A 9 -6.77 -1.33 0.04
C ILE A 9 -5.30 -1.18 -0.38
N PHE A 10 -4.58 -2.29 -0.37
CA PHE A 10 -3.16 -2.30 -0.72
C PHE A 10 -2.93 -1.77 -2.13
N SER A 11 -3.60 -2.37 -3.11
CA SER A 11 -3.38 -2.03 -4.51
C SER A 11 -3.80 -0.59 -4.80
N GLU A 12 -4.94 -0.16 -4.24
CA GLU A 12 -5.45 1.18 -4.48
C GLU A 12 -4.49 2.24 -3.93
N ASN A 13 -4.03 2.04 -2.71
CA ASN A 13 -3.13 2.99 -2.07
C ASN A 13 -1.76 2.96 -2.74
N LEU A 14 -1.26 1.76 -3.04
CA LEU A 14 0.01 1.61 -3.75
C LEU A 14 -0.06 2.32 -5.10
N ASN A 15 -1.16 2.12 -5.80
CA ASN A 15 -1.39 2.73 -7.11
C ASN A 15 -1.36 4.25 -7.00
N SER A 16 -1.83 4.76 -5.85
CA SER A 16 -1.86 6.19 -5.60
C SER A 16 -0.44 6.76 -5.53
N TYR A 17 0.48 5.99 -4.96
CA TYR A 17 1.88 6.42 -4.84
C TYR A 17 2.59 6.28 -6.18
N ILE A 18 2.21 5.26 -6.95
CA ILE A 18 2.76 5.06 -8.28
C ILE A 18 2.38 6.21 -9.21
N ALA A 19 1.10 6.57 -9.19
CA ALA A 19 0.58 7.64 -10.04
C ALA A 19 1.01 9.02 -9.53
N LYS A 20 1.66 9.03 -8.38
CA LYS A 20 2.15 10.26 -7.78
C LYS A 20 3.53 10.58 -8.34
N SER A 21 4.20 9.55 -8.82
CA SER A 21 5.52 9.70 -9.41
C SER A 21 5.43 9.62 -10.94
N GLU A 22 6.56 9.80 -11.61
CA GLU A 22 6.61 9.73 -13.07
C GLU A 22 7.09 8.37 -13.52
N LYS A 23 7.41 7.51 -12.56
CA LYS A 23 7.95 6.20 -12.84
C LYS A 23 6.85 5.25 -13.27
N THR A 24 7.08 4.56 -14.37
CA THR A 24 6.15 3.59 -14.90
C THR A 24 6.26 2.28 -14.13
N GLN A 25 5.31 1.39 -14.35
CA GLN A 25 5.35 0.06 -13.76
C GLN A 25 6.63 -0.66 -14.17
N LEU A 26 7.09 -0.38 -15.38
CA LEU A 26 8.32 -0.93 -15.89
C LEU A 26 9.54 -0.32 -15.20
N GLU A 27 9.52 1.01 -15.03
CA GLU A 27 10.62 1.72 -14.40
C GLU A 27 10.75 1.35 -12.93
N ILE A 28 9.64 1.18 -12.23
CA ILE A 28 9.69 0.76 -10.84
C ILE A 28 10.12 -0.69 -10.74
N ALA A 29 9.61 -1.52 -11.65
CA ALA A 29 9.95 -2.94 -11.68
C ALA A 29 11.45 -3.14 -11.81
N LYS A 30 12.08 -2.40 -12.73
CA LYS A 30 13.52 -2.54 -12.96
C LYS A 30 14.32 -2.02 -11.76
N SER A 31 13.73 -1.09 -11.02
CA SER A 31 14.37 -0.54 -9.83
C SER A 31 14.33 -1.54 -8.68
N ILE A 32 13.18 -2.17 -8.51
CA ILE A 32 13.02 -3.18 -7.46
C ILE A 32 13.80 -4.44 -7.81
N GLY A 33 13.69 -4.87 -9.06
CA GLY A 33 14.37 -6.06 -9.50
C GLY A 33 13.39 -7.19 -9.76
N VAL A 34 12.19 -6.83 -10.17
CA VAL A 34 11.15 -7.81 -10.43
C VAL A 34 10.66 -7.70 -11.86
N SER A 35 9.97 -8.72 -12.34
CA SER A 35 9.41 -8.71 -13.67
C SER A 35 8.23 -7.74 -13.74
N PRO A 36 8.02 -7.08 -14.89
CA PRO A 36 6.92 -6.12 -15.06
C PRO A 36 5.56 -6.75 -14.77
N GLN A 37 5.42 -8.04 -15.08
CA GLN A 37 4.19 -8.77 -14.81
C GLN A 37 3.97 -8.90 -13.30
N THR A 38 5.07 -9.05 -12.58
CA THR A 38 5.01 -9.25 -11.14
C THR A 38 4.51 -7.97 -10.48
N PHE A 39 4.99 -6.85 -10.99
CA PHE A 39 4.56 -5.56 -10.52
C PHE A 39 3.13 -5.29 -10.94
N ASN A 40 2.77 -5.78 -12.12
CA ASN A 40 1.43 -5.60 -12.66
C ASN A 40 0.40 -6.35 -11.82
N THR A 41 0.76 -7.56 -11.38
CA THR A 41 -0.13 -8.35 -10.52
C THR A 41 -0.37 -7.67 -9.18
N TRP A 42 0.56 -6.81 -8.77
CA TRP A 42 0.39 -6.01 -7.57
C TRP A 42 -0.55 -4.85 -7.85
N CYS A 43 -0.38 -4.25 -9.02
CA CYS A 43 -1.21 -3.13 -9.47
C CYS A 43 -2.67 -3.58 -9.64
N LYS A 44 -2.85 -4.82 -10.04
CA LYS A 44 -4.17 -5.39 -10.21
C LYS A 44 -4.73 -5.94 -8.89
N GLY A 45 -3.90 -5.90 -7.86
CA GLY A 45 -4.30 -6.43 -6.56
C GLY A 45 -4.57 -7.93 -6.61
N ILE A 46 -3.78 -8.64 -7.41
CA ILE A 46 -3.95 -10.08 -7.55
C ILE A 46 -3.24 -10.80 -6.40
N ALA A 47 -2.07 -10.31 -6.06
CA ALA A 47 -1.29 -10.89 -4.98
C ALA A 47 -0.52 -9.80 -4.24
N ILE A 48 -0.21 -10.06 -2.98
CA ILE A 48 0.56 -9.14 -2.17
C ILE A 48 1.96 -9.70 -1.95
N PRO A 49 3.00 -8.88 -2.17
CA PRO A 49 4.39 -9.28 -1.97
C PRO A 49 4.70 -9.53 -0.49
N ARG A 50 5.74 -10.30 -0.22
CA ARG A 50 6.10 -10.64 1.15
C ARG A 50 7.14 -9.65 1.68
N MET A 51 7.62 -9.91 2.90
CA MET A 51 8.49 -8.97 3.61
C MET A 51 9.74 -8.63 2.81
N GLY A 52 10.22 -9.57 2.00
CA GLY A 52 11.41 -9.35 1.21
C GLY A 52 11.23 -8.25 0.18
N LYS A 53 10.05 -8.20 -0.42
CA LYS A 53 9.79 -7.22 -1.48
C LYS A 53 9.08 -5.99 -0.95
N VAL A 54 8.30 -6.15 0.12
CA VAL A 54 7.65 -5.02 0.77
C VAL A 54 8.71 -4.04 1.27
N GLN A 55 9.82 -4.58 1.74
CA GLN A 55 10.94 -3.79 2.20
C GLN A 55 11.47 -2.88 1.08
N ALA A 56 11.56 -3.45 -0.12
CA ALA A 56 12.06 -2.71 -1.27
C ALA A 56 11.06 -1.63 -1.69
N LEU A 57 9.77 -1.98 -1.67
CA LEU A 57 8.71 -1.06 -2.04
C LEU A 57 8.67 0.14 -1.09
N ALA A 58 8.63 -0.12 0.21
CA ALA A 58 8.56 0.93 1.21
C ALA A 58 9.79 1.84 1.14
N ASP A 59 10.93 1.23 0.85
CA ASP A 59 12.19 1.96 0.74
C ASP A 59 12.20 2.84 -0.49
N TYR A 60 11.76 2.30 -1.61
CA TYR A 60 11.79 3.00 -2.88
C TYR A 60 10.87 4.22 -2.87
N PHE A 61 9.74 4.09 -2.20
CA PHE A 61 8.77 5.18 -2.13
C PHE A 61 9.04 6.05 -0.92
N ASN A 62 10.00 5.66 -0.09
CA ASN A 62 10.34 6.38 1.13
C ASN A 62 9.11 6.54 2.02
N ILE A 63 8.40 5.43 2.22
CA ILE A 63 7.19 5.43 3.04
C ILE A 63 7.28 4.36 4.11
N ASN A 64 6.21 4.23 4.89
CA ASN A 64 6.15 3.24 5.95
C ASN A 64 5.38 2.02 5.45
N LYS A 65 5.53 0.89 6.13
CA LYS A 65 4.80 -0.31 5.76
C LYS A 65 3.30 -0.09 5.97
N SER A 66 2.97 0.74 6.94
CA SER A 66 1.59 1.01 7.30
C SER A 66 0.86 1.75 6.19
N ASP A 67 1.61 2.52 5.40
CA ASP A 67 1.03 3.35 4.34
C ASP A 67 0.44 2.46 3.24
N LEU A 68 0.96 1.26 3.10
CA LEU A 68 0.47 0.32 2.11
C LEU A 68 -0.57 -0.62 2.72
N ILE A 69 -0.52 -0.79 4.03
CA ILE A 69 -1.40 -1.73 4.71
C ILE A 69 -2.74 -1.11 5.04
N GLU A 70 -2.73 0.05 5.67
CA GLU A 70 -3.95 0.69 6.09
C GLU A 70 -4.41 1.72 5.08
N ASP A 71 -5.71 1.97 5.06
CA ASP A 71 -6.31 2.88 4.10
C ASP A 71 -6.18 4.33 4.55
N LYS A 72 -6.53 5.25 3.67
CA LYS A 72 -6.42 6.68 3.94
C LYS A 72 -7.57 7.17 4.83
N LYS A 73 -8.02 6.31 5.72
CA LYS A 73 -9.12 6.63 6.61
C LYS A 73 -8.62 7.38 7.84
N LEU A 74 -7.40 7.89 7.74
CA LEU A 74 -6.77 8.60 8.83
C LEU A 74 -7.26 10.03 8.92
N ASN A 75 -8.49 10.18 9.38
CA ASN A 75 -9.10 11.50 9.56
C ASN A 75 -9.59 11.64 10.99
N ILE A 76 -10.33 12.70 11.25
CA ILE A 76 -10.83 12.96 12.59
C ILE A 76 -12.04 12.07 12.89
N ASP A 77 -12.02 11.46 14.07
CA ASP A 77 -13.10 10.61 14.53
C ASP A 77 -12.92 10.39 16.03
N THR A 78 -13.96 10.70 16.78
CA THR A 78 -13.94 10.62 18.23
C THR A 78 -13.35 9.29 18.73
N VAL A 79 -12.53 9.37 19.77
CA VAL A 79 -11.78 8.23 20.29
C VAL A 79 -12.35 7.75 21.63
N PRO A 80 -13.30 6.80 21.58
CA PRO A 80 -13.90 6.23 22.79
C PRO A 80 -12.95 5.29 23.51
N ILE A 81 -13.49 4.48 24.42
CA ILE A 81 -12.66 3.54 25.16
C ILE A 81 -12.51 2.25 24.37
N GLU A 82 -11.27 1.81 24.23
CA GLU A 82 -10.96 0.61 23.49
C GLU A 82 -9.63 0.04 24.02
N SER A 83 -9.30 -1.19 23.64
CA SER A 83 -8.04 -1.81 24.01
C SER A 83 -6.88 -0.87 23.66
N GLY A 84 -6.03 -0.61 24.65
CA GLY A 84 -4.98 0.36 24.49
C GLY A 84 -3.80 -0.17 23.69
N TYR A 85 -2.74 -0.53 24.42
CA TYR A 85 -1.47 -0.89 23.81
C TYR A 85 -0.98 0.28 22.96
N THR A 86 -0.39 1.25 23.64
CA THR A 86 -0.11 2.55 23.04
C THR A 86 -1.44 3.25 22.72
N LEU A 87 -2.02 3.88 23.73
CA LEU A 87 -3.33 4.50 23.59
C LEU A 87 -3.23 5.89 22.97
N GLU A 88 -4.25 6.25 22.20
CA GLU A 88 -4.30 7.56 21.57
C GLU A 88 -4.87 8.59 22.54
N HIS A 89 -4.62 9.87 22.26
CA HIS A 89 -5.07 10.95 23.13
C HIS A 89 -6.60 11.06 23.11
N HIS A 90 -7.21 10.78 24.25
CA HIS A 90 -8.65 10.93 24.39
C HIS A 90 -8.99 12.39 24.66
N HIS A 91 -9.52 13.07 23.65
CA HIS A 91 -9.80 14.49 23.76
C HIS A 91 -11.29 14.73 23.99
N HIS A 92 -12.10 14.51 22.96
CA HIS A 92 -13.55 14.68 23.05
C HIS A 92 -14.27 13.56 22.32
N HIS A 93 -15.54 13.35 22.69
CA HIS A 93 -16.37 12.38 22.00
C HIS A 93 -17.72 13.00 21.66
N HIS A 94 -18.32 12.56 20.57
CA HIS A 94 -19.60 13.10 20.13
C HIS A 94 -20.71 12.12 20.47
N MET A 1 -16.56 -15.89 -1.42
CA MET A 1 -15.27 -15.91 -2.14
C MET A 1 -14.22 -15.14 -1.34
N VAL A 2 -12.98 -15.62 -1.36
CA VAL A 2 -11.90 -14.96 -0.66
C VAL A 2 -11.29 -13.86 -1.52
N LYS A 3 -11.75 -12.64 -1.31
CA LYS A 3 -11.22 -11.49 -2.03
C LYS A 3 -10.07 -10.88 -1.23
N ASP A 4 -10.25 -10.84 0.10
CA ASP A 4 -9.27 -10.28 1.03
C ASP A 4 -9.21 -8.77 0.90
N LYS A 5 -9.66 -8.08 1.95
CA LYS A 5 -9.80 -6.63 1.91
C LYS A 5 -8.45 -5.93 1.88
N GLN A 6 -7.47 -6.51 2.56
CA GLN A 6 -6.15 -5.92 2.68
C GLN A 6 -5.48 -5.84 1.31
N LYS A 7 -5.75 -6.83 0.48
CA LYS A 7 -5.23 -6.87 -0.88
C LYS A 7 -5.79 -5.71 -1.70
N ALA A 8 -7.05 -5.37 -1.45
CA ALA A 8 -7.70 -4.28 -2.16
C ALA A 8 -7.20 -2.93 -1.66
N ILE A 9 -6.86 -2.86 -0.38
CA ILE A 9 -6.29 -1.65 0.21
C ILE A 9 -4.87 -1.46 -0.29
N PHE A 10 -4.12 -2.56 -0.30
CA PHE A 10 -2.74 -2.57 -0.78
C PHE A 10 -2.64 -1.98 -2.17
N SER A 11 -3.38 -2.57 -3.11
CA SER A 11 -3.34 -2.15 -4.50
C SER A 11 -3.81 -0.71 -4.67
N GLU A 12 -4.93 -0.38 -4.05
CA GLU A 12 -5.52 0.97 -4.15
C GLU A 12 -4.56 2.02 -3.64
N ASN A 13 -3.98 1.80 -2.47
CA ASN A 13 -3.09 2.78 -1.86
C ASN A 13 -1.76 2.83 -2.59
N LEU A 14 -1.25 1.66 -3.00
CA LEU A 14 0.00 1.58 -3.74
C LEU A 14 -0.09 2.33 -5.06
N ASN A 15 -1.16 2.08 -5.81
CA ASN A 15 -1.35 2.70 -7.11
C ASN A 15 -1.41 4.22 -6.97
N SER A 16 -2.00 4.68 -5.86
CA SER A 16 -2.10 6.09 -5.58
C SER A 16 -0.72 6.73 -5.44
N TYR A 17 0.18 6.04 -4.72
CA TYR A 17 1.55 6.53 -4.54
C TYR A 17 2.30 6.52 -5.86
N ILE A 18 2.06 5.50 -6.67
CA ILE A 18 2.66 5.40 -8.00
C ILE A 18 2.26 6.61 -8.85
N ALA A 19 0.96 6.93 -8.81
CA ALA A 19 0.43 8.07 -9.55
C ALA A 19 1.06 9.37 -9.08
N LYS A 20 1.25 9.49 -7.76
CA LYS A 20 1.90 10.65 -7.17
C LYS A 20 3.31 10.83 -7.71
N SER A 21 4.00 9.72 -7.91
CA SER A 21 5.39 9.73 -8.34
C SER A 21 5.50 10.17 -9.81
N GLU A 22 4.42 10.01 -10.57
CA GLU A 22 4.42 10.34 -11.99
C GLU A 22 5.50 9.52 -12.70
N LYS A 23 5.58 8.26 -12.32
CA LYS A 23 6.60 7.35 -12.82
C LYS A 23 5.93 6.16 -13.50
N THR A 24 6.68 5.45 -14.34
CA THR A 24 6.14 4.29 -15.03
C THR A 24 6.32 3.03 -14.20
N GLN A 25 5.36 2.12 -14.27
CA GLN A 25 5.40 0.88 -13.52
C GLN A 25 6.62 0.06 -13.94
N LEU A 26 6.92 0.09 -15.23
CA LEU A 26 8.07 -0.61 -15.77
C LEU A 26 9.36 -0.13 -15.12
N GLU A 27 9.48 1.19 -14.95
CA GLU A 27 10.65 1.79 -14.37
C GLU A 27 10.80 1.36 -12.92
N ILE A 28 9.69 1.34 -12.19
CA ILE A 28 9.69 0.93 -10.79
C ILE A 28 10.12 -0.52 -10.65
N ALA A 29 9.55 -1.37 -11.51
CA ALA A 29 9.86 -2.80 -11.50
C ALA A 29 11.37 -3.02 -11.72
N LYS A 30 11.95 -2.21 -12.61
CA LYS A 30 13.38 -2.26 -12.89
C LYS A 30 14.20 -1.84 -11.67
N SER A 31 13.67 -0.89 -10.91
CA SER A 31 14.36 -0.40 -9.73
C SER A 31 14.25 -1.41 -8.59
N ILE A 32 13.14 -2.13 -8.54
CA ILE A 32 12.91 -3.14 -7.51
C ILE A 32 13.69 -4.41 -7.82
N GLY A 33 13.65 -4.83 -9.07
CA GLY A 33 14.34 -6.03 -9.48
C GLY A 33 13.37 -7.16 -9.79
N VAL A 34 12.20 -6.80 -10.30
CA VAL A 34 11.17 -7.77 -10.64
C VAL A 34 10.65 -7.52 -12.05
N SER A 35 9.91 -8.48 -12.58
CA SER A 35 9.32 -8.34 -13.89
C SER A 35 8.16 -7.34 -13.84
N PRO A 36 7.91 -6.61 -14.94
CA PRO A 36 6.79 -5.65 -15.01
C PRO A 36 5.45 -6.34 -14.76
N GLN A 37 5.39 -7.62 -15.12
CA GLN A 37 4.20 -8.43 -14.88
C GLN A 37 3.99 -8.67 -13.40
N THR A 38 5.09 -8.82 -12.67
CA THR A 38 5.05 -9.07 -11.24
C THR A 38 4.56 -7.83 -10.52
N PHE A 39 4.97 -6.69 -11.03
CA PHE A 39 4.51 -5.41 -10.52
C PHE A 39 3.05 -5.21 -10.90
N ASN A 40 2.69 -5.69 -12.08
CA ASN A 40 1.32 -5.59 -12.59
C ASN A 40 0.35 -6.36 -11.69
N THR A 41 0.76 -7.54 -11.24
CA THR A 41 -0.09 -8.36 -10.37
C THR A 41 -0.33 -7.68 -9.02
N TRP A 42 0.56 -6.78 -8.64
CA TRP A 42 0.38 -6.00 -7.42
C TRP A 42 -0.52 -4.80 -7.71
N CYS A 43 -0.33 -4.21 -8.88
CA CYS A 43 -1.13 -3.07 -9.34
C CYS A 43 -2.59 -3.48 -9.52
N LYS A 44 -2.80 -4.69 -10.01
CA LYS A 44 -4.13 -5.22 -10.21
C LYS A 44 -4.71 -5.77 -8.90
N GLY A 45 -3.90 -5.75 -7.86
CA GLY A 45 -4.33 -6.32 -6.58
C GLY A 45 -4.70 -7.78 -6.69
N ILE A 46 -3.85 -8.54 -7.39
CA ILE A 46 -4.09 -9.96 -7.59
C ILE A 46 -3.46 -10.75 -6.46
N ALA A 47 -2.25 -10.36 -6.07
CA ALA A 47 -1.53 -11.04 -5.01
C ALA A 47 -0.70 -10.06 -4.21
N ILE A 48 -0.52 -10.35 -2.93
CA ILE A 48 0.31 -9.52 -2.07
C ILE A 48 1.72 -10.11 -1.98
N PRO A 49 2.73 -9.29 -2.31
CA PRO A 49 4.12 -9.69 -2.27
C PRO A 49 4.60 -9.94 -0.85
N ARG A 50 5.63 -10.76 -0.71
CA ARG A 50 6.22 -11.04 0.60
C ARG A 50 6.89 -9.77 1.13
N MET A 51 6.94 -9.64 2.46
CA MET A 51 7.43 -8.42 3.11
C MET A 51 8.80 -7.98 2.58
N GLY A 52 9.64 -8.94 2.24
CA GLY A 52 10.96 -8.62 1.71
C GLY A 52 10.89 -7.77 0.46
N LYS A 53 9.91 -8.04 -0.40
CA LYS A 53 9.72 -7.25 -1.61
C LYS A 53 8.98 -5.96 -1.30
N VAL A 54 8.17 -5.99 -0.25
CA VAL A 54 7.48 -4.80 0.23
C VAL A 54 8.50 -3.78 0.72
N GLN A 55 9.59 -4.28 1.31
CA GLN A 55 10.69 -3.43 1.78
C GLN A 55 11.20 -2.55 0.64
N ALA A 56 11.44 -3.17 -0.51
CA ALA A 56 11.96 -2.47 -1.67
C ALA A 56 10.97 -1.41 -2.16
N LEU A 57 9.69 -1.78 -2.16
CA LEU A 57 8.63 -0.86 -2.57
C LEU A 57 8.58 0.34 -1.63
N ALA A 58 8.53 0.07 -0.34
CA ALA A 58 8.46 1.12 0.67
C ALA A 58 9.70 2.00 0.63
N ASP A 59 10.85 1.37 0.41
CA ASP A 59 12.12 2.09 0.35
C ASP A 59 12.16 3.01 -0.85
N TYR A 60 11.71 2.51 -1.99
CA TYR A 60 11.75 3.26 -3.24
C TYR A 60 10.88 4.52 -3.14
N PHE A 61 9.75 4.41 -2.46
CA PHE A 61 8.85 5.53 -2.29
C PHE A 61 9.16 6.30 -1.01
N ASN A 62 10.13 5.79 -0.24
CA ASN A 62 10.53 6.37 1.04
C ASN A 62 9.34 6.44 2.01
N ILE A 63 8.48 5.44 1.94
CA ILE A 63 7.31 5.38 2.81
C ILE A 63 7.44 4.22 3.79
N ASN A 64 6.41 4.01 4.60
CA ASN A 64 6.41 2.91 5.55
C ASN A 64 5.74 1.71 4.89
N LYS A 65 6.11 0.50 5.33
CA LYS A 65 5.47 -0.69 4.78
C LYS A 65 4.00 -0.73 5.17
N SER A 66 3.69 -0.15 6.32
CA SER A 66 2.33 -0.10 6.82
C SER A 66 1.42 0.75 5.92
N ASP A 67 2.02 1.62 5.11
CA ASP A 67 1.25 2.43 4.16
C ASP A 67 0.54 1.53 3.15
N LEU A 68 1.15 0.40 2.86
CA LEU A 68 0.59 -0.54 1.91
C LEU A 68 -0.27 -1.59 2.61
N ILE A 69 -0.06 -1.73 3.92
CA ILE A 69 -0.71 -2.79 4.70
C ILE A 69 -1.84 -2.20 5.57
N GLU A 70 -2.15 -0.91 5.37
CA GLU A 70 -3.22 -0.25 6.12
C GLU A 70 -4.51 -1.07 6.15
N ASP A 71 -5.25 -0.89 7.23
CA ASP A 71 -6.52 -1.57 7.43
C ASP A 71 -7.49 -0.61 8.11
N LYS A 72 -8.74 -0.59 7.65
CA LYS A 72 -9.72 0.34 8.19
C LYS A 72 -10.82 -0.36 8.97
N LYS A 73 -10.59 -1.61 9.33
CA LYS A 73 -11.46 -2.32 10.25
C LYS A 73 -10.96 -2.05 11.67
N LEU A 74 -9.94 -1.22 11.74
CA LEU A 74 -9.38 -0.77 12.99
C LEU A 74 -10.04 0.54 13.37
N ASN A 75 -11.16 0.41 14.07
CA ASN A 75 -12.00 1.54 14.45
C ASN A 75 -12.76 2.03 13.21
N ILE A 76 -14.04 1.65 13.14
CA ILE A 76 -14.83 1.85 11.93
C ILE A 76 -15.20 3.32 11.72
N ASP A 77 -14.99 3.78 10.50
CA ASP A 77 -15.39 5.11 10.08
C ASP A 77 -16.03 4.99 8.70
N THR A 78 -17.35 4.91 8.70
CA THR A 78 -18.14 4.56 7.52
C THR A 78 -17.76 5.34 6.27
N VAL A 79 -17.11 4.65 5.35
CA VAL A 79 -16.85 5.18 4.01
C VAL A 79 -17.64 4.37 2.98
N PRO A 80 -18.91 4.77 2.75
CA PRO A 80 -19.84 4.00 1.93
C PRO A 80 -19.58 4.15 0.43
N ILE A 81 -19.67 3.03 -0.28
CA ILE A 81 -19.61 3.03 -1.72
C ILE A 81 -20.98 2.68 -2.26
N GLU A 82 -21.50 3.51 -3.14
CA GLU A 82 -22.80 3.28 -3.72
C GLU A 82 -22.69 2.38 -4.94
N SER A 83 -22.58 1.09 -4.67
CA SER A 83 -22.49 0.09 -5.72
C SER A 83 -23.14 -1.21 -5.24
N GLY A 84 -22.88 -2.31 -5.93
CA GLY A 84 -23.50 -3.56 -5.56
C GLY A 84 -22.68 -4.38 -4.58
N TYR A 85 -23.15 -4.47 -3.34
CA TYR A 85 -22.51 -5.32 -2.35
C TYR A 85 -22.98 -6.76 -2.51
N THR A 86 -22.53 -7.40 -3.57
CA THR A 86 -22.90 -8.78 -3.85
C THR A 86 -22.22 -9.72 -2.86
N LEU A 87 -23.01 -10.33 -1.99
CA LEU A 87 -22.47 -11.20 -0.96
C LEU A 87 -22.32 -12.62 -1.48
N GLU A 88 -21.11 -12.98 -1.85
CA GLU A 88 -20.81 -14.33 -2.29
C GLU A 88 -20.85 -15.25 -1.06
N HIS A 89 -21.42 -16.44 -1.22
CA HIS A 89 -21.67 -17.29 -0.07
C HIS A 89 -21.30 -18.75 -0.33
N HIS A 90 -20.29 -19.21 0.39
CA HIS A 90 -19.88 -20.60 0.38
C HIS A 90 -20.06 -21.20 1.76
N HIS A 91 -19.40 -22.31 2.04
CA HIS A 91 -19.54 -22.97 3.34
C HIS A 91 -18.39 -22.59 4.25
N HIS A 92 -18.52 -22.97 5.51
CA HIS A 92 -17.47 -22.73 6.49
C HIS A 92 -16.43 -23.85 6.40
N HIS A 93 -15.24 -23.49 5.96
CA HIS A 93 -14.17 -24.46 5.80
C HIS A 93 -13.47 -24.70 7.13
N HIS A 94 -13.15 -25.95 7.40
CA HIS A 94 -12.46 -26.32 8.62
C HIS A 94 -11.37 -27.34 8.29
N MET A 1 -17.83 -5.81 -3.73
CA MET A 1 -17.19 -7.02 -4.28
C MET A 1 -16.77 -7.95 -3.16
N VAL A 2 -16.91 -9.25 -3.39
CA VAL A 2 -16.64 -10.26 -2.36
C VAL A 2 -15.16 -10.63 -2.31
N LYS A 3 -14.34 -9.92 -3.06
CA LYS A 3 -12.91 -10.20 -3.06
C LYS A 3 -12.21 -9.57 -1.86
N ASP A 4 -10.89 -9.69 -1.84
CA ASP A 4 -10.08 -9.27 -0.71
C ASP A 4 -10.18 -7.77 -0.47
N LYS A 5 -10.76 -7.40 0.66
CA LYS A 5 -10.85 -6.02 1.08
C LYS A 5 -9.46 -5.48 1.40
N GLN A 6 -8.69 -6.26 2.15
CA GLN A 6 -7.35 -5.87 2.56
C GLN A 6 -6.45 -5.65 1.34
N LYS A 7 -6.54 -6.58 0.40
CA LYS A 7 -5.72 -6.53 -0.80
C LYS A 7 -6.17 -5.39 -1.72
N ALA A 8 -7.47 -5.11 -1.68
CA ALA A 8 -8.02 -3.97 -2.44
C ALA A 8 -7.46 -2.67 -1.89
N ILE A 9 -7.38 -2.57 -0.57
CA ILE A 9 -6.80 -1.39 0.08
C ILE A 9 -5.33 -1.26 -0.29
N PHE A 10 -4.59 -2.34 -0.09
CA PHE A 10 -3.15 -2.37 -0.39
C PHE A 10 -2.87 -1.93 -1.82
N SER A 11 -3.59 -2.52 -2.78
CA SER A 11 -3.39 -2.21 -4.18
C SER A 11 -3.77 -0.77 -4.50
N GLU A 12 -4.90 -0.31 -3.96
CA GLU A 12 -5.35 1.06 -4.18
C GLU A 12 -4.35 2.05 -3.61
N ASN A 13 -3.89 1.79 -2.39
CA ASN A 13 -2.89 2.63 -1.73
C ASN A 13 -1.62 2.68 -2.56
N LEU A 14 -1.06 1.51 -2.87
CA LEU A 14 0.17 1.41 -3.65
C LEU A 14 0.01 2.08 -5.01
N ASN A 15 -1.12 1.81 -5.66
CA ASN A 15 -1.42 2.35 -6.98
C ASN A 15 -1.35 3.88 -6.97
N SER A 16 -1.76 4.47 -5.85
CA SER A 16 -1.79 5.92 -5.69
C SER A 16 -0.39 6.51 -5.87
N TYR A 17 0.61 5.86 -5.28
CA TYR A 17 1.98 6.32 -5.36
C TYR A 17 2.56 6.05 -6.75
N ILE A 18 2.18 4.92 -7.32
CA ILE A 18 2.69 4.51 -8.63
C ILE A 18 2.22 5.47 -9.73
N ALA A 19 0.92 5.72 -9.76
CA ALA A 19 0.33 6.54 -10.81
C ALA A 19 0.58 8.02 -10.57
N LYS A 20 1.14 8.35 -9.42
CA LYS A 20 1.44 9.74 -9.09
C LYS A 20 2.84 10.10 -9.52
N SER A 21 3.65 9.07 -9.78
CA SER A 21 5.04 9.27 -10.14
C SER A 21 5.20 9.37 -11.65
N GLU A 22 6.27 10.03 -12.08
CA GLU A 22 6.64 10.09 -13.48
C GLU A 22 7.37 8.82 -13.88
N LYS A 23 7.77 8.05 -12.87
CA LYS A 23 8.39 6.77 -13.07
C LYS A 23 7.31 5.70 -13.09
N THR A 24 7.23 4.98 -14.21
CA THR A 24 6.13 4.06 -14.43
C THR A 24 6.35 2.74 -13.72
N GLN A 25 5.36 1.86 -13.86
CA GLN A 25 5.45 0.50 -13.33
C GLN A 25 6.72 -0.19 -13.82
N LEU A 26 7.11 0.16 -15.03
CA LEU A 26 8.30 -0.40 -15.64
C LEU A 26 9.56 0.12 -14.95
N GLU A 27 9.59 1.42 -14.68
CA GLU A 27 10.73 2.05 -14.02
C GLU A 27 10.96 1.46 -12.63
N ILE A 28 9.89 1.40 -11.84
CA ILE A 28 9.99 0.96 -10.46
C ILE A 28 10.40 -0.51 -10.38
N ALA A 29 9.81 -1.34 -11.25
CA ALA A 29 10.10 -2.77 -11.25
C ALA A 29 11.58 -3.05 -11.47
N LYS A 30 12.21 -2.26 -12.33
CA LYS A 30 13.63 -2.41 -12.65
C LYS A 30 14.50 -2.18 -11.41
N SER A 31 14.11 -1.23 -10.59
CA SER A 31 14.86 -0.91 -9.38
C SER A 31 14.59 -1.93 -8.26
N ILE A 32 13.36 -2.42 -8.21
CA ILE A 32 12.97 -3.41 -7.21
C ILE A 32 13.65 -4.75 -7.48
N GLY A 33 13.64 -5.15 -8.75
CA GLY A 33 14.27 -6.40 -9.12
C GLY A 33 13.29 -7.41 -9.67
N VAL A 34 12.18 -6.92 -10.19
CA VAL A 34 11.14 -7.77 -10.74
C VAL A 34 10.76 -7.32 -12.15
N SER A 35 9.88 -8.06 -12.78
CA SER A 35 9.39 -7.68 -14.10
C SER A 35 8.18 -6.77 -13.94
N PRO A 36 7.90 -5.92 -14.94
CA PRO A 36 6.72 -5.05 -14.93
C PRO A 36 5.43 -5.83 -14.76
N GLN A 37 5.46 -7.09 -15.20
CA GLN A 37 4.33 -7.99 -15.07
C GLN A 37 4.06 -8.32 -13.60
N THR A 38 5.14 -8.53 -12.85
CA THR A 38 5.04 -8.84 -11.44
C THR A 38 4.48 -7.65 -10.68
N PHE A 39 4.96 -6.48 -11.08
CA PHE A 39 4.51 -5.22 -10.49
C PHE A 39 3.04 -4.97 -10.86
N ASN A 40 2.67 -5.39 -12.06
CA ASN A 40 1.33 -5.21 -12.58
C ASN A 40 0.31 -6.00 -11.75
N THR A 41 0.71 -7.15 -11.22
CA THR A 41 -0.20 -7.99 -10.45
C THR A 41 -0.56 -7.31 -9.13
N TRP A 42 0.42 -6.63 -8.53
CA TRP A 42 0.18 -5.89 -7.29
C TRP A 42 -0.74 -4.69 -7.57
N CYS A 43 -0.55 -4.10 -8.75
CA CYS A 43 -1.37 -2.99 -9.20
C CYS A 43 -2.82 -3.43 -9.37
N LYS A 44 -3.00 -4.66 -9.83
CA LYS A 44 -4.32 -5.23 -10.01
C LYS A 44 -4.86 -5.80 -8.70
N GLY A 45 -4.01 -5.78 -7.67
CA GLY A 45 -4.40 -6.34 -6.38
C GLY A 45 -4.64 -7.84 -6.46
N ILE A 46 -3.89 -8.51 -7.31
CA ILE A 46 -4.02 -9.96 -7.47
C ILE A 46 -3.43 -10.68 -6.27
N ALA A 47 -2.18 -10.35 -5.96
CA ALA A 47 -1.49 -10.99 -4.85
C ALA A 47 -0.75 -9.94 -4.02
N ILE A 48 -0.21 -10.37 -2.89
CA ILE A 48 0.56 -9.48 -2.02
C ILE A 48 1.98 -10.02 -1.87
N PRO A 49 2.98 -9.17 -2.08
CA PRO A 49 4.38 -9.55 -1.95
C PRO A 49 4.78 -9.80 -0.49
N ARG A 50 5.80 -10.60 -0.30
CA ARG A 50 6.27 -10.88 1.04
C ARG A 50 7.25 -9.82 1.51
N MET A 51 7.59 -9.87 2.79
CA MET A 51 8.39 -8.82 3.45
C MET A 51 9.66 -8.48 2.67
N GLY A 52 10.26 -9.47 2.02
CA GLY A 52 11.48 -9.24 1.27
C GLY A 52 11.35 -8.11 0.25
N LYS A 53 10.25 -8.11 -0.50
CA LYS A 53 10.03 -7.08 -1.51
C LYS A 53 9.22 -5.91 -0.95
N VAL A 54 8.48 -6.14 0.12
CA VAL A 54 7.71 -5.07 0.76
C VAL A 54 8.64 -3.97 1.26
N GLN A 55 9.77 -4.37 1.86
CA GLN A 55 10.72 -3.40 2.37
C GLN A 55 11.37 -2.63 1.22
N ALA A 56 11.52 -3.31 0.09
CA ALA A 56 12.08 -2.68 -1.11
C ALA A 56 11.12 -1.63 -1.66
N LEU A 57 9.84 -2.00 -1.74
CA LEU A 57 8.81 -1.08 -2.20
C LEU A 57 8.72 0.14 -1.29
N ALA A 58 8.64 -0.11 0.01
CA ALA A 58 8.54 0.97 1.00
C ALA A 58 9.79 1.84 0.98
N ASP A 59 10.92 1.25 0.61
CA ASP A 59 12.18 1.97 0.57
C ASP A 59 12.24 2.91 -0.63
N TYR A 60 11.70 2.45 -1.76
CA TYR A 60 11.73 3.22 -2.99
C TYR A 60 10.76 4.40 -2.91
N PHE A 61 9.67 4.22 -2.18
CA PHE A 61 8.71 5.30 -1.97
C PHE A 61 9.03 6.06 -0.69
N ASN A 62 10.01 5.56 0.06
CA ASN A 62 10.48 6.17 1.30
C ASN A 62 9.35 6.32 2.32
N ILE A 63 8.53 5.28 2.42
CA ILE A 63 7.41 5.27 3.35
C ILE A 63 7.50 4.09 4.31
N ASN A 64 6.55 3.99 5.22
CA ASN A 64 6.58 2.94 6.24
C ASN A 64 5.68 1.78 5.85
N LYS A 65 5.78 0.68 6.59
CA LYS A 65 4.92 -0.47 6.38
C LYS A 65 3.44 -0.07 6.50
N SER A 66 3.16 0.83 7.42
CA SER A 66 1.82 1.28 7.70
C SER A 66 1.19 1.96 6.47
N ASP A 67 1.97 2.81 5.82
CA ASP A 67 1.48 3.62 4.69
C ASP A 67 1.00 2.74 3.53
N LEU A 68 1.51 1.52 3.47
CA LEU A 68 1.14 0.60 2.41
C LEU A 68 -0.06 -0.26 2.78
N ILE A 69 -0.21 -0.56 4.05
CA ILE A 69 -1.20 -1.54 4.49
C ILE A 69 -2.53 -0.92 4.89
N GLU A 70 -2.51 0.09 5.76
CA GLU A 70 -3.74 0.63 6.29
C GLU A 70 -4.32 1.73 5.39
N ASP A 71 -5.65 1.81 5.38
CA ASP A 71 -6.36 2.73 4.49
C ASP A 71 -6.46 4.11 5.10
N LYS A 72 -6.71 5.10 4.25
CA LYS A 72 -6.77 6.50 4.67
C LYS A 72 -8.12 6.85 5.29
N LYS A 73 -9.05 5.90 5.30
CA LYS A 73 -10.32 6.11 5.95
C LYS A 73 -10.23 5.80 7.45
N LEU A 74 -9.00 5.75 7.93
CA LEU A 74 -8.73 5.57 9.35
C LEU A 74 -8.58 6.93 10.03
N ASN A 75 -8.88 7.97 9.29
CA ASN A 75 -8.87 9.31 9.82
C ASN A 75 -10.16 9.54 10.58
N ILE A 76 -10.07 10.27 11.67
CA ILE A 76 -11.25 10.60 12.45
C ILE A 76 -12.21 11.40 11.60
N ASP A 77 -13.35 10.80 11.32
CA ASP A 77 -14.33 11.39 10.42
C ASP A 77 -15.72 10.85 10.70
N THR A 78 -16.55 11.69 11.30
CA THR A 78 -17.95 11.35 11.56
C THR A 78 -18.05 10.18 12.55
N VAL A 79 -17.01 9.97 13.32
CA VAL A 79 -16.97 8.87 14.28
C VAL A 79 -16.45 9.37 15.64
N PRO A 80 -17.35 9.90 16.48
CA PRO A 80 -17.02 10.29 17.85
C PRO A 80 -16.88 9.06 18.73
N ILE A 81 -15.66 8.81 19.20
CA ILE A 81 -15.37 7.64 20.01
C ILE A 81 -16.14 7.68 21.34
N GLU A 82 -16.67 6.54 21.74
CA GLU A 82 -17.49 6.44 22.94
C GLU A 82 -16.60 6.20 24.18
N SER A 83 -15.33 6.54 24.06
CA SER A 83 -14.38 6.38 25.15
C SER A 83 -13.23 7.36 25.00
N GLY A 84 -12.37 7.44 25.99
CA GLY A 84 -11.21 8.28 25.90
C GLY A 84 -11.39 9.60 26.61
N TYR A 85 -11.94 9.55 27.82
CA TYR A 85 -12.05 10.74 28.64
C TYR A 85 -10.69 11.07 29.23
N THR A 86 -10.26 12.31 29.10
CA THR A 86 -8.95 12.70 29.57
C THR A 86 -8.95 13.03 31.06
N LEU A 87 -8.80 12.01 31.88
CA LEU A 87 -8.64 12.18 33.31
C LEU A 87 -7.16 12.16 33.65
N GLU A 88 -6.84 12.13 34.93
CA GLU A 88 -5.45 12.21 35.37
C GLU A 88 -4.69 10.92 35.08
N HIS A 89 -3.92 10.93 34.01
CA HIS A 89 -3.05 9.81 33.65
C HIS A 89 -1.67 10.32 33.27
N HIS A 90 -0.73 9.40 33.07
CA HIS A 90 0.61 9.76 32.64
C HIS A 90 0.58 10.28 31.21
N HIS A 91 1.37 11.30 30.93
CA HIS A 91 1.39 11.90 29.61
C HIS A 91 2.61 11.45 28.82
N HIS A 92 3.79 11.67 29.38
CA HIS A 92 5.03 11.35 28.70
C HIS A 92 5.86 10.37 29.53
N HIS A 93 6.07 9.18 28.98
CA HIS A 93 6.83 8.15 29.70
C HIS A 93 8.27 8.08 29.17
N HIS A 94 9.02 9.15 29.42
CA HIS A 94 10.44 9.20 29.08
C HIS A 94 11.00 10.55 29.47
N MET A 1 -19.42 -7.79 -0.26
CA MET A 1 -19.55 -8.82 0.79
C MET A 1 -18.22 -9.54 1.00
N VAL A 2 -17.70 -10.17 -0.05
CA VAL A 2 -16.48 -10.96 0.05
C VAL A 2 -15.37 -10.34 -0.78
N LYS A 3 -14.42 -9.72 -0.10
CA LYS A 3 -13.29 -9.08 -0.75
C LYS A 3 -12.16 -8.87 0.23
N ASP A 4 -10.97 -9.35 -0.11
CA ASP A 4 -9.78 -9.11 0.69
C ASP A 4 -9.46 -7.62 0.67
N LYS A 5 -9.90 -6.89 1.68
CA LYS A 5 -9.69 -5.46 1.70
C LYS A 5 -8.21 -5.14 1.88
N GLN A 6 -7.48 -6.02 2.58
CA GLN A 6 -6.04 -5.88 2.72
C GLN A 6 -5.39 -5.85 1.35
N LYS A 7 -5.80 -6.79 0.50
CA LYS A 7 -5.27 -6.91 -0.86
C LYS A 7 -5.63 -5.67 -1.68
N ALA A 8 -6.83 -5.15 -1.44
CA ALA A 8 -7.32 -3.98 -2.17
C ALA A 8 -6.68 -2.70 -1.65
N ILE A 9 -6.41 -2.64 -0.35
CA ILE A 9 -5.79 -1.46 0.25
C ILE A 9 -4.32 -1.35 -0.16
N PHE A 10 -3.59 -2.46 -0.07
CA PHE A 10 -2.18 -2.49 -0.44
C PHE A 10 -1.99 -1.98 -1.87
N SER A 11 -2.82 -2.49 -2.78
CA SER A 11 -2.76 -2.09 -4.17
C SER A 11 -3.23 -0.65 -4.36
N GLU A 12 -4.31 -0.30 -3.68
CA GLU A 12 -4.88 1.05 -3.77
C GLU A 12 -3.85 2.10 -3.36
N ASN A 13 -3.23 1.90 -2.20
CA ASN A 13 -2.23 2.83 -1.70
C ASN A 13 -1.08 2.96 -2.68
N LEU A 14 -0.48 1.83 -3.02
CA LEU A 14 0.66 1.81 -3.92
C LEU A 14 0.33 2.48 -5.26
N ASN A 15 -0.79 2.07 -5.85
CA ASN A 15 -1.20 2.57 -7.17
C ASN A 15 -1.43 4.08 -7.13
N SER A 16 -1.98 4.57 -6.02
CA SER A 16 -2.24 6.00 -5.89
C SER A 16 -0.95 6.79 -5.80
N TYR A 17 0.04 6.26 -5.07
CA TYR A 17 1.33 6.91 -4.95
C TYR A 17 2.05 6.92 -6.28
N ILE A 18 1.96 5.82 -7.02
CA ILE A 18 2.57 5.72 -8.34
C ILE A 18 2.09 6.85 -9.26
N ALA A 19 0.79 7.10 -9.22
CA ALA A 19 0.19 8.13 -10.05
C ALA A 19 0.56 9.54 -9.58
N LYS A 20 0.80 9.68 -8.29
CA LYS A 20 1.17 10.97 -7.71
C LYS A 20 2.65 11.26 -7.92
N SER A 21 3.48 10.24 -7.77
CA SER A 21 4.89 10.36 -8.04
C SER A 21 5.12 10.56 -9.54
N GLU A 22 4.22 9.98 -10.34
CA GLU A 22 4.29 10.04 -11.78
C GLU A 22 5.59 9.44 -12.28
N LYS A 23 5.70 8.13 -12.14
CA LYS A 23 6.88 7.40 -12.57
C LYS A 23 6.43 6.18 -13.34
N THR A 24 7.30 5.64 -14.19
CA THR A 24 6.95 4.49 -15.00
C THR A 24 6.95 3.21 -14.16
N GLN A 25 5.93 2.38 -14.37
CA GLN A 25 5.79 1.12 -13.63
C GLN A 25 6.99 0.22 -13.87
N LEU A 26 7.42 0.17 -15.13
CA LEU A 26 8.58 -0.60 -15.53
C LEU A 26 9.82 -0.17 -14.73
N GLU A 27 9.99 1.14 -14.59
CA GLU A 27 11.11 1.71 -13.86
C GLU A 27 11.10 1.22 -12.42
N ILE A 28 9.95 1.34 -11.77
CA ILE A 28 9.81 0.92 -10.38
C ILE A 28 10.14 -0.55 -10.21
N ALA A 29 9.57 -1.38 -11.07
CA ALA A 29 9.79 -2.82 -11.03
C ALA A 29 11.26 -3.15 -11.29
N LYS A 30 11.87 -2.41 -12.21
CA LYS A 30 13.28 -2.59 -12.55
C LYS A 30 14.15 -2.26 -11.34
N SER A 31 13.80 -1.21 -10.62
CA SER A 31 14.56 -0.78 -9.45
C SER A 31 14.38 -1.76 -8.29
N ILE A 32 13.31 -2.55 -8.36
CA ILE A 32 13.07 -3.59 -7.36
C ILE A 32 13.88 -4.83 -7.67
N GLY A 33 13.88 -5.21 -8.95
CA GLY A 33 14.53 -6.44 -9.36
C GLY A 33 13.54 -7.47 -9.84
N VAL A 34 12.38 -6.99 -10.26
CA VAL A 34 11.33 -7.86 -10.77
C VAL A 34 10.90 -7.40 -12.16
N SER A 35 9.89 -8.05 -12.72
CA SER A 35 9.40 -7.71 -14.03
C SER A 35 8.12 -6.88 -13.92
N PRO A 36 7.79 -6.08 -14.95
CA PRO A 36 6.56 -5.27 -14.96
C PRO A 36 5.30 -6.14 -14.77
N GLN A 37 5.36 -7.38 -15.23
CA GLN A 37 4.27 -8.33 -15.01
C GLN A 37 4.10 -8.61 -13.52
N THR A 38 5.22 -8.72 -12.83
CA THR A 38 5.21 -8.99 -11.40
C THR A 38 4.64 -7.78 -10.67
N PHE A 39 5.02 -6.61 -11.15
CA PHE A 39 4.53 -5.36 -10.62
C PHE A 39 3.02 -5.23 -10.86
N ASN A 40 2.59 -5.75 -12.00
CA ASN A 40 1.19 -5.70 -12.39
C ASN A 40 0.32 -6.49 -11.44
N THR A 41 0.81 -7.63 -10.97
CA THR A 41 0.05 -8.48 -10.05
C THR A 41 -0.21 -7.76 -8.73
N TRP A 42 0.65 -6.80 -8.40
CA TRP A 42 0.50 -6.01 -7.20
C TRP A 42 -0.38 -4.80 -7.48
N CYS A 43 -0.15 -4.18 -8.64
CA CYS A 43 -0.85 -2.97 -9.03
C CYS A 43 -2.35 -3.23 -9.24
N LYS A 44 -2.67 -4.39 -9.79
CA LYS A 44 -4.06 -4.78 -10.00
C LYS A 44 -4.66 -5.38 -8.74
N GLY A 45 -3.85 -5.48 -7.69
CA GLY A 45 -4.32 -6.09 -6.46
C GLY A 45 -4.70 -7.55 -6.64
N ILE A 46 -3.83 -8.29 -7.32
CA ILE A 46 -4.07 -9.70 -7.57
C ILE A 46 -3.42 -10.55 -6.48
N ALA A 47 -2.16 -10.27 -6.20
CA ALA A 47 -1.42 -11.02 -5.22
C ALA A 47 -0.60 -10.07 -4.34
N ILE A 48 -0.33 -10.50 -3.11
CA ILE A 48 0.49 -9.72 -2.20
C ILE A 48 1.87 -10.36 -2.08
N PRO A 49 2.91 -9.56 -2.34
CA PRO A 49 4.30 -10.01 -2.24
C PRO A 49 4.73 -10.27 -0.80
N ARG A 50 5.91 -10.84 -0.64
CA ARG A 50 6.44 -11.10 0.69
C ARG A 50 7.30 -9.92 1.15
N MET A 51 7.66 -9.91 2.43
CA MET A 51 8.35 -8.77 3.04
C MET A 51 9.57 -8.33 2.26
N GLY A 52 10.36 -9.29 1.76
CA GLY A 52 11.58 -8.96 1.04
C GLY A 52 11.30 -8.08 -0.17
N LYS A 53 10.15 -8.26 -0.80
CA LYS A 53 9.78 -7.47 -1.96
C LYS A 53 9.11 -6.18 -1.52
N VAL A 54 8.36 -6.25 -0.44
CA VAL A 54 7.70 -5.08 0.14
C VAL A 54 8.75 -4.05 0.61
N GLN A 55 9.88 -4.54 1.09
CA GLN A 55 10.97 -3.68 1.52
C GLN A 55 11.48 -2.83 0.38
N ALA A 56 11.53 -3.42 -0.82
CA ALA A 56 11.99 -2.70 -2.00
C ALA A 56 10.99 -1.62 -2.40
N LEU A 57 9.71 -1.96 -2.31
CA LEU A 57 8.63 -1.01 -2.58
C LEU A 57 8.71 0.17 -1.63
N ALA A 58 8.82 -0.14 -0.34
CA ALA A 58 8.88 0.88 0.70
C ALA A 58 10.14 1.73 0.58
N ASP A 59 11.20 1.14 0.04
CA ASP A 59 12.48 1.83 -0.10
C ASP A 59 12.46 2.77 -1.30
N TYR A 60 11.85 2.31 -2.39
CA TYR A 60 11.75 3.10 -3.61
C TYR A 60 10.97 4.39 -3.35
N PHE A 61 9.89 4.28 -2.59
CA PHE A 61 9.09 5.45 -2.23
C PHE A 61 9.64 6.11 -0.98
N ASN A 62 10.54 5.40 -0.31
CA ASN A 62 11.28 5.92 0.85
C ASN A 62 10.34 6.31 1.99
N ILE A 63 9.24 5.59 2.13
CA ILE A 63 8.27 5.89 3.19
C ILE A 63 8.37 4.88 4.33
N ASN A 64 7.65 3.77 4.22
CA ASN A 64 7.70 2.69 5.19
C ASN A 64 6.84 1.54 4.70
N LYS A 65 7.03 0.36 5.28
CA LYS A 65 6.23 -0.80 4.94
C LYS A 65 4.80 -0.62 5.48
N SER A 66 4.68 0.11 6.57
CA SER A 66 3.41 0.34 7.21
C SER A 66 2.45 1.10 6.30
N ASP A 67 2.97 2.11 5.61
CA ASP A 67 2.16 2.97 4.74
C ASP A 67 1.53 2.18 3.60
N LEU A 68 2.16 1.07 3.23
CA LEU A 68 1.69 0.27 2.11
C LEU A 68 0.76 -0.85 2.57
N ILE A 69 1.10 -1.47 3.71
CA ILE A 69 0.37 -2.63 4.20
C ILE A 69 -0.94 -2.24 4.86
N GLU A 70 -0.93 -1.15 5.61
CA GLU A 70 -2.09 -0.76 6.38
C GLU A 70 -2.98 0.23 5.62
N ASP A 71 -4.13 0.53 6.21
CA ASP A 71 -5.14 1.37 5.56
C ASP A 71 -4.63 2.80 5.40
N LYS A 72 -5.26 3.54 4.50
CA LYS A 72 -4.86 4.90 4.18
C LYS A 72 -5.41 5.89 5.22
N LYS A 73 -5.76 5.38 6.38
CA LYS A 73 -6.33 6.18 7.45
C LYS A 73 -5.23 6.86 8.26
N LEU A 74 -4.02 6.84 7.71
CA LEU A 74 -2.87 7.46 8.34
C LEU A 74 -2.94 8.97 8.19
N ASN A 75 -3.75 9.58 9.03
CA ASN A 75 -3.95 11.01 9.02
C ASN A 75 -2.88 11.71 9.84
N ILE A 76 -1.98 12.39 9.16
CA ILE A 76 -0.91 13.12 9.83
C ILE A 76 -1.49 14.33 10.56
N ASP A 77 -0.83 14.76 11.64
CA ASP A 77 -1.33 15.87 12.47
C ASP A 77 -1.08 17.22 11.82
N THR A 78 -0.76 17.20 10.53
CA THR A 78 -0.51 18.41 9.78
C THR A 78 -1.83 18.97 9.22
N VAL A 79 -1.72 19.92 8.29
CA VAL A 79 -2.90 20.50 7.65
C VAL A 79 -3.06 19.97 6.21
N PRO A 80 -3.79 18.85 6.07
CA PRO A 80 -3.93 18.15 4.78
C PRO A 80 -4.49 19.03 3.67
N ILE A 81 -3.95 18.85 2.47
CA ILE A 81 -4.37 19.61 1.30
C ILE A 81 -5.81 19.29 0.94
N GLU A 82 -6.54 20.31 0.49
CA GLU A 82 -7.94 20.17 0.11
C GLU A 82 -8.13 19.08 -0.95
N SER A 83 -8.62 17.93 -0.52
CA SER A 83 -8.87 16.82 -1.42
C SER A 83 -10.19 16.17 -1.04
N GLY A 84 -11.01 15.87 -2.05
CA GLY A 84 -12.31 15.30 -1.80
C GLY A 84 -12.30 13.79 -1.86
N TYR A 85 -13.44 13.18 -1.59
CA TYR A 85 -13.56 11.73 -1.65
C TYR A 85 -14.94 11.36 -2.17
N THR A 86 -14.97 10.43 -3.12
CA THR A 86 -16.22 10.02 -3.73
C THR A 86 -16.76 8.75 -3.07
N LEU A 87 -18.05 8.77 -2.72
CA LEU A 87 -18.69 7.63 -2.06
C LEU A 87 -19.57 6.87 -3.04
N GLU A 88 -19.42 5.55 -3.05
CA GLU A 88 -20.25 4.70 -3.89
C GLU A 88 -21.65 4.56 -3.28
N HIS A 89 -22.66 4.81 -4.08
CA HIS A 89 -24.04 4.62 -3.66
C HIS A 89 -24.62 3.41 -4.36
N HIS A 90 -25.29 2.55 -3.61
CA HIS A 90 -25.84 1.32 -4.17
C HIS A 90 -27.13 1.59 -4.92
N HIS A 91 -27.95 2.48 -4.37
CA HIS A 91 -29.22 2.88 -4.99
C HIS A 91 -30.17 1.70 -5.14
N HIS A 92 -31.01 1.49 -4.13
CA HIS A 92 -32.04 0.47 -4.22
C HIS A 92 -33.36 1.05 -3.70
N HIS A 93 -34.32 1.19 -4.58
CA HIS A 93 -35.58 1.83 -4.23
C HIS A 93 -36.49 0.86 -3.50
N HIS A 94 -36.10 -0.40 -3.49
CA HIS A 94 -36.84 -1.43 -2.77
C HIS A 94 -35.86 -2.44 -2.19
N MET A 1 -15.04 -3.09 0.98
CA MET A 1 -13.93 -4.04 1.19
C MET A 1 -14.43 -5.29 1.91
N VAL A 2 -14.70 -6.34 1.16
CA VAL A 2 -15.17 -7.59 1.74
C VAL A 2 -14.48 -8.80 1.11
N LYS A 3 -14.01 -9.71 1.96
CA LYS A 3 -13.38 -10.96 1.52
C LYS A 3 -12.11 -10.73 0.70
N ASP A 4 -10.95 -10.94 1.35
CA ASP A 4 -9.64 -10.71 0.74
C ASP A 4 -9.42 -9.20 0.60
N LYS A 5 -10.04 -8.46 1.51
CA LYS A 5 -10.09 -7.01 1.46
C LYS A 5 -8.74 -6.37 1.73
N GLN A 6 -7.88 -7.07 2.45
CA GLN A 6 -6.56 -6.54 2.78
C GLN A 6 -5.77 -6.24 1.50
N LYS A 7 -5.91 -7.13 0.52
CA LYS A 7 -5.23 -6.98 -0.75
C LYS A 7 -5.83 -5.85 -1.57
N ALA A 8 -7.11 -5.56 -1.35
CA ALA A 8 -7.79 -4.47 -2.04
C ALA A 8 -7.37 -3.13 -1.46
N ILE A 9 -7.18 -3.08 -0.14
CA ILE A 9 -6.74 -1.87 0.52
C ILE A 9 -5.31 -1.53 0.10
N PHE A 10 -4.43 -2.51 0.22
CA PHE A 10 -3.01 -2.36 -0.12
C PHE A 10 -2.83 -1.84 -1.54
N SER A 11 -3.53 -2.45 -2.48
CA SER A 11 -3.40 -2.09 -3.89
C SER A 11 -3.92 -0.70 -4.16
N GLU A 12 -5.11 -0.38 -3.65
CA GLU A 12 -5.72 0.93 -3.87
C GLU A 12 -4.78 2.05 -3.39
N ASN A 13 -4.14 1.83 -2.24
CA ASN A 13 -3.20 2.80 -1.70
C ASN A 13 -1.99 2.92 -2.61
N LEU A 14 -1.36 1.78 -2.89
CA LEU A 14 -0.16 1.74 -3.73
C LEU A 14 -0.46 2.32 -5.11
N ASN A 15 -1.64 2.03 -5.64
CA ASN A 15 -2.08 2.52 -6.94
C ASN A 15 -2.03 4.04 -6.97
N SER A 16 -2.43 4.66 -5.87
CA SER A 16 -2.46 6.11 -5.76
C SER A 16 -1.05 6.68 -5.82
N TYR A 17 -0.11 6.04 -5.12
CA TYR A 17 1.28 6.49 -5.10
C TYR A 17 1.90 6.34 -6.48
N ILE A 18 1.55 5.26 -7.16
CA ILE A 18 2.08 4.98 -8.49
C ILE A 18 1.48 5.95 -9.53
N ALA A 19 0.18 6.21 -9.42
CA ALA A 19 -0.51 7.10 -10.34
C ALA A 19 -0.03 8.54 -10.17
N LYS A 20 0.38 8.89 -8.96
CA LYS A 20 0.92 10.22 -8.66
C LYS A 20 2.29 10.38 -9.28
N SER A 21 3.00 9.26 -9.36
CA SER A 21 4.36 9.26 -9.86
C SER A 21 4.42 9.60 -11.35
N GLU A 22 5.45 10.32 -11.73
CA GLU A 22 5.68 10.68 -13.13
C GLU A 22 6.50 9.58 -13.83
N LYS A 23 6.84 8.54 -13.07
CA LYS A 23 7.69 7.48 -13.56
C LYS A 23 6.86 6.35 -14.18
N THR A 24 7.56 5.31 -14.61
CA THR A 24 6.93 4.16 -15.25
C THR A 24 6.86 2.98 -14.29
N GLN A 25 5.86 2.14 -14.47
CA GLN A 25 5.70 0.95 -13.63
C GLN A 25 6.85 -0.01 -13.89
N LEU A 26 7.21 -0.14 -15.16
CA LEU A 26 8.35 -0.93 -15.58
C LEU A 26 9.59 -0.44 -14.87
N GLU A 27 9.76 0.87 -14.89
CA GLU A 27 10.88 1.56 -14.31
C GLU A 27 10.96 1.32 -12.80
N ILE A 28 9.82 1.38 -12.13
CA ILE A 28 9.76 1.11 -10.69
C ILE A 28 10.13 -0.35 -10.42
N ALA A 29 9.44 -1.27 -11.08
CA ALA A 29 9.64 -2.71 -10.88
C ALA A 29 11.07 -3.14 -11.18
N LYS A 30 11.62 -2.60 -12.26
CA LYS A 30 12.97 -2.93 -12.69
C LYS A 30 13.97 -2.53 -11.61
N SER A 31 13.74 -1.38 -10.99
CA SER A 31 14.62 -0.91 -9.94
C SER A 31 14.45 -1.73 -8.66
N ILE A 32 13.26 -2.29 -8.48
CA ILE A 32 12.98 -3.16 -7.34
C ILE A 32 13.72 -4.49 -7.48
N GLY A 33 13.67 -5.04 -8.69
CA GLY A 33 14.30 -6.33 -8.95
C GLY A 33 13.28 -7.37 -9.35
N VAL A 34 12.13 -6.91 -9.81
CA VAL A 34 11.07 -7.80 -10.27
C VAL A 34 10.61 -7.40 -11.65
N SER A 35 9.81 -8.24 -12.26
CA SER A 35 9.29 -7.97 -13.59
C SER A 35 8.06 -7.06 -13.51
N PRO A 36 7.90 -6.15 -14.49
CA PRO A 36 6.73 -5.28 -14.57
C PRO A 36 5.43 -6.08 -14.66
N GLN A 37 5.53 -7.28 -15.23
CA GLN A 37 4.39 -8.20 -15.30
C GLN A 37 3.88 -8.52 -13.90
N THR A 38 4.82 -8.69 -12.97
CA THR A 38 4.49 -9.03 -11.60
C THR A 38 4.03 -7.77 -10.85
N PHE A 39 4.67 -6.66 -11.17
CA PHE A 39 4.36 -5.38 -10.55
C PHE A 39 2.92 -4.96 -10.86
N ASN A 40 2.48 -5.27 -12.09
CA ASN A 40 1.13 -4.94 -12.52
C ASN A 40 0.09 -5.64 -11.66
N THR A 41 0.32 -6.91 -11.34
CA THR A 41 -0.62 -7.68 -10.55
C THR A 41 -0.69 -7.18 -9.11
N TRP A 42 0.39 -6.56 -8.64
CA TRP A 42 0.38 -5.95 -7.32
C TRP A 42 -0.46 -4.69 -7.34
N CYS A 43 -0.29 -3.91 -8.40
CA CYS A 43 -0.98 -2.64 -8.55
C CYS A 43 -2.48 -2.85 -8.74
N LYS A 44 -2.86 -3.98 -9.32
CA LYS A 44 -4.27 -4.30 -9.51
C LYS A 44 -4.84 -5.04 -8.33
N GLY A 45 -4.02 -5.28 -7.31
CA GLY A 45 -4.48 -5.95 -6.11
C GLY A 45 -4.68 -7.44 -6.29
N ILE A 46 -4.18 -7.97 -7.38
CA ILE A 46 -4.32 -9.39 -7.69
C ILE A 46 -3.52 -10.22 -6.67
N ALA A 47 -2.29 -9.78 -6.40
CA ALA A 47 -1.42 -10.49 -5.47
C ALA A 47 -0.59 -9.51 -4.66
N ILE A 48 -0.08 -9.98 -3.54
CA ILE A 48 0.82 -9.20 -2.70
C ILE A 48 2.18 -9.88 -2.61
N PRO A 49 3.27 -9.11 -2.77
CA PRO A 49 4.64 -9.64 -2.71
C PRO A 49 5.05 -10.02 -1.29
N ARG A 50 6.18 -10.70 -1.17
CA ARG A 50 6.70 -11.08 0.13
C ARG A 50 7.56 -9.97 0.74
N MET A 51 8.03 -10.19 1.97
CA MET A 51 8.72 -9.15 2.75
C MET A 51 9.84 -8.48 1.97
N GLY A 52 10.69 -9.28 1.34
CA GLY A 52 11.82 -8.76 0.60
C GLY A 52 11.45 -7.79 -0.49
N LYS A 53 10.25 -7.97 -1.05
CA LYS A 53 9.76 -7.11 -2.10
C LYS A 53 9.02 -5.92 -1.51
N VAL A 54 8.27 -6.17 -0.44
CA VAL A 54 7.53 -5.11 0.25
C VAL A 54 8.49 -4.06 0.81
N GLN A 55 9.59 -4.52 1.39
CA GLN A 55 10.59 -3.61 1.94
C GLN A 55 11.24 -2.79 0.84
N ALA A 56 11.38 -3.38 -0.34
CA ALA A 56 11.93 -2.67 -1.48
C ALA A 56 10.97 -1.59 -1.96
N LEU A 57 9.68 -1.94 -1.99
CA LEU A 57 8.64 -0.99 -2.38
C LEU A 57 8.57 0.17 -1.38
N ALA A 58 8.53 -0.18 -0.09
CA ALA A 58 8.45 0.83 0.96
C ALA A 58 9.69 1.72 0.97
N ASP A 59 10.82 1.16 0.57
CA ASP A 59 12.06 1.92 0.53
C ASP A 59 12.11 2.79 -0.72
N TYR A 60 11.56 2.27 -1.81
CA TYR A 60 11.54 2.98 -3.09
C TYR A 60 10.81 4.32 -2.95
N PHE A 61 9.72 4.32 -2.20
CA PHE A 61 8.95 5.54 -1.98
C PHE A 61 9.38 6.23 -0.68
N ASN A 62 10.24 5.56 0.07
CA ASN A 62 10.68 6.00 1.40
C ASN A 62 9.47 6.22 2.31
N ILE A 63 8.81 5.14 2.65
CA ILE A 63 7.64 5.15 3.52
C ILE A 63 7.69 3.98 4.49
N ASN A 64 6.64 3.81 5.28
CA ASN A 64 6.59 2.73 6.24
C ASN A 64 5.61 1.67 5.76
N LYS A 65 5.47 0.59 6.52
CA LYS A 65 4.52 -0.46 6.17
C LYS A 65 3.09 0.05 6.30
N SER A 66 2.86 0.91 7.30
CA SER A 66 1.53 1.41 7.60
C SER A 66 0.94 2.17 6.42
N ASP A 67 1.78 2.93 5.72
CA ASP A 67 1.32 3.77 4.61
C ASP A 67 0.60 2.95 3.54
N LEU A 68 1.04 1.72 3.34
CA LEU A 68 0.45 0.86 2.32
C LEU A 68 -0.64 -0.04 2.90
N ILE A 69 -0.52 -0.39 4.18
CA ILE A 69 -1.41 -1.38 4.80
C ILE A 69 -2.68 -0.75 5.36
N GLU A 70 -2.56 0.45 5.92
CA GLU A 70 -3.70 1.12 6.52
C GLU A 70 -4.59 1.71 5.43
N ASP A 71 -5.89 1.76 5.69
CA ASP A 71 -6.84 2.24 4.68
C ASP A 71 -6.84 3.77 4.63
N LYS A 72 -7.47 4.30 3.60
CA LYS A 72 -7.44 5.73 3.31
C LYS A 72 -8.42 6.51 4.18
N LYS A 73 -8.68 6.01 5.38
CA LYS A 73 -9.47 6.73 6.36
C LYS A 73 -8.54 7.67 7.13
N LEU A 74 -7.68 8.34 6.37
CA LEU A 74 -6.63 9.16 6.93
C LEU A 74 -7.16 10.49 7.43
N ASN A 75 -7.80 10.46 8.58
CA ASN A 75 -8.21 11.68 9.26
C ASN A 75 -7.11 12.09 10.24
N ILE A 76 -5.89 11.79 9.84
CA ILE A 76 -4.71 12.07 10.65
C ILE A 76 -4.31 13.53 10.49
N ASP A 77 -3.42 14.01 11.38
CA ASP A 77 -2.95 15.40 11.34
C ASP A 77 -2.02 15.65 10.16
N THR A 78 -1.94 14.69 9.27
CA THR A 78 -1.15 14.79 8.07
C THR A 78 -1.94 15.54 6.99
N VAL A 79 -1.50 15.45 5.74
CA VAL A 79 -2.21 16.06 4.63
C VAL A 79 -2.92 14.99 3.78
N PRO A 80 -4.17 14.66 4.13
CA PRO A 80 -4.95 13.64 3.42
C PRO A 80 -5.04 13.92 1.92
N ILE A 81 -4.44 13.03 1.14
CA ILE A 81 -4.39 13.20 -0.30
C ILE A 81 -5.65 12.58 -0.94
N GLU A 82 -5.97 13.04 -2.14
CA GLU A 82 -7.06 12.46 -2.91
C GLU A 82 -6.70 11.04 -3.37
N SER A 83 -7.33 10.06 -2.74
CA SER A 83 -7.05 8.66 -3.03
C SER A 83 -8.13 8.11 -3.96
N GLY A 84 -8.07 6.81 -4.22
CA GLY A 84 -8.99 6.19 -5.15
C GLY A 84 -10.14 5.49 -4.47
N TYR A 85 -11.31 5.58 -5.06
CA TYR A 85 -12.49 4.90 -4.55
C TYR A 85 -12.56 3.51 -5.17
N THR A 86 -12.45 2.50 -4.33
CA THR A 86 -12.40 1.12 -4.79
C THR A 86 -13.73 0.69 -5.40
N LEU A 87 -13.66 0.21 -6.62
CA LEU A 87 -14.81 -0.36 -7.29
C LEU A 87 -14.76 -1.88 -7.15
N GLU A 88 -15.47 -2.40 -6.18
CA GLU A 88 -15.43 -3.83 -5.89
C GLU A 88 -16.72 -4.50 -6.37
N HIS A 89 -16.72 -4.91 -7.63
CA HIS A 89 -17.86 -5.57 -8.23
C HIS A 89 -17.60 -7.08 -8.26
N HIS A 90 -16.46 -7.46 -7.71
CA HIS A 90 -16.07 -8.86 -7.66
C HIS A 90 -15.86 -9.32 -6.22
N HIS A 91 -15.88 -10.62 -6.02
CA HIS A 91 -15.49 -11.21 -4.75
C HIS A 91 -14.36 -12.21 -5.01
N HIS A 92 -13.37 -12.24 -4.14
CA HIS A 92 -12.26 -13.16 -4.35
C HIS A 92 -12.49 -14.46 -3.58
N HIS A 93 -12.23 -14.43 -2.26
CA HIS A 93 -12.39 -15.60 -1.41
C HIS A 93 -11.37 -16.71 -1.74
N HIS A 94 -10.88 -17.34 -0.69
CA HIS A 94 -9.95 -18.46 -0.81
C HIS A 94 -9.94 -19.27 0.49
N MET A 1 -19.06 -9.20 3.60
CA MET A 1 -19.19 -9.83 2.27
C MET A 1 -17.90 -9.67 1.49
N VAL A 2 -17.87 -10.26 0.29
CA VAL A 2 -16.75 -10.10 -0.64
C VAL A 2 -15.52 -10.90 -0.21
N LYS A 3 -15.00 -10.60 0.99
CA LYS A 3 -13.76 -11.21 1.49
C LYS A 3 -12.58 -10.74 0.63
N ASP A 4 -11.36 -11.15 0.98
CA ASP A 4 -10.18 -10.87 0.14
C ASP A 4 -9.89 -9.36 0.13
N LYS A 5 -10.17 -8.74 1.28
CA LYS A 5 -10.13 -7.28 1.46
C LYS A 5 -8.70 -6.73 1.44
N GLN A 6 -7.74 -7.58 1.79
CA GLN A 6 -6.34 -7.14 1.95
C GLN A 6 -5.76 -6.54 0.67
N LYS A 7 -6.03 -7.19 -0.47
CA LYS A 7 -5.48 -6.72 -1.74
C LYS A 7 -6.02 -5.35 -2.12
N ALA A 8 -7.28 -5.12 -1.82
CA ALA A 8 -7.93 -3.85 -2.11
C ALA A 8 -7.19 -2.69 -1.47
N ILE A 9 -6.79 -2.87 -0.22
CA ILE A 9 -6.04 -1.84 0.49
C ILE A 9 -4.67 -1.64 -0.13
N PHE A 10 -3.95 -2.75 -0.30
CA PHE A 10 -2.61 -2.73 -0.87
C PHE A 10 -2.59 -2.05 -2.23
N SER A 11 -3.50 -2.46 -3.09
CA SER A 11 -3.60 -1.91 -4.43
C SER A 11 -3.91 -0.41 -4.39
N GLU A 12 -4.94 -0.05 -3.64
CA GLU A 12 -5.42 1.33 -3.63
C GLU A 12 -4.34 2.27 -3.09
N ASN A 13 -3.59 1.80 -2.10
CA ASN A 13 -2.53 2.60 -1.51
C ASN A 13 -1.34 2.71 -2.47
N LEU A 14 -0.82 1.57 -2.90
CA LEU A 14 0.36 1.53 -3.76
C LEU A 14 0.12 2.24 -5.09
N ASN A 15 -1.03 1.96 -5.70
CA ASN A 15 -1.35 2.49 -7.03
C ASN A 15 -1.32 4.02 -7.03
N SER A 16 -1.81 4.60 -5.94
CA SER A 16 -1.88 6.05 -5.80
C SER A 16 -0.47 6.66 -5.82
N TYR A 17 0.46 6.05 -5.11
CA TYR A 17 1.82 6.57 -5.04
C TYR A 17 2.54 6.38 -6.37
N ILE A 18 2.21 5.30 -7.07
CA ILE A 18 2.78 5.05 -8.39
C ILE A 18 2.35 6.15 -9.36
N ALA A 19 1.10 6.57 -9.26
CA ALA A 19 0.58 7.62 -10.13
C ALA A 19 1.11 9.00 -9.73
N LYS A 20 1.26 9.22 -8.42
CA LYS A 20 1.71 10.51 -7.92
C LYS A 20 3.19 10.75 -8.19
N SER A 21 3.99 9.68 -8.16
CA SER A 21 5.38 9.77 -8.52
C SER A 21 5.52 9.87 -10.04
N GLU A 22 4.52 9.32 -10.72
CA GLU A 22 4.42 9.37 -12.18
C GLU A 22 5.60 8.67 -12.84
N LYS A 23 6.10 7.65 -12.15
CA LYS A 23 7.14 6.80 -12.68
C LYS A 23 6.50 5.57 -13.32
N THR A 24 7.14 5.02 -14.33
CA THR A 24 6.58 3.91 -15.06
C THR A 24 6.69 2.61 -14.26
N GLN A 25 5.69 1.75 -14.43
CA GLN A 25 5.65 0.47 -13.73
C GLN A 25 6.87 -0.37 -14.06
N LEU A 26 7.29 -0.32 -15.32
CA LEU A 26 8.48 -1.03 -15.76
C LEU A 26 9.72 -0.51 -15.03
N GLU A 27 9.81 0.81 -14.94
CA GLU A 27 10.93 1.48 -14.29
C GLU A 27 11.01 1.09 -12.82
N ILE A 28 9.91 1.23 -12.12
CA ILE A 28 9.87 0.94 -10.69
C ILE A 28 10.12 -0.54 -10.42
N ALA A 29 9.55 -1.40 -11.26
CA ALA A 29 9.68 -2.84 -11.11
C ALA A 29 11.15 -3.26 -11.06
N LYS A 30 11.95 -2.68 -11.95
CA LYS A 30 13.36 -3.01 -12.01
C LYS A 30 14.08 -2.61 -10.74
N SER A 31 13.76 -1.42 -10.24
CA SER A 31 14.38 -0.92 -9.02
C SER A 31 13.97 -1.76 -7.81
N ILE A 32 12.78 -2.34 -7.87
CA ILE A 32 12.29 -3.23 -6.82
C ILE A 32 13.01 -4.58 -6.91
N GLY A 33 13.14 -5.09 -8.12
CA GLY A 33 13.82 -6.36 -8.32
C GLY A 33 12.91 -7.39 -8.96
N VAL A 34 11.82 -6.94 -9.56
CA VAL A 34 10.87 -7.82 -10.21
C VAL A 34 10.63 -7.41 -11.64
N SER A 35 9.88 -8.21 -12.37
CA SER A 35 9.52 -7.89 -13.74
C SER A 35 8.29 -7.00 -13.76
N PRO A 36 8.10 -6.20 -14.82
CA PRO A 36 6.96 -5.29 -14.96
C PRO A 36 5.63 -6.01 -14.84
N GLN A 37 5.61 -7.27 -15.27
CA GLN A 37 4.42 -8.10 -15.20
C GLN A 37 4.03 -8.37 -13.75
N THR A 38 5.04 -8.61 -12.92
CA THR A 38 4.82 -8.88 -11.51
C THR A 38 4.35 -7.61 -10.81
N PHE A 39 4.92 -6.50 -11.24
CA PHE A 39 4.55 -5.20 -10.71
C PHE A 39 3.13 -4.84 -11.15
N ASN A 40 2.78 -5.26 -12.35
CA ASN A 40 1.45 -5.00 -12.90
C ASN A 40 0.39 -5.72 -12.08
N THR A 41 0.70 -6.94 -11.63
CA THR A 41 -0.23 -7.68 -10.80
C THR A 41 -0.36 -7.06 -9.41
N TRP A 42 0.64 -6.30 -9.00
CA TRP A 42 0.59 -5.57 -7.74
C TRP A 42 -0.30 -4.33 -7.89
N CYS A 43 -0.17 -3.65 -9.01
CA CYS A 43 -0.98 -2.48 -9.31
C CYS A 43 -2.45 -2.88 -9.45
N LYS A 44 -2.68 -4.04 -10.05
CA LYS A 44 -4.02 -4.60 -10.16
C LYS A 44 -4.52 -5.08 -8.80
N GLY A 45 -3.59 -5.27 -7.87
CA GLY A 45 -3.94 -5.80 -6.58
C GLY A 45 -4.33 -7.27 -6.66
N ILE A 46 -3.62 -8.03 -7.49
CA ILE A 46 -3.91 -9.45 -7.66
C ILE A 46 -3.20 -10.27 -6.60
N ALA A 47 -1.96 -9.90 -6.30
CA ALA A 47 -1.17 -10.60 -5.32
C ALA A 47 -0.37 -9.63 -4.46
N ILE A 48 -0.15 -10.01 -3.21
CA ILE A 48 0.63 -9.20 -2.29
C ILE A 48 1.93 -9.94 -1.97
N PRO A 49 3.07 -9.27 -2.18
CA PRO A 49 4.39 -9.86 -1.92
C PRO A 49 4.72 -9.91 -0.43
N ARG A 50 5.84 -10.52 -0.09
CA ARG A 50 6.24 -10.62 1.30
C ARG A 50 7.29 -9.59 1.68
N MET A 51 7.89 -9.76 2.86
CA MET A 51 8.73 -8.75 3.50
C MET A 51 9.79 -8.18 2.56
N GLY A 52 10.50 -9.06 1.86
CA GLY A 52 11.60 -8.62 1.02
C GLY A 52 11.17 -7.64 -0.06
N LYS A 53 9.97 -7.81 -0.58
CA LYS A 53 9.47 -6.97 -1.65
C LYS A 53 8.67 -5.79 -1.09
N VAL A 54 7.96 -6.01 0.00
CA VAL A 54 7.21 -4.94 0.65
C VAL A 54 8.16 -3.87 1.18
N GLN A 55 9.26 -4.30 1.79
CA GLN A 55 10.26 -3.39 2.32
C GLN A 55 10.88 -2.59 1.20
N ALA A 56 11.11 -3.25 0.06
CA ALA A 56 11.69 -2.59 -1.10
C ALA A 56 10.75 -1.52 -1.65
N LEU A 57 9.45 -1.83 -1.66
CA LEU A 57 8.44 -0.87 -2.08
C LEU A 57 8.40 0.31 -1.11
N ALA A 58 8.31 -0.01 0.18
CA ALA A 58 8.24 1.00 1.22
C ALA A 58 9.45 1.92 1.18
N ASP A 59 10.63 1.34 1.01
CA ASP A 59 11.87 2.10 0.95
C ASP A 59 11.88 3.01 -0.27
N TYR A 60 11.41 2.48 -1.39
CA TYR A 60 11.41 3.20 -2.65
C TYR A 60 10.49 4.41 -2.59
N PHE A 61 9.41 4.30 -1.84
CA PHE A 61 8.45 5.39 -1.72
C PHE A 61 8.65 6.17 -0.43
N ASN A 62 9.70 5.82 0.31
CA ASN A 62 10.04 6.48 1.58
C ASN A 62 8.86 6.41 2.56
N ILE A 63 8.38 5.21 2.81
CA ILE A 63 7.30 4.98 3.77
C ILE A 63 7.62 3.76 4.63
N ASN A 64 6.65 3.32 5.43
CA ASN A 64 6.85 2.13 6.25
C ASN A 64 6.16 0.94 5.60
N LYS A 65 6.55 -0.25 6.04
CA LYS A 65 5.95 -1.49 5.56
C LYS A 65 4.45 -1.52 5.85
N SER A 66 4.07 -0.89 6.96
CA SER A 66 2.70 -0.90 7.43
C SER A 66 1.80 -0.03 6.56
N ASP A 67 2.39 0.91 5.83
CA ASP A 67 1.63 1.81 4.97
C ASP A 67 0.99 1.06 3.81
N LEU A 68 1.58 -0.07 3.45
CA LEU A 68 1.09 -0.88 2.36
C LEU A 68 0.13 -1.95 2.87
N ILE A 69 0.25 -2.26 4.15
CA ILE A 69 -0.56 -3.32 4.76
C ILE A 69 -1.87 -2.76 5.31
N GLU A 70 -1.76 -1.70 6.08
CA GLU A 70 -2.91 -1.08 6.71
C GLU A 70 -3.54 -0.04 5.79
N ASP A 71 -4.78 0.33 6.09
CA ASP A 71 -5.47 1.35 5.31
C ASP A 71 -5.03 2.73 5.77
N LYS A 72 -5.19 3.72 4.91
CA LYS A 72 -4.76 5.08 5.22
C LYS A 72 -5.82 5.83 6.02
N LYS A 73 -6.79 5.08 6.54
CA LYS A 73 -7.85 5.61 7.38
C LYS A 73 -7.46 5.51 8.85
N LEU A 74 -6.16 5.40 9.11
CA LEU A 74 -5.64 5.16 10.44
C LEU A 74 -5.63 6.42 11.28
N ASN A 75 -6.74 6.66 11.95
CA ASN A 75 -6.80 7.71 12.96
C ASN A 75 -6.08 7.24 14.21
N ILE A 76 -4.87 7.75 14.40
CA ILE A 76 -4.03 7.34 15.52
C ILE A 76 -4.57 7.86 16.85
N ASP A 77 -4.66 6.97 17.83
CA ASP A 77 -5.16 7.31 19.14
C ASP A 77 -4.01 7.43 20.13
N THR A 78 -3.52 8.64 20.24
CA THR A 78 -2.45 8.96 21.17
C THR A 78 -2.90 8.77 22.62
N VAL A 79 -2.51 7.66 23.21
CA VAL A 79 -2.83 7.35 24.59
C VAL A 79 -1.56 7.09 25.38
N PRO A 80 -0.95 8.16 25.94
CA PRO A 80 0.30 8.05 26.69
C PRO A 80 0.11 7.41 28.06
N ILE A 81 1.21 7.24 28.79
CA ILE A 81 1.15 6.68 30.13
C ILE A 81 1.86 7.59 31.12
N GLU A 82 1.23 7.80 32.25
CA GLU A 82 1.77 8.66 33.30
C GLU A 82 2.79 7.88 34.12
N SER A 83 4.05 7.99 33.76
CA SER A 83 5.12 7.27 34.43
C SER A 83 6.06 8.23 35.14
N GLY A 84 6.80 7.73 36.12
CA GLY A 84 7.67 8.57 36.90
C GLY A 84 9.11 8.53 36.44
N TYR A 85 10.01 8.15 37.33
CA TYR A 85 11.43 8.16 37.04
C TYR A 85 12.01 6.75 37.04
N THR A 86 13.30 6.66 36.79
CA THR A 86 14.02 5.41 36.89
C THR A 86 15.00 5.49 38.07
N LEU A 87 15.71 4.40 38.33
CA LEU A 87 16.69 4.40 39.41
C LEU A 87 18.06 4.81 38.88
N GLU A 88 18.74 5.66 39.62
CA GLU A 88 20.03 6.19 39.20
C GLU A 88 21.13 5.21 39.51
N HIS A 89 22.33 5.56 39.06
CA HIS A 89 23.55 4.94 39.56
C HIS A 89 24.20 5.96 40.49
N HIS A 90 23.71 5.98 41.72
CA HIS A 90 23.98 7.07 42.65
C HIS A 90 25.36 6.94 43.29
N HIS A 91 26.37 6.78 42.45
CA HIS A 91 27.76 6.72 42.87
C HIS A 91 28.07 5.54 43.79
N HIS A 92 29.29 5.53 44.30
CA HIS A 92 29.79 4.46 45.14
C HIS A 92 30.72 5.01 46.20
N HIS A 93 31.10 4.19 47.17
CA HIS A 93 31.97 4.62 48.26
C HIS A 93 33.43 4.38 47.92
N HIS A 94 33.65 4.10 46.65
CA HIS A 94 34.98 3.92 46.10
C HIS A 94 34.88 3.90 44.60
N MET A 1 -16.49 -16.96 1.54
CA MET A 1 -15.57 -15.80 1.67
C MET A 1 -14.57 -15.80 0.52
N VAL A 2 -14.77 -14.89 -0.43
CA VAL A 2 -13.90 -14.78 -1.59
C VAL A 2 -13.81 -13.31 -2.02
N LYS A 3 -12.78 -13.00 -2.81
CA LYS A 3 -12.49 -11.63 -3.26
C LYS A 3 -12.05 -10.79 -2.06
N ASP A 4 -10.75 -10.84 -1.81
CA ASP A 4 -10.17 -10.27 -0.60
C ASP A 4 -10.19 -8.75 -0.64
N LYS A 5 -10.69 -8.16 0.43
CA LYS A 5 -10.77 -6.72 0.57
C LYS A 5 -9.39 -6.11 0.74
N GLN A 6 -8.55 -6.77 1.54
CA GLN A 6 -7.23 -6.23 1.87
C GLN A 6 -6.35 -6.14 0.63
N LYS A 7 -6.53 -7.06 -0.30
CA LYS A 7 -5.78 -7.05 -1.55
C LYS A 7 -6.16 -5.83 -2.40
N ALA A 8 -7.42 -5.43 -2.30
CA ALA A 8 -7.90 -4.22 -2.96
C ALA A 8 -7.41 -2.98 -2.21
N ILE A 9 -7.38 -3.07 -0.89
CA ILE A 9 -6.90 -1.97 -0.05
C ILE A 9 -5.41 -1.68 -0.32
N PHE A 10 -4.60 -2.74 -0.32
CA PHE A 10 -3.17 -2.61 -0.57
C PHE A 10 -2.92 -1.99 -1.94
N SER A 11 -3.53 -2.57 -2.96
CA SER A 11 -3.34 -2.10 -4.33
C SER A 11 -3.82 -0.66 -4.48
N GLU A 12 -4.92 -0.33 -3.81
CA GLU A 12 -5.48 1.01 -3.86
C GLU A 12 -4.47 2.05 -3.37
N ASN A 13 -3.93 1.80 -2.18
CA ASN A 13 -2.99 2.73 -1.56
C ASN A 13 -1.67 2.77 -2.34
N LEU A 14 -1.19 1.60 -2.74
CA LEU A 14 0.04 1.51 -3.52
C LEU A 14 -0.12 2.25 -4.85
N ASN A 15 -1.25 2.02 -5.51
CA ASN A 15 -1.53 2.63 -6.81
C ASN A 15 -1.67 4.14 -6.67
N SER A 16 -2.21 4.58 -5.55
CA SER A 16 -2.42 6.01 -5.30
C SER A 16 -1.12 6.80 -5.49
N TYR A 17 -0.02 6.28 -4.93
CA TYR A 17 1.27 6.95 -5.06
C TYR A 17 1.77 6.88 -6.50
N ILE A 18 1.73 5.68 -7.06
CA ILE A 18 2.27 5.42 -8.38
C ILE A 18 1.50 6.19 -9.46
N ALA A 19 0.18 6.26 -9.31
CA ALA A 19 -0.67 6.95 -10.28
C ALA A 19 -0.50 8.46 -10.17
N LYS A 20 -0.23 8.95 -8.97
CA LYS A 20 0.02 10.37 -8.77
C LYS A 20 1.37 10.74 -9.36
N SER A 21 2.34 9.86 -9.13
CA SER A 21 3.71 10.08 -9.56
C SER A 21 3.81 10.13 -11.09
N GLU A 22 4.83 10.82 -11.57
CA GLU A 22 5.05 10.99 -13.00
C GLU A 22 6.10 10.00 -13.48
N LYS A 23 6.25 8.91 -12.73
CA LYS A 23 7.22 7.87 -13.05
C LYS A 23 6.50 6.62 -13.53
N THR A 24 7.15 5.84 -14.39
CA THR A 24 6.54 4.64 -14.95
C THR A 24 6.62 3.46 -13.98
N GLN A 25 5.60 2.61 -14.03
CA GLN A 25 5.55 1.41 -13.19
C GLN A 25 6.72 0.49 -13.50
N LEU A 26 7.04 0.39 -14.79
CA LEU A 26 8.14 -0.44 -15.26
C LEU A 26 9.45 -0.03 -14.60
N GLU A 27 9.71 1.27 -14.55
CA GLU A 27 10.92 1.80 -13.95
C GLU A 27 11.04 1.36 -12.50
N ILE A 28 9.96 1.51 -11.75
CA ILE A 28 9.94 1.12 -10.35
C ILE A 28 10.11 -0.39 -10.20
N ALA A 29 9.32 -1.15 -10.96
CA ALA A 29 9.35 -2.62 -10.89
C ALA A 29 10.74 -3.16 -11.17
N LYS A 30 11.38 -2.66 -12.22
CA LYS A 30 12.70 -3.11 -12.60
C LYS A 30 13.72 -2.78 -11.52
N SER A 31 13.57 -1.60 -10.91
CA SER A 31 14.46 -1.16 -9.85
C SER A 31 14.27 -2.01 -8.60
N ILE A 32 13.03 -2.43 -8.35
CA ILE A 32 12.74 -3.35 -7.25
C ILE A 32 13.42 -4.68 -7.52
N GLY A 33 13.30 -5.15 -8.75
CA GLY A 33 13.92 -6.40 -9.14
C GLY A 33 12.88 -7.42 -9.59
N VAL A 34 11.69 -6.94 -9.93
CA VAL A 34 10.62 -7.82 -10.38
C VAL A 34 10.19 -7.45 -11.79
N SER A 35 9.55 -8.39 -12.46
CA SER A 35 9.02 -8.16 -13.79
C SER A 35 7.79 -7.26 -13.72
N PRO A 36 7.57 -6.41 -14.73
CA PRO A 36 6.38 -5.54 -14.81
C PRO A 36 5.09 -6.36 -14.76
N GLN A 37 5.19 -7.61 -15.21
CA GLN A 37 4.09 -8.55 -15.16
C GLN A 37 3.69 -8.82 -13.72
N THR A 38 4.69 -9.02 -12.87
CA THR A 38 4.46 -9.28 -11.45
C THR A 38 3.96 -8.02 -10.77
N PHE A 39 4.52 -6.89 -11.17
CA PHE A 39 4.12 -5.60 -10.65
C PHE A 39 2.67 -5.32 -11.03
N ASN A 40 2.28 -5.78 -12.21
CA ASN A 40 0.92 -5.61 -12.70
C ASN A 40 -0.08 -6.40 -11.85
N THR A 41 0.30 -7.60 -11.44
CA THR A 41 -0.58 -8.41 -10.61
C THR A 41 -0.74 -7.79 -9.22
N TRP A 42 0.24 -6.97 -8.83
CA TRP A 42 0.14 -6.20 -7.60
C TRP A 42 -0.79 -5.02 -7.80
N CYS A 43 -0.62 -4.34 -8.93
CA CYS A 43 -1.42 -3.18 -9.29
C CYS A 43 -2.89 -3.56 -9.46
N LYS A 44 -3.14 -4.79 -9.90
CA LYS A 44 -4.49 -5.28 -10.10
C LYS A 44 -5.07 -5.84 -8.80
N GLY A 45 -4.26 -5.87 -7.75
CA GLY A 45 -4.72 -6.41 -6.47
C GLY A 45 -4.93 -7.92 -6.51
N ILE A 46 -4.23 -8.58 -7.43
CA ILE A 46 -4.36 -10.03 -7.59
C ILE A 46 -3.58 -10.74 -6.49
N ALA A 47 -2.43 -10.19 -6.15
CA ALA A 47 -1.57 -10.76 -5.13
C ALA A 47 -0.81 -9.66 -4.41
N ILE A 48 -0.51 -9.90 -3.15
CA ILE A 48 0.27 -8.96 -2.36
C ILE A 48 1.68 -9.50 -2.16
N PRO A 49 2.69 -8.69 -2.47
CA PRO A 49 4.09 -9.07 -2.30
C PRO A 49 4.44 -9.28 -0.84
N ARG A 50 5.43 -10.12 -0.58
CA ARG A 50 5.82 -10.41 0.79
C ARG A 50 6.90 -9.44 1.24
N MET A 51 7.27 -9.51 2.51
CA MET A 51 8.16 -8.51 3.13
C MET A 51 9.48 -8.33 2.38
N GLY A 52 9.95 -9.40 1.74
CA GLY A 52 11.19 -9.31 0.99
C GLY A 52 11.13 -8.29 -0.12
N LYS A 53 10.05 -8.28 -0.88
CA LYS A 53 9.89 -7.34 -1.97
C LYS A 53 9.32 -6.01 -1.47
N VAL A 54 8.49 -6.07 -0.44
CA VAL A 54 7.92 -4.85 0.15
C VAL A 54 9.02 -3.99 0.74
N GLN A 55 10.05 -4.63 1.28
CA GLN A 55 11.22 -3.93 1.80
C GLN A 55 11.80 -2.98 0.76
N ALA A 56 11.87 -3.45 -0.49
CA ALA A 56 12.39 -2.65 -1.58
C ALA A 56 11.44 -1.50 -1.92
N LEU A 57 10.15 -1.80 -1.90
CA LEU A 57 9.12 -0.79 -2.15
C LEU A 57 9.20 0.32 -1.10
N ALA A 58 9.27 -0.08 0.15
CA ALA A 58 9.36 0.86 1.27
C ALA A 58 10.66 1.64 1.22
N ASP A 59 11.68 1.03 0.66
CA ASP A 59 12.99 1.68 0.54
C ASP A 59 12.97 2.74 -0.56
N TYR A 60 12.33 2.41 -1.67
CA TYR A 60 12.22 3.30 -2.81
C TYR A 60 11.43 4.56 -2.45
N PHE A 61 10.36 4.37 -1.69
CA PHE A 61 9.49 5.47 -1.30
C PHE A 61 9.94 6.09 0.03
N ASN A 62 10.91 5.45 0.68
CA ASN A 62 11.41 5.86 1.99
C ASN A 62 10.27 5.95 3.00
N ILE A 63 9.58 4.83 3.17
CA ILE A 63 8.48 4.73 4.10
C ILE A 63 8.59 3.44 4.91
N ASN A 64 7.57 3.13 5.69
CA ASN A 64 7.58 1.91 6.48
C ASN A 64 6.84 0.80 5.77
N LYS A 65 7.09 -0.44 6.17
CA LYS A 65 6.46 -1.60 5.53
C LYS A 65 4.96 -1.58 5.80
N SER A 66 4.57 -1.07 6.95
CA SER A 66 3.17 -1.01 7.34
C SER A 66 2.42 0.08 6.57
N ASP A 67 3.14 1.11 6.13
CA ASP A 67 2.52 2.30 5.53
C ASP A 67 1.74 1.95 4.26
N LEU A 68 2.13 0.86 3.60
CA LEU A 68 1.47 0.44 2.37
C LEU A 68 0.32 -0.51 2.66
N ILE A 69 0.35 -1.13 3.83
CA ILE A 69 -0.64 -2.15 4.18
C ILE A 69 -1.89 -1.52 4.79
N GLU A 70 -1.69 -0.55 5.67
CA GLU A 70 -2.80 0.09 6.35
C GLU A 70 -3.43 1.18 5.50
N ASP A 71 -4.74 1.30 5.61
CA ASP A 71 -5.48 2.31 4.85
C ASP A 71 -5.97 3.41 5.77
N LYS A 72 -5.63 4.65 5.41
CA LYS A 72 -6.15 5.84 6.08
C LYS A 72 -5.62 5.96 7.53
N LYS A 73 -4.67 5.10 7.88
CA LYS A 73 -4.01 5.19 9.17
C LYS A 73 -2.75 6.04 9.04
N LEU A 74 -2.57 6.58 7.85
CA LEU A 74 -1.47 7.45 7.54
C LEU A 74 -1.90 8.90 7.73
N ASN A 75 -2.24 9.22 8.97
CA ASN A 75 -2.87 10.49 9.32
C ASN A 75 -4.28 10.54 8.74
N ILE A 76 -5.26 10.43 9.61
CA ILE A 76 -6.67 10.28 9.23
C ILE A 76 -7.07 11.24 8.11
N ASP A 77 -7.57 10.66 7.03
CA ASP A 77 -8.05 11.42 5.89
C ASP A 77 -9.45 11.89 6.15
N THR A 78 -9.55 13.05 6.78
CA THR A 78 -10.84 13.67 7.06
C THR A 78 -11.63 13.86 5.76
N VAL A 79 -12.93 13.58 5.82
CA VAL A 79 -13.78 13.68 4.65
C VAL A 79 -14.91 14.69 4.90
N PRO A 80 -14.65 15.97 4.63
CA PRO A 80 -15.66 17.01 4.75
C PRO A 80 -16.57 17.07 3.51
N ILE A 81 -17.41 18.08 3.44
CA ILE A 81 -18.21 18.31 2.24
C ILE A 81 -17.28 18.63 1.08
N GLU A 82 -17.57 18.10 -0.10
CA GLU A 82 -16.68 18.22 -1.24
C GLU A 82 -16.63 19.64 -1.77
N SER A 83 -15.48 20.27 -1.60
CA SER A 83 -15.27 21.64 -2.06
C SER A 83 -14.85 21.64 -3.52
N GLY A 84 -14.76 22.82 -4.11
CA GLY A 84 -14.34 22.95 -5.50
C GLY A 84 -12.95 22.38 -5.71
N TYR A 85 -12.88 21.26 -6.41
CA TYR A 85 -11.62 20.59 -6.67
C TYR A 85 -11.68 19.90 -8.03
N THR A 86 -10.63 20.08 -8.83
CA THR A 86 -10.54 19.45 -10.12
C THR A 86 -10.28 17.96 -9.96
N LEU A 87 -11.34 17.18 -10.06
CA LEU A 87 -11.27 15.75 -9.81
C LEU A 87 -11.94 14.98 -10.93
N GLU A 88 -11.28 13.94 -11.41
CA GLU A 88 -11.83 13.09 -12.44
C GLU A 88 -11.94 11.67 -11.94
N HIS A 89 -13.09 11.05 -12.14
CA HIS A 89 -13.29 9.67 -11.76
C HIS A 89 -14.00 8.91 -12.85
N HIS A 90 -13.30 7.97 -13.45
CA HIS A 90 -13.87 7.14 -14.50
C HIS A 90 -14.44 5.87 -13.88
N HIS A 91 -15.75 5.79 -13.84
CA HIS A 91 -16.42 4.65 -13.23
C HIS A 91 -16.29 3.42 -14.12
N HIS A 92 -15.51 2.45 -13.68
CA HIS A 92 -15.34 1.20 -14.41
C HIS A 92 -16.52 0.28 -14.11
N HIS A 93 -16.96 -0.47 -15.11
CA HIS A 93 -18.07 -1.40 -14.94
C HIS A 93 -17.68 -2.77 -15.47
N HIS A 94 -18.11 -3.81 -14.76
CA HIS A 94 -17.83 -5.16 -15.17
C HIS A 94 -19.14 -5.89 -15.47
N MET A 1 -15.45 -14.63 -5.07
CA MET A 1 -16.57 -14.15 -4.23
C MET A 1 -16.03 -13.40 -3.02
N VAL A 2 -15.00 -13.95 -2.39
CA VAL A 2 -14.37 -13.30 -1.25
C VAL A 2 -13.30 -12.34 -1.73
N LYS A 3 -13.56 -11.05 -1.60
CA LYS A 3 -12.61 -10.02 -1.98
C LYS A 3 -11.82 -9.57 -0.76
N ASP A 4 -10.52 -9.85 -0.76
CA ASP A 4 -9.66 -9.48 0.36
C ASP A 4 -9.51 -7.96 0.42
N LYS A 5 -10.00 -7.35 1.49
CA LYS A 5 -9.97 -5.91 1.63
C LYS A 5 -8.55 -5.39 1.84
N GLN A 6 -7.79 -6.04 2.71
CA GLN A 6 -6.43 -5.61 3.00
C GLN A 6 -5.57 -5.60 1.74
N LYS A 7 -5.72 -6.63 0.93
CA LYS A 7 -4.99 -6.75 -0.31
C LYS A 7 -5.43 -5.68 -1.31
N ALA A 8 -6.72 -5.36 -1.29
CA ALA A 8 -7.26 -4.32 -2.17
C ALA A 8 -6.85 -2.93 -1.69
N ILE A 9 -6.70 -2.77 -0.39
CA ILE A 9 -6.19 -1.53 0.17
C ILE A 9 -4.74 -1.31 -0.24
N PHE A 10 -3.97 -2.39 -0.18
CA PHE A 10 -2.55 -2.35 -0.55
C PHE A 10 -2.37 -1.84 -1.98
N SER A 11 -3.14 -2.42 -2.90
CA SER A 11 -3.05 -2.04 -4.30
C SER A 11 -3.55 -0.61 -4.52
N GLU A 12 -4.70 -0.28 -3.93
CA GLU A 12 -5.27 1.06 -4.04
C GLU A 12 -4.28 2.11 -3.51
N ASN A 13 -3.64 1.76 -2.40
CA ASN A 13 -2.65 2.62 -1.77
C ASN A 13 -1.46 2.82 -2.69
N LEU A 14 -0.92 1.70 -3.17
CA LEU A 14 0.25 1.72 -4.06
C LEU A 14 -0.03 2.53 -5.33
N ASN A 15 -1.17 2.27 -5.97
CA ASN A 15 -1.53 2.96 -7.21
C ASN A 15 -1.61 4.48 -7.01
N SER A 16 -2.00 4.90 -5.81
CA SER A 16 -2.12 6.32 -5.50
C SER A 16 -0.77 7.02 -5.68
N TYR A 17 0.30 6.34 -5.31
CA TYR A 17 1.65 6.88 -5.47
C TYR A 17 2.10 6.82 -6.92
N ILE A 18 1.88 5.67 -7.56
CA ILE A 18 2.35 5.42 -8.91
C ILE A 18 1.74 6.41 -9.90
N ALA A 19 0.47 6.70 -9.74
CA ALA A 19 -0.25 7.56 -10.66
C ALA A 19 0.05 9.04 -10.42
N LYS A 20 0.68 9.34 -9.30
CA LYS A 20 1.02 10.73 -8.98
C LYS A 20 2.51 10.97 -9.20
N SER A 21 3.27 9.89 -9.25
CA SER A 21 4.69 9.96 -9.49
C SER A 21 4.98 10.08 -10.98
N GLU A 22 6.23 10.40 -11.32
CA GLU A 22 6.65 10.51 -12.70
C GLU A 22 7.16 9.17 -13.21
N LYS A 23 7.20 8.19 -12.32
CA LYS A 23 7.73 6.88 -12.64
C LYS A 23 6.67 5.97 -13.25
N THR A 24 7.11 5.08 -14.12
CA THR A 24 6.24 4.10 -14.73
C THR A 24 6.34 2.77 -14.00
N GLN A 25 5.43 1.85 -14.27
CA GLN A 25 5.44 0.53 -13.68
C GLN A 25 6.72 -0.20 -14.04
N LEU A 26 7.20 0.07 -15.23
CA LEU A 26 8.41 -0.54 -15.75
C LEU A 26 9.65 -0.07 -14.99
N GLU A 27 9.69 1.22 -14.68
CA GLU A 27 10.78 1.81 -13.93
C GLU A 27 10.85 1.21 -12.54
N ILE A 28 9.71 1.20 -11.85
CA ILE A 28 9.64 0.70 -10.49
C ILE A 28 9.98 -0.78 -10.43
N ALA A 29 9.44 -1.56 -11.36
CA ALA A 29 9.70 -2.99 -11.43
C ALA A 29 11.20 -3.27 -11.55
N LYS A 30 11.87 -2.48 -12.39
CA LYS A 30 13.30 -2.58 -12.58
C LYS A 30 14.04 -2.34 -11.27
N SER A 31 13.60 -1.32 -10.54
CA SER A 31 14.27 -0.91 -9.32
C SER A 31 13.99 -1.87 -8.16
N ILE A 32 12.94 -2.66 -8.29
CA ILE A 32 12.64 -3.69 -7.30
C ILE A 32 13.39 -4.97 -7.64
N GLY A 33 13.35 -5.34 -8.91
CA GLY A 33 14.01 -6.56 -9.35
C GLY A 33 13.04 -7.57 -9.91
N VAL A 34 11.93 -7.08 -10.46
CA VAL A 34 10.89 -7.95 -11.01
C VAL A 34 10.48 -7.49 -12.41
N SER A 35 9.59 -8.24 -13.03
CA SER A 35 9.06 -7.88 -14.32
C SER A 35 7.90 -6.89 -14.15
N PRO A 36 7.60 -6.09 -15.19
CA PRO A 36 6.49 -5.12 -15.13
C PRO A 36 5.16 -5.79 -14.80
N GLN A 37 5.00 -7.02 -15.28
CA GLN A 37 3.79 -7.79 -15.03
C GLN A 37 3.76 -8.30 -13.60
N THR A 38 4.92 -8.50 -13.00
CA THR A 38 5.01 -8.95 -11.62
C THR A 38 4.58 -7.81 -10.71
N PHE A 39 4.97 -6.62 -11.11
CA PHE A 39 4.61 -5.41 -10.42
C PHE A 39 3.14 -5.09 -10.63
N ASN A 40 2.66 -5.31 -11.85
CA ASN A 40 1.30 -4.98 -12.25
C ASN A 40 0.28 -5.88 -11.56
N THR A 41 0.65 -7.13 -11.30
CA THR A 41 -0.24 -8.03 -10.58
C THR A 41 -0.42 -7.59 -9.13
N TRP A 42 0.63 -7.00 -8.56
CA TRP A 42 0.53 -6.37 -7.26
C TRP A 42 -0.30 -5.10 -7.36
N CYS A 43 -0.11 -4.38 -8.46
CA CYS A 43 -0.86 -3.17 -8.75
C CYS A 43 -2.35 -3.46 -8.89
N LYS A 44 -2.67 -4.65 -9.38
CA LYS A 44 -4.04 -5.08 -9.52
C LYS A 44 -4.57 -5.66 -8.22
N GLY A 45 -3.71 -5.75 -7.21
CA GLY A 45 -4.09 -6.31 -5.94
C GLY A 45 -4.50 -7.77 -6.04
N ILE A 46 -3.90 -8.47 -6.99
CA ILE A 46 -4.19 -9.89 -7.20
C ILE A 46 -3.58 -10.72 -6.08
N ALA A 47 -2.30 -10.48 -5.83
CA ALA A 47 -1.59 -11.18 -4.77
C ALA A 47 -0.65 -10.22 -4.06
N ILE A 48 -0.30 -10.56 -2.82
CA ILE A 48 0.65 -9.77 -2.05
C ILE A 48 2.01 -10.45 -2.10
N PRO A 49 3.06 -9.68 -2.45
CA PRO A 49 4.43 -10.22 -2.53
C PRO A 49 4.94 -10.67 -1.16
N ARG A 50 6.07 -11.36 -1.16
CA ARG A 50 6.66 -11.84 0.07
C ARG A 50 7.33 -10.67 0.81
N MET A 51 7.55 -10.86 2.11
CA MET A 51 7.95 -9.79 3.03
C MET A 51 9.14 -8.97 2.52
N GLY A 52 10.13 -9.64 1.97
CA GLY A 52 11.34 -8.96 1.51
C GLY A 52 11.05 -7.92 0.45
N LYS A 53 10.28 -8.30 -0.55
CA LYS A 53 9.97 -7.40 -1.66
C LYS A 53 8.94 -6.36 -1.27
N VAL A 54 8.15 -6.65 -0.23
CA VAL A 54 7.23 -5.66 0.32
C VAL A 54 8.02 -4.50 0.92
N GLN A 55 9.08 -4.84 1.64
CA GLN A 55 9.96 -3.83 2.24
C GLN A 55 10.67 -3.05 1.15
N ALA A 56 10.98 -3.72 0.04
CA ALA A 56 11.61 -3.08 -1.11
C ALA A 56 10.68 -2.05 -1.72
N LEU A 57 9.40 -2.40 -1.84
CA LEU A 57 8.39 -1.48 -2.36
C LEU A 57 8.31 -0.22 -1.49
N ALA A 58 8.21 -0.43 -0.18
CA ALA A 58 8.14 0.68 0.76
C ALA A 58 9.43 1.51 0.71
N ASP A 59 10.56 0.83 0.57
CA ASP A 59 11.86 1.49 0.49
C ASP A 59 11.94 2.40 -0.73
N TYR A 60 11.49 1.88 -1.87
CA TYR A 60 11.51 2.65 -3.12
C TYR A 60 10.69 3.93 -2.99
N PHE A 61 9.57 3.83 -2.29
CA PHE A 61 8.66 4.96 -2.14
C PHE A 61 9.02 5.78 -0.90
N ASN A 62 10.12 5.41 -0.26
CA ASN A 62 10.68 6.13 0.87
C ASN A 62 9.73 6.13 2.08
N ILE A 63 8.77 5.22 2.10
CA ILE A 63 7.74 5.20 3.13
C ILE A 63 7.91 3.99 4.05
N ASN A 64 7.02 3.89 5.04
CA ASN A 64 7.00 2.78 5.96
C ASN A 64 6.04 1.71 5.46
N LYS A 65 6.17 0.49 5.97
CA LYS A 65 5.27 -0.59 5.55
C LYS A 65 3.85 -0.29 6.00
N SER A 66 3.73 0.36 7.16
CA SER A 66 2.42 0.70 7.72
C SER A 66 1.71 1.73 6.84
N ASP A 67 2.47 2.46 6.04
CA ASP A 67 1.92 3.50 5.18
C ASP A 67 1.16 2.88 4.01
N LEU A 68 1.55 1.65 3.65
CA LEU A 68 0.90 0.92 2.57
C LEU A 68 -0.19 0.00 3.13
N ILE A 69 0.06 -0.59 4.29
CA ILE A 69 -0.90 -1.50 4.92
C ILE A 69 -2.13 -0.74 5.40
N GLU A 70 -1.91 0.37 6.08
CA GLU A 70 -2.99 1.20 6.56
C GLU A 70 -3.32 2.27 5.54
N ASP A 71 -4.55 2.74 5.54
CA ASP A 71 -4.94 3.83 4.65
C ASP A 71 -4.72 5.16 5.35
N LYS A 72 -4.43 6.19 4.58
CA LYS A 72 -3.92 7.45 5.12
C LYS A 72 -5.06 8.37 5.59
N LYS A 73 -6.18 7.77 5.97
CA LYS A 73 -7.32 8.52 6.50
C LYS A 73 -7.24 8.59 8.01
N LEU A 74 -6.06 8.30 8.54
CA LEU A 74 -5.81 8.30 9.97
C LEU A 74 -5.75 9.72 10.50
N ASN A 75 -6.92 10.33 10.66
CA ASN A 75 -7.01 11.66 11.23
C ASN A 75 -7.29 11.53 12.73
N ILE A 76 -7.75 12.61 13.35
CA ILE A 76 -8.02 12.60 14.78
C ILE A 76 -9.14 11.63 15.13
N ASP A 77 -8.86 10.75 16.07
CA ASP A 77 -9.82 9.77 16.53
C ASP A 77 -9.34 9.20 17.86
N THR A 78 -10.16 9.38 18.87
CA THR A 78 -9.82 9.00 20.25
C THR A 78 -9.17 7.61 20.36
N VAL A 79 -7.94 7.61 20.82
CA VAL A 79 -7.21 6.36 21.05
C VAL A 79 -6.87 6.23 22.55
N PRO A 80 -7.80 5.65 23.32
CA PRO A 80 -7.64 5.52 24.77
C PRO A 80 -6.60 4.48 25.16
N ILE A 81 -6.20 4.50 26.43
CA ILE A 81 -5.26 3.53 26.94
C ILE A 81 -5.96 2.19 27.14
N GLU A 82 -5.39 1.15 26.58
CA GLU A 82 -5.97 -0.19 26.69
C GLU A 82 -5.24 -0.99 27.76
N SER A 83 -5.54 -2.28 27.83
CA SER A 83 -4.88 -3.15 28.79
C SER A 83 -3.39 -3.30 28.48
N GLY A 84 -2.56 -2.89 29.42
CA GLY A 84 -1.13 -2.98 29.25
C GLY A 84 -0.54 -4.05 30.14
N TYR A 85 0.56 -3.73 30.80
CA TYR A 85 1.21 -4.66 31.71
C TYR A 85 1.71 -3.94 32.95
N THR A 86 2.38 -4.68 33.82
CA THR A 86 2.88 -4.14 35.07
C THR A 86 4.15 -3.33 34.82
N LEU A 87 4.60 -2.57 35.83
CA LEU A 87 5.81 -1.78 35.71
C LEU A 87 7.06 -2.67 35.80
N GLU A 88 8.19 -2.09 35.47
CA GLU A 88 9.45 -2.85 35.46
C GLU A 88 10.19 -2.71 36.78
N HIS A 89 10.82 -3.79 37.23
CA HIS A 89 11.63 -3.74 38.43
C HIS A 89 12.89 -2.92 38.16
N HIS A 90 13.53 -2.44 39.22
CA HIS A 90 14.63 -1.52 39.05
C HIS A 90 15.97 -2.22 39.27
N HIS A 91 17.03 -1.57 38.81
CA HIS A 91 18.38 -2.11 38.91
C HIS A 91 18.81 -2.23 40.37
N HIS A 92 19.05 -1.07 41.01
CA HIS A 92 19.48 -1.03 42.41
C HIS A 92 19.73 0.42 42.80
N HIS A 93 20.97 0.85 42.61
CA HIS A 93 21.35 2.26 42.75
C HIS A 93 22.49 2.53 41.80
N HIS A 94 23.57 1.78 41.96
CA HIS A 94 24.69 1.80 41.02
C HIS A 94 25.11 0.37 40.68
N MET A 1 -18.73 -8.73 -4.94
CA MET A 1 -17.60 -9.46 -4.31
C MET A 1 -16.79 -8.54 -3.42
N VAL A 2 -15.95 -9.12 -2.61
CA VAL A 2 -15.01 -8.35 -1.78
C VAL A 2 -13.57 -8.73 -2.12
N LYS A 3 -13.37 -10.00 -2.51
CA LYS A 3 -12.06 -10.54 -2.88
C LYS A 3 -11.11 -10.58 -1.68
N ASP A 4 -10.61 -9.42 -1.28
CA ASP A 4 -9.76 -9.29 -0.10
C ASP A 4 -9.65 -7.83 0.29
N LYS A 5 -9.90 -7.54 1.56
CA LYS A 5 -9.98 -6.17 2.04
C LYS A 5 -8.62 -5.48 2.03
N GLN A 6 -7.60 -6.12 2.59
CA GLN A 6 -6.29 -5.49 2.71
C GLN A 6 -5.59 -5.43 1.36
N LYS A 7 -5.87 -6.42 0.51
CA LYS A 7 -5.35 -6.43 -0.84
C LYS A 7 -5.85 -5.23 -1.63
N ALA A 8 -7.14 -4.94 -1.47
CA ALA A 8 -7.76 -3.81 -2.16
C ALA A 8 -7.17 -2.49 -1.67
N ILE A 9 -6.95 -2.39 -0.37
CA ILE A 9 -6.34 -1.20 0.21
C ILE A 9 -4.90 -1.06 -0.28
N PHE A 10 -4.12 -2.13 -0.13
CA PHE A 10 -2.72 -2.13 -0.52
C PHE A 10 -2.54 -1.74 -1.98
N SER A 11 -3.30 -2.38 -2.86
CA SER A 11 -3.18 -2.13 -4.30
C SER A 11 -3.52 -0.68 -4.62
N GLU A 12 -4.61 -0.17 -4.06
CA GLU A 12 -5.04 1.18 -4.29
C GLU A 12 -4.10 2.21 -3.66
N ASN A 13 -3.64 1.94 -2.44
CA ASN A 13 -2.70 2.82 -1.76
C ASN A 13 -1.41 2.95 -2.56
N LEU A 14 -0.83 1.81 -2.92
CA LEU A 14 0.41 1.81 -3.70
C LEU A 14 0.19 2.44 -5.07
N ASN A 15 -0.96 2.14 -5.67
CA ASN A 15 -1.30 2.62 -7.00
C ASN A 15 -1.26 4.15 -7.07
N SER A 16 -1.84 4.79 -6.05
CA SER A 16 -1.91 6.25 -6.03
C SER A 16 -0.51 6.87 -6.04
N TYR A 17 0.37 6.37 -5.18
CA TYR A 17 1.75 6.88 -5.11
C TYR A 17 2.46 6.70 -6.44
N ILE A 18 2.21 5.58 -7.10
CA ILE A 18 2.81 5.31 -8.40
C ILE A 18 2.34 6.32 -9.44
N ALA A 19 1.03 6.54 -9.50
CA ALA A 19 0.45 7.47 -10.46
C ALA A 19 0.87 8.91 -10.16
N LYS A 20 1.07 9.22 -8.88
CA LYS A 20 1.47 10.55 -8.44
C LYS A 20 2.96 10.79 -8.72
N SER A 21 3.74 9.72 -8.68
CA SER A 21 5.17 9.82 -8.94
C SER A 21 5.43 9.93 -10.44
N GLU A 22 4.38 9.68 -11.24
CA GLU A 22 4.45 9.77 -12.70
C GLU A 22 5.40 8.72 -13.28
N LYS A 23 5.76 7.74 -12.47
CA LYS A 23 6.62 6.67 -12.92
C LYS A 23 5.79 5.56 -13.52
N THR A 24 6.36 4.84 -14.46
CA THR A 24 5.69 3.70 -15.04
C THR A 24 5.86 2.50 -14.14
N GLN A 25 5.01 1.50 -14.32
CA GLN A 25 5.12 0.26 -13.58
C GLN A 25 6.46 -0.38 -13.89
N LEU A 26 6.86 -0.24 -15.15
CA LEU A 26 8.15 -0.74 -15.63
C LEU A 26 9.31 -0.02 -14.92
N GLU A 27 9.20 1.30 -14.81
CA GLU A 27 10.23 2.12 -14.19
C GLU A 27 10.52 1.64 -12.77
N ILE A 28 9.47 1.54 -11.97
CA ILE A 28 9.62 1.15 -10.57
C ILE A 28 10.05 -0.31 -10.45
N ALA A 29 9.44 -1.17 -11.26
CA ALA A 29 9.78 -2.59 -11.26
C ALA A 29 11.25 -2.81 -11.59
N LYS A 30 11.73 -2.13 -12.63
CA LYS A 30 13.11 -2.24 -13.06
C LYS A 30 14.04 -1.73 -11.95
N SER A 31 13.62 -0.68 -11.27
CA SER A 31 14.40 -0.09 -10.19
C SER A 31 14.48 -1.05 -8.99
N ILE A 32 13.47 -1.89 -8.83
CA ILE A 32 13.43 -2.87 -7.75
C ILE A 32 14.15 -4.15 -8.15
N GLY A 33 13.88 -4.62 -9.36
CA GLY A 33 14.48 -5.85 -9.83
C GLY A 33 13.45 -6.87 -10.25
N VAL A 34 12.20 -6.63 -9.86
CA VAL A 34 11.11 -7.51 -10.20
C VAL A 34 10.58 -7.23 -11.60
N SER A 35 9.90 -8.21 -12.19
CA SER A 35 9.34 -8.03 -13.52
C SER A 35 8.08 -7.19 -13.45
N PRO A 36 7.84 -6.34 -14.48
CA PRO A 36 6.68 -5.45 -14.53
C PRO A 36 5.36 -6.20 -14.41
N GLN A 37 5.31 -7.41 -14.94
CA GLN A 37 4.12 -8.26 -14.83
C GLN A 37 3.77 -8.51 -13.37
N THR A 38 4.78 -8.82 -12.57
CA THR A 38 4.61 -9.12 -11.17
C THR A 38 4.16 -7.86 -10.43
N PHE A 39 4.76 -6.75 -10.83
CA PHE A 39 4.43 -5.45 -10.26
C PHE A 39 2.97 -5.11 -10.56
N ASN A 40 2.56 -5.38 -11.79
CA ASN A 40 1.20 -5.09 -12.24
C ASN A 40 0.17 -5.98 -11.56
N THR A 41 0.54 -7.22 -11.25
CA THR A 41 -0.37 -8.12 -10.56
C THR A 41 -0.64 -7.65 -9.13
N TRP A 42 0.30 -6.87 -8.58
CA TRP A 42 0.07 -6.23 -7.30
C TRP A 42 -0.84 -5.02 -7.50
N CYS A 43 -0.50 -4.25 -8.53
CA CYS A 43 -1.25 -3.05 -8.90
C CYS A 43 -2.70 -3.37 -9.21
N LYS A 44 -2.94 -4.51 -9.82
CA LYS A 44 -4.28 -4.91 -10.20
C LYS A 44 -4.97 -5.69 -9.09
N GLY A 45 -4.35 -5.70 -7.90
CA GLY A 45 -4.95 -6.37 -6.76
C GLY A 45 -5.20 -7.85 -7.01
N ILE A 46 -4.26 -8.50 -7.67
CA ILE A 46 -4.37 -9.91 -7.96
C ILE A 46 -3.69 -10.72 -6.85
N ALA A 47 -2.42 -10.47 -6.66
CA ALA A 47 -1.64 -11.18 -5.67
C ALA A 47 -0.96 -10.21 -4.72
N ILE A 48 -0.67 -10.67 -3.52
CA ILE A 48 0.04 -9.87 -2.55
C ILE A 48 1.51 -10.28 -2.52
N PRO A 49 2.41 -9.31 -2.64
CA PRO A 49 3.85 -9.57 -2.57
C PRO A 49 4.29 -9.94 -1.17
N ARG A 50 5.27 -10.81 -1.07
CA ARG A 50 5.78 -11.21 0.23
C ARG A 50 6.68 -10.11 0.79
N MET A 51 7.05 -10.25 2.05
CA MET A 51 7.67 -9.16 2.80
C MET A 51 8.98 -8.68 2.16
N GLY A 52 9.66 -9.57 1.44
CA GLY A 52 10.89 -9.19 0.78
C GLY A 52 10.69 -8.12 -0.27
N LYS A 53 9.52 -8.14 -0.91
CA LYS A 53 9.19 -7.18 -1.95
C LYS A 53 8.51 -5.96 -1.34
N VAL A 54 7.68 -6.20 -0.32
CA VAL A 54 7.01 -5.10 0.39
C VAL A 54 8.05 -4.19 1.03
N GLN A 55 9.10 -4.79 1.58
CA GLN A 55 10.19 -4.04 2.18
C GLN A 55 10.85 -3.15 1.12
N ALA A 56 11.03 -3.69 -0.08
CA ALA A 56 11.63 -2.95 -1.18
C ALA A 56 10.75 -1.78 -1.61
N LEU A 57 9.44 -1.98 -1.57
CA LEU A 57 8.49 -0.92 -1.89
C LEU A 57 8.62 0.23 -0.90
N ALA A 58 8.59 -0.10 0.39
CA ALA A 58 8.74 0.89 1.45
C ALA A 58 10.12 1.55 1.38
N ASP A 59 11.10 0.78 0.92
CA ASP A 59 12.47 1.25 0.79
C ASP A 59 12.60 2.28 -0.31
N TYR A 60 12.02 1.98 -1.47
CA TYR A 60 12.09 2.87 -2.62
C TYR A 60 11.33 4.16 -2.36
N PHE A 61 10.19 4.04 -1.70
CA PHE A 61 9.32 5.18 -1.45
C PHE A 61 9.69 5.88 -0.16
N ASN A 62 10.62 5.29 0.58
CA ASN A 62 11.07 5.83 1.87
C ASN A 62 9.90 6.06 2.82
N ILE A 63 9.05 5.04 2.96
CA ILE A 63 7.88 5.12 3.83
C ILE A 63 7.82 3.93 4.77
N ASN A 64 6.71 3.80 5.50
CA ASN A 64 6.52 2.67 6.39
C ASN A 64 5.68 1.61 5.69
N LYS A 65 5.75 0.38 6.18
CA LYS A 65 4.98 -0.70 5.58
C LYS A 65 3.48 -0.51 5.82
N SER A 66 3.15 0.11 6.95
CA SER A 66 1.76 0.32 7.32
C SER A 66 1.09 1.38 6.43
N ASP A 67 1.91 2.24 5.84
CA ASP A 67 1.38 3.33 4.99
C ASP A 67 0.67 2.77 3.77
N LEU A 68 1.09 1.59 3.33
CA LEU A 68 0.51 0.95 2.16
C LEU A 68 -0.61 -0.01 2.56
N ILE A 69 -0.59 -0.45 3.81
CA ILE A 69 -1.54 -1.47 4.27
C ILE A 69 -2.79 -0.85 4.90
N GLU A 70 -2.61 0.21 5.67
CA GLU A 70 -3.68 0.79 6.44
C GLU A 70 -4.45 1.87 5.67
N ASP A 71 -5.70 2.03 6.05
CA ASP A 71 -6.60 3.01 5.44
C ASP A 71 -6.51 4.31 6.25
N LYS A 72 -7.22 5.35 5.82
CA LYS A 72 -7.22 6.61 6.55
C LYS A 72 -8.40 6.64 7.52
N LYS A 73 -9.13 5.53 7.58
CA LYS A 73 -10.22 5.36 8.54
C LYS A 73 -9.68 4.87 9.88
N LEU A 74 -8.43 5.21 10.16
CA LEU A 74 -7.83 4.92 11.46
C LEU A 74 -8.17 6.03 12.45
N ASN A 75 -9.06 6.89 12.02
CA ASN A 75 -9.54 7.99 12.86
C ASN A 75 -10.74 7.50 13.67
N ILE A 76 -10.59 7.55 14.97
CA ILE A 76 -11.60 7.04 15.88
C ILE A 76 -12.88 7.87 15.82
N ASP A 77 -14.01 7.20 15.89
CA ASP A 77 -15.31 7.84 15.82
C ASP A 77 -15.73 8.31 17.20
N THR A 78 -15.55 9.58 17.42
CA THR A 78 -15.99 10.24 18.65
C THR A 78 -17.53 10.27 18.74
N VAL A 79 -18.05 11.13 19.62
CA VAL A 79 -19.49 11.28 19.75
C VAL A 79 -19.92 12.59 19.09
N PRO A 80 -20.23 12.53 17.79
CA PRO A 80 -20.54 13.72 16.99
C PRO A 80 -21.96 14.23 17.20
N ILE A 81 -22.42 15.06 16.27
CA ILE A 81 -23.79 15.57 16.28
C ILE A 81 -24.77 14.43 16.02
N GLU A 82 -26.03 14.63 16.40
CA GLU A 82 -27.08 13.62 16.23
C GLU A 82 -27.39 13.36 14.76
N SER A 83 -28.48 12.62 14.52
CA SER A 83 -28.85 12.13 13.19
C SER A 83 -27.94 10.96 12.80
N GLY A 84 -27.42 10.28 13.82
CA GLY A 84 -26.52 9.18 13.60
C GLY A 84 -27.26 7.92 13.20
N TYR A 85 -26.77 7.27 12.15
CA TYR A 85 -27.37 6.05 11.65
C TYR A 85 -26.84 4.85 12.44
N THR A 86 -27.68 4.28 13.28
CA THR A 86 -27.28 3.19 14.16
C THR A 86 -27.06 1.90 13.40
N LEU A 87 -27.98 1.58 12.48
CA LEU A 87 -27.93 0.35 11.70
C LEU A 87 -28.10 -0.86 12.63
N GLU A 88 -29.33 -1.28 12.79
CA GLU A 88 -29.64 -2.42 13.65
C GLU A 88 -30.06 -3.63 12.83
N HIS A 89 -29.86 -4.81 13.39
CA HIS A 89 -30.25 -6.04 12.74
C HIS A 89 -31.06 -6.90 13.70
N HIS A 90 -32.38 -6.81 13.60
CA HIS A 90 -33.26 -7.56 14.48
C HIS A 90 -33.88 -8.74 13.76
N HIS A 91 -33.26 -9.90 13.93
CA HIS A 91 -33.72 -11.13 13.31
C HIS A 91 -34.98 -11.62 14.02
N HIS A 92 -36.10 -11.65 13.31
CA HIS A 92 -37.37 -12.01 13.91
C HIS A 92 -37.56 -13.53 13.89
N HIS A 93 -38.10 -14.04 14.98
CA HIS A 93 -38.46 -15.46 15.06
C HIS A 93 -39.68 -15.61 15.95
N HIS A 94 -40.63 -16.45 15.53
CA HIS A 94 -41.86 -16.65 16.29
C HIS A 94 -41.56 -17.44 17.57
N MET A 1 -14.11 -14.53 -6.28
CA MET A 1 -15.12 -13.44 -6.44
C MET A 1 -15.14 -12.54 -5.22
N VAL A 2 -14.49 -11.38 -5.34
CA VAL A 2 -14.44 -10.37 -4.29
C VAL A 2 -14.07 -10.98 -2.94
N LYS A 3 -12.78 -11.26 -2.75
CA LYS A 3 -12.28 -11.82 -1.50
C LYS A 3 -11.00 -11.13 -1.08
N ASP A 4 -10.71 -11.17 0.23
CA ASP A 4 -9.53 -10.55 0.83
C ASP A 4 -9.61 -9.02 0.79
N LYS A 5 -9.89 -8.43 1.94
CA LYS A 5 -10.01 -6.99 2.06
C LYS A 5 -8.64 -6.30 1.90
N GLN A 6 -7.58 -7.00 2.28
CA GLN A 6 -6.24 -6.40 2.30
C GLN A 6 -5.76 -6.08 0.89
N LYS A 7 -6.02 -6.98 -0.05
CA LYS A 7 -5.62 -6.76 -1.45
C LYS A 7 -6.20 -5.46 -1.99
N ALA A 8 -7.40 -5.12 -1.54
CA ALA A 8 -8.05 -3.90 -1.97
C ALA A 8 -7.37 -2.67 -1.36
N ILE A 9 -7.11 -2.72 -0.05
CA ILE A 9 -6.50 -1.60 0.64
C ILE A 9 -5.06 -1.39 0.20
N PHE A 10 -4.27 -2.46 0.23
CA PHE A 10 -2.85 -2.41 -0.13
C PHE A 10 -2.66 -1.90 -1.55
N SER A 11 -3.40 -2.48 -2.49
CA SER A 11 -3.25 -2.11 -3.90
C SER A 11 -3.75 -0.69 -4.14
N GLU A 12 -4.81 -0.30 -3.43
CA GLU A 12 -5.34 1.05 -3.53
C GLU A 12 -4.28 2.07 -3.11
N ASN A 13 -3.71 1.87 -1.93
CA ASN A 13 -2.67 2.77 -1.42
C ASN A 13 -1.47 2.80 -2.37
N LEU A 14 -1.04 1.61 -2.78
CA LEU A 14 0.08 1.48 -3.70
C LEU A 14 -0.19 2.27 -4.99
N ASN A 15 -1.40 2.10 -5.51
CA ASN A 15 -1.83 2.79 -6.73
C ASN A 15 -1.72 4.30 -6.59
N SER A 16 -2.12 4.80 -5.42
CA SER A 16 -2.13 6.24 -5.16
C SER A 16 -0.74 6.84 -5.36
N TYR A 17 0.26 6.25 -4.71
CA TYR A 17 1.63 6.76 -4.79
C TYR A 17 2.21 6.59 -6.18
N ILE A 18 1.98 5.42 -6.78
CA ILE A 18 2.49 5.14 -8.12
C ILE A 18 1.91 6.13 -9.13
N ALA A 19 0.61 6.33 -9.08
CA ALA A 19 -0.07 7.19 -10.04
C ALA A 19 0.25 8.66 -9.81
N LYS A 20 0.76 8.97 -8.63
CA LYS A 20 1.15 10.35 -8.31
C LYS A 20 2.52 10.70 -8.88
N SER A 21 3.26 9.67 -9.27
CA SER A 21 4.55 9.87 -9.91
C SER A 21 4.39 9.68 -11.42
N GLU A 22 5.06 10.52 -12.19
CA GLU A 22 5.04 10.37 -13.63
C GLU A 22 6.33 9.70 -14.08
N LYS A 23 6.26 8.39 -14.22
CA LYS A 23 7.41 7.56 -14.58
C LYS A 23 6.88 6.23 -15.09
N THR A 24 7.76 5.28 -15.37
CA THR A 24 7.31 3.99 -15.86
C THR A 24 7.30 2.93 -14.76
N GLN A 25 6.26 2.11 -14.75
CA GLN A 25 6.16 1.02 -13.79
C GLN A 25 7.30 0.03 -13.96
N LEU A 26 7.72 -0.13 -15.21
CA LEU A 26 8.85 -0.98 -15.55
C LEU A 26 10.09 -0.58 -14.75
N GLU A 27 10.37 0.73 -14.71
CA GLU A 27 11.51 1.25 -13.96
C GLU A 27 11.44 0.83 -12.50
N ILE A 28 10.26 0.96 -11.91
CA ILE A 28 10.05 0.61 -10.52
C ILE A 28 10.26 -0.90 -10.31
N ALA A 29 9.64 -1.70 -11.18
CA ALA A 29 9.75 -3.15 -11.10
C ALA A 29 11.20 -3.60 -11.29
N LYS A 30 11.89 -2.94 -12.21
CA LYS A 30 13.30 -3.22 -12.48
C LYS A 30 14.15 -2.92 -11.24
N SER A 31 13.85 -1.83 -10.56
CA SER A 31 14.56 -1.45 -9.35
C SER A 31 14.32 -2.46 -8.24
N ILE A 32 13.08 -2.94 -8.14
CA ILE A 32 12.74 -3.98 -7.17
C ILE A 32 13.47 -5.28 -7.51
N GLY A 33 13.47 -5.62 -8.79
CA GLY A 33 14.13 -6.83 -9.24
C GLY A 33 13.13 -7.86 -9.73
N VAL A 34 11.96 -7.39 -10.14
CA VAL A 34 10.90 -8.28 -10.61
C VAL A 34 10.47 -7.90 -12.02
N SER A 35 9.59 -8.71 -12.61
CA SER A 35 9.07 -8.44 -13.93
C SER A 35 7.88 -7.49 -13.86
N PRO A 36 7.72 -6.63 -14.88
CA PRO A 36 6.65 -5.62 -14.92
C PRO A 36 5.25 -6.21 -14.74
N GLN A 37 5.02 -7.40 -15.30
CA GLN A 37 3.71 -8.06 -15.18
C GLN A 37 3.46 -8.54 -13.76
N THR A 38 4.53 -8.85 -13.03
CA THR A 38 4.40 -9.28 -11.65
C THR A 38 4.01 -8.08 -10.80
N PHE A 39 4.61 -6.95 -11.15
CA PHE A 39 4.29 -5.68 -10.52
C PHE A 39 2.87 -5.26 -10.89
N ASN A 40 2.50 -5.55 -12.13
CA ASN A 40 1.18 -5.22 -12.66
C ASN A 40 0.10 -5.97 -11.90
N THR A 41 0.31 -7.25 -11.64
CA THR A 41 -0.67 -8.05 -10.91
C THR A 41 -0.86 -7.55 -9.48
N TRP A 42 0.21 -7.00 -8.90
CA TRP A 42 0.13 -6.40 -7.57
C TRP A 42 -0.68 -5.11 -7.64
N CYS A 43 -0.42 -4.34 -8.70
CA CYS A 43 -1.07 -3.04 -8.88
C CYS A 43 -2.55 -3.22 -9.26
N LYS A 44 -2.92 -4.43 -9.65
CA LYS A 44 -4.30 -4.76 -9.96
C LYS A 44 -4.99 -5.37 -8.75
N GLY A 45 -4.24 -5.59 -7.68
CA GLY A 45 -4.80 -6.13 -6.46
C GLY A 45 -5.11 -7.61 -6.55
N ILE A 46 -4.40 -8.30 -7.44
CA ILE A 46 -4.60 -9.73 -7.63
C ILE A 46 -3.89 -10.53 -6.54
N ALA A 47 -2.70 -10.09 -6.18
CA ALA A 47 -1.90 -10.77 -5.18
C ALA A 47 -1.02 -9.79 -4.43
N ILE A 48 -0.63 -10.16 -3.22
CA ILE A 48 0.26 -9.33 -2.41
C ILE A 48 1.60 -10.06 -2.20
N PRO A 49 2.71 -9.38 -2.53
CA PRO A 49 4.05 -9.95 -2.40
C PRO A 49 4.51 -10.03 -0.95
N ARG A 50 5.59 -10.77 -0.70
CA ARG A 50 6.13 -10.90 0.64
C ARG A 50 6.97 -9.68 1.02
N MET A 51 7.42 -9.66 2.27
CA MET A 51 8.16 -8.52 2.83
C MET A 51 9.36 -8.14 1.97
N GLY A 52 9.99 -9.13 1.37
CA GLY A 52 11.16 -8.87 0.52
C GLY A 52 10.87 -7.89 -0.60
N LYS A 53 9.63 -7.89 -1.09
CA LYS A 53 9.22 -7.00 -2.17
C LYS A 53 8.48 -5.79 -1.62
N VAL A 54 7.70 -5.99 -0.56
CA VAL A 54 6.94 -4.91 0.07
C VAL A 54 7.88 -3.84 0.61
N GLN A 55 8.98 -4.29 1.23
CA GLN A 55 9.98 -3.38 1.76
C GLN A 55 10.55 -2.54 0.63
N ALA A 56 10.82 -3.17 -0.50
CA ALA A 56 11.38 -2.50 -1.66
C ALA A 56 10.43 -1.43 -2.19
N LEU A 57 9.14 -1.72 -2.15
CA LEU A 57 8.11 -0.77 -2.57
C LEU A 57 8.18 0.50 -1.72
N ALA A 58 8.18 0.30 -0.40
CA ALA A 58 8.22 1.43 0.53
C ALA A 58 9.59 2.11 0.51
N ASP A 59 10.59 1.37 0.08
CA ASP A 59 11.95 1.89 0.03
C ASP A 59 12.14 2.79 -1.19
N TYR A 60 11.56 2.38 -2.31
CA TYR A 60 11.67 3.13 -3.56
C TYR A 60 11.11 4.54 -3.40
N PHE A 61 9.99 4.66 -2.70
CA PHE A 61 9.36 5.95 -2.48
C PHE A 61 9.88 6.60 -1.19
N ASN A 62 10.66 5.83 -0.45
CA ASN A 62 11.18 6.23 0.86
C ASN A 62 10.04 6.65 1.79
N ILE A 63 9.25 5.67 2.17
CA ILE A 63 8.14 5.88 3.09
C ILE A 63 8.11 4.74 4.10
N ASN A 64 7.03 4.65 4.86
CA ASN A 64 6.88 3.53 5.78
C ASN A 64 6.14 2.40 5.09
N LYS A 65 6.34 1.18 5.59
CA LYS A 65 5.72 0.01 4.99
C LYS A 65 4.21 0.07 5.22
N SER A 66 3.83 0.59 6.38
CA SER A 66 2.44 0.69 6.77
C SER A 66 1.68 1.71 5.92
N ASP A 67 2.41 2.61 5.25
CA ASP A 67 1.78 3.61 4.40
C ASP A 67 1.11 2.95 3.19
N LEU A 68 1.67 1.83 2.76
CA LEU A 68 1.13 1.12 1.61
C LEU A 68 0.15 0.04 2.05
N ILE A 69 0.24 -0.38 3.30
CA ILE A 69 -0.57 -1.48 3.80
C ILE A 69 -1.81 -0.98 4.52
N GLU A 70 -1.64 -0.06 5.45
CA GLU A 70 -2.71 0.37 6.32
C GLU A 70 -3.51 1.52 5.73
N ASP A 71 -4.73 1.69 6.23
CA ASP A 71 -5.61 2.79 5.82
C ASP A 71 -4.89 4.13 5.96
N LYS A 72 -5.09 5.01 4.99
CA LYS A 72 -4.38 6.30 4.94
C LYS A 72 -4.89 7.28 6.01
N LYS A 73 -5.68 6.79 6.95
CA LYS A 73 -6.16 7.58 8.07
C LYS A 73 -5.12 7.59 9.20
N LEU A 74 -3.89 7.23 8.83
CA LEU A 74 -2.78 7.18 9.74
C LEU A 74 -2.44 8.56 10.28
N ASN A 75 -3.15 8.93 11.32
CA ASN A 75 -2.92 10.16 12.02
C ASN A 75 -1.78 9.99 13.02
N ILE A 76 -1.47 11.03 13.75
CA ILE A 76 -0.40 10.97 14.73
C ILE A 76 -0.94 10.50 16.06
N ASP A 77 -0.42 9.40 16.54
CA ASP A 77 -0.86 8.80 17.80
C ASP A 77 0.22 8.93 18.85
N THR A 78 0.26 10.09 19.50
CA THR A 78 1.22 10.32 20.57
C THR A 78 1.03 11.72 21.15
N VAL A 79 1.33 11.86 22.43
CA VAL A 79 1.31 13.14 23.10
C VAL A 79 2.73 13.44 23.58
N PRO A 80 3.53 14.08 22.72
CA PRO A 80 4.96 14.31 22.98
C PRO A 80 5.22 14.99 24.33
N ILE A 81 5.71 14.21 25.27
CA ILE A 81 6.08 14.74 26.58
C ILE A 81 7.23 15.70 26.44
N GLU A 82 7.03 16.92 26.94
CA GLU A 82 8.03 17.97 26.81
C GLU A 82 9.28 17.61 27.60
N SER A 83 10.31 17.19 26.88
CA SER A 83 11.53 16.71 27.49
C SER A 83 12.48 17.86 27.80
N GLY A 84 13.56 17.56 28.51
CA GLY A 84 14.50 18.59 28.91
C GLY A 84 15.34 19.09 27.77
N TYR A 85 15.29 20.39 27.52
CA TYR A 85 16.11 21.02 26.50
C TYR A 85 17.59 20.94 26.88
N THR A 86 18.43 20.66 25.88
CA THR A 86 19.87 20.57 26.09
C THR A 86 20.43 21.90 26.60
N LEU A 87 21.33 21.84 27.56
CA LEU A 87 21.94 23.05 28.11
C LEU A 87 22.69 23.82 27.03
N GLU A 88 22.48 25.13 27.01
CA GLU A 88 23.10 26.00 26.03
C GLU A 88 24.60 26.12 26.26
N HIS A 89 25.35 26.13 25.17
CA HIS A 89 26.79 26.23 25.24
C HIS A 89 27.23 27.68 25.25
N HIS A 90 26.40 28.54 24.65
CA HIS A 90 26.61 29.98 24.71
C HIS A 90 25.48 30.62 25.50
N HIS A 91 25.79 31.04 26.72
CA HIS A 91 24.79 31.62 27.60
C HIS A 91 24.42 33.03 27.12
N HIS A 92 25.38 33.69 26.50
CA HIS A 92 25.15 35.00 25.88
C HIS A 92 26.42 35.43 25.16
N HIS A 93 26.25 36.22 24.09
CA HIS A 93 27.36 36.64 23.23
C HIS A 93 27.90 35.47 22.41
N HIS A 94 28.11 35.70 21.12
CA HIS A 94 28.72 34.71 20.26
C HIS A 94 29.89 35.34 19.52
N MET A 1 -16.83 -10.52 -6.03
CA MET A 1 -15.40 -10.80 -6.25
C MET A 1 -14.72 -11.07 -4.91
N VAL A 2 -14.25 -12.29 -4.72
CA VAL A 2 -13.68 -12.68 -3.44
C VAL A 2 -12.20 -12.33 -3.36
N LYS A 3 -11.91 -11.21 -2.73
CA LYS A 3 -10.55 -10.80 -2.43
C LYS A 3 -10.49 -10.24 -1.03
N ASP A 4 -9.33 -10.34 -0.38
CA ASP A 4 -9.15 -9.73 0.93
C ASP A 4 -9.32 -8.23 0.79
N LYS A 5 -10.02 -7.61 1.74
CA LYS A 5 -10.17 -6.17 1.73
C LYS A 5 -8.82 -5.51 1.92
N GLN A 6 -7.91 -6.23 2.55
CA GLN A 6 -6.54 -5.79 2.74
C GLN A 6 -5.82 -5.72 1.39
N LYS A 7 -6.17 -6.64 0.49
CA LYS A 7 -5.60 -6.66 -0.86
C LYS A 7 -5.94 -5.37 -1.58
N ALA A 8 -7.21 -4.98 -1.49
CA ALA A 8 -7.70 -3.79 -2.15
C ALA A 8 -7.06 -2.53 -1.57
N ILE A 9 -6.97 -2.48 -0.25
CA ILE A 9 -6.37 -1.33 0.43
C ILE A 9 -4.91 -1.17 0.06
N PHE A 10 -4.14 -2.26 0.19
CA PHE A 10 -2.71 -2.23 -0.10
C PHE A 10 -2.46 -1.80 -1.54
N SER A 11 -3.15 -2.42 -2.48
CA SER A 11 -2.93 -2.15 -3.89
C SER A 11 -3.32 -0.72 -4.26
N GLU A 12 -4.48 -0.27 -3.81
CA GLU A 12 -4.96 1.06 -4.14
C GLU A 12 -4.07 2.12 -3.49
N ASN A 13 -3.61 1.83 -2.28
CA ASN A 13 -2.71 2.73 -1.56
C ASN A 13 -1.41 2.90 -2.34
N LEU A 14 -0.80 1.77 -2.70
CA LEU A 14 0.42 1.76 -3.48
C LEU A 14 0.20 2.40 -4.85
N ASN A 15 -0.90 2.04 -5.49
CA ASN A 15 -1.24 2.56 -6.82
C ASN A 15 -1.28 4.08 -6.80
N SER A 16 -1.78 4.64 -5.71
CA SER A 16 -1.84 6.09 -5.54
C SER A 16 -0.44 6.71 -5.55
N TYR A 17 0.51 6.04 -4.89
CA TYR A 17 1.89 6.52 -4.86
C TYR A 17 2.52 6.45 -6.24
N ILE A 18 2.31 5.32 -6.92
CA ILE A 18 2.89 5.09 -8.24
C ILE A 18 2.52 6.21 -9.21
N ALA A 19 1.22 6.50 -9.30
CA ALA A 19 0.71 7.48 -10.25
C ALA A 19 1.07 8.91 -9.84
N LYS A 20 1.25 9.12 -8.55
CA LYS A 20 1.50 10.47 -8.03
C LYS A 20 2.98 10.76 -7.89
N SER A 21 3.81 9.80 -8.24
CA SER A 21 5.24 10.00 -8.28
C SER A 21 5.70 10.26 -9.72
N GLU A 22 4.76 10.15 -10.66
CA GLU A 22 5.06 10.26 -12.09
C GLU A 22 6.18 9.31 -12.48
N LYS A 23 6.06 8.07 -12.05
CA LYS A 23 7.04 7.05 -12.36
C LYS A 23 6.31 5.81 -12.86
N THR A 24 6.93 5.10 -13.80
CA THR A 24 6.27 3.97 -14.43
C THR A 24 6.41 2.70 -13.60
N GLN A 25 5.54 1.74 -13.88
CA GLN A 25 5.62 0.43 -13.24
C GLN A 25 6.96 -0.21 -13.54
N LEU A 26 7.41 0.00 -14.77
CA LEU A 26 8.68 -0.49 -15.25
C LEU A 26 9.84 0.09 -14.43
N GLU A 27 9.83 1.40 -14.24
CA GLU A 27 10.88 2.08 -13.49
C GLU A 27 10.95 1.61 -12.04
N ILE A 28 9.79 1.30 -11.46
CA ILE A 28 9.75 0.83 -10.09
C ILE A 28 10.24 -0.62 -9.99
N ALA A 29 9.73 -1.47 -10.88
CA ALA A 29 10.14 -2.87 -10.93
C ALA A 29 11.63 -3.00 -11.23
N LYS A 30 12.13 -2.04 -11.99
CA LYS A 30 13.55 -1.95 -12.36
C LYS A 30 14.45 -1.94 -11.12
N SER A 31 14.05 -1.18 -10.10
CA SER A 31 14.84 -1.05 -8.88
C SER A 31 14.67 -2.29 -8.00
N ILE A 32 13.49 -2.90 -8.04
CA ILE A 32 13.20 -4.05 -7.20
C ILE A 32 13.90 -5.30 -7.75
N GLY A 33 13.82 -5.49 -9.06
CA GLY A 33 14.41 -6.67 -9.67
C GLY A 33 13.35 -7.68 -10.04
N VAL A 34 12.23 -7.18 -10.55
CA VAL A 34 11.13 -8.03 -10.97
C VAL A 34 10.62 -7.62 -12.34
N SER A 35 9.92 -8.54 -13.01
CA SER A 35 9.35 -8.27 -14.33
C SER A 35 8.08 -7.42 -14.19
N PRO A 36 7.83 -6.53 -15.15
CA PRO A 36 6.67 -5.62 -15.12
C PRO A 36 5.33 -6.34 -15.05
N GLN A 37 5.24 -7.52 -15.67
CA GLN A 37 4.00 -8.30 -15.62
C GLN A 37 3.72 -8.80 -14.21
N THR A 38 4.79 -9.05 -13.45
CA THR A 38 4.65 -9.52 -12.07
C THR A 38 4.31 -8.35 -11.17
N PHE A 39 4.79 -7.18 -11.55
CA PHE A 39 4.47 -5.95 -10.84
C PHE A 39 3.01 -5.57 -11.10
N ASN A 40 2.54 -5.86 -12.31
CA ASN A 40 1.18 -5.52 -12.72
C ASN A 40 0.15 -6.25 -11.88
N THR A 41 0.45 -7.49 -11.53
CA THR A 41 -0.43 -8.28 -10.67
C THR A 41 -0.60 -7.65 -9.29
N TRP A 42 0.45 -6.99 -8.81
CA TRP A 42 0.39 -6.28 -7.54
C TRP A 42 -0.40 -4.99 -7.73
N CYS A 43 -0.10 -4.29 -8.82
CA CYS A 43 -0.72 -3.01 -9.13
C CYS A 43 -2.21 -3.16 -9.43
N LYS A 44 -2.60 -4.32 -9.93
CA LYS A 44 -3.96 -4.61 -10.25
C LYS A 44 -4.72 -5.11 -9.02
N GLY A 45 -4.02 -5.25 -7.91
CA GLY A 45 -4.65 -5.70 -6.68
C GLY A 45 -5.02 -7.16 -6.69
N ILE A 46 -4.24 -7.97 -7.42
CA ILE A 46 -4.52 -9.39 -7.52
C ILE A 46 -3.81 -10.15 -6.41
N ALA A 47 -2.61 -9.72 -6.06
CA ALA A 47 -1.82 -10.40 -5.04
C ALA A 47 -0.84 -9.44 -4.39
N ILE A 48 -0.32 -9.85 -3.24
CA ILE A 48 0.70 -9.09 -2.53
C ILE A 48 2.03 -9.85 -2.55
N PRO A 49 3.13 -9.15 -2.84
CA PRO A 49 4.46 -9.76 -2.86
C PRO A 49 4.94 -10.12 -1.46
N ARG A 50 6.08 -10.81 -1.39
CA ARG A 50 6.65 -11.23 -0.12
C ARG A 50 7.16 -10.01 0.66
N MET A 51 7.31 -10.17 1.98
CA MET A 51 7.63 -9.06 2.88
C MET A 51 8.85 -8.26 2.41
N GLY A 52 9.91 -8.95 2.02
CA GLY A 52 11.12 -8.30 1.56
C GLY A 52 10.87 -7.43 0.33
N LYS A 53 10.05 -7.93 -0.58
CA LYS A 53 9.72 -7.21 -1.80
C LYS A 53 8.77 -6.04 -1.51
N VAL A 54 7.96 -6.19 -0.46
CA VAL A 54 7.11 -5.10 0.00
C VAL A 54 7.99 -3.98 0.55
N GLN A 55 9.03 -4.36 1.28
CA GLN A 55 9.99 -3.40 1.81
C GLN A 55 10.71 -2.68 0.67
N ALA A 56 10.97 -3.40 -0.42
CA ALA A 56 11.60 -2.80 -1.60
C ALA A 56 10.71 -1.72 -2.20
N LEU A 57 9.40 -1.95 -2.16
CA LEU A 57 8.43 -0.97 -2.62
C LEU A 57 8.48 0.28 -1.76
N ALA A 58 8.39 0.09 -0.44
CA ALA A 58 8.42 1.20 0.50
C ALA A 58 9.76 1.93 0.45
N ASP A 59 10.82 1.15 0.24
CA ASP A 59 12.17 1.68 0.15
C ASP A 59 12.30 2.66 -0.99
N TYR A 60 11.76 2.27 -2.15
CA TYR A 60 11.89 3.07 -3.37
C TYR A 60 11.13 4.38 -3.25
N PHE A 61 10.03 4.37 -2.49
CA PHE A 61 9.25 5.58 -2.26
C PHE A 61 9.76 6.31 -1.03
N ASN A 62 10.71 5.69 -0.35
CA ASN A 62 11.31 6.22 0.88
C ASN A 62 10.22 6.41 1.96
N ILE A 63 9.47 5.35 2.20
CA ILE A 63 8.42 5.35 3.21
C ILE A 63 8.47 4.06 4.02
N ASN A 64 7.46 3.87 4.86
CA ASN A 64 7.35 2.64 5.64
C ASN A 64 6.33 1.72 5.02
N LYS A 65 6.39 0.43 5.34
CA LYS A 65 5.39 -0.50 4.86
C LYS A 65 4.04 -0.17 5.48
N SER A 66 4.09 0.42 6.68
CA SER A 66 2.90 0.84 7.39
C SER A 66 2.09 1.86 6.58
N ASP A 67 2.77 2.58 5.69
CA ASP A 67 2.11 3.57 4.84
C ASP A 67 1.33 2.89 3.73
N LEU A 68 1.77 1.68 3.38
CA LEU A 68 1.12 0.89 2.33
C LEU A 68 0.09 -0.07 2.92
N ILE A 69 0.45 -0.72 4.01
CA ILE A 69 -0.39 -1.74 4.63
C ILE A 69 -1.63 -1.13 5.27
N GLU A 70 -1.45 -0.06 6.03
CA GLU A 70 -2.57 0.60 6.66
C GLU A 70 -3.24 1.55 5.67
N ASP A 71 -4.49 1.86 5.94
CA ASP A 71 -5.26 2.72 5.07
C ASP A 71 -5.21 4.16 5.55
N LYS A 72 -4.96 5.08 4.63
CA LYS A 72 -4.84 6.49 4.97
C LYS A 72 -6.18 7.18 4.82
N LYS A 73 -7.17 6.45 4.31
CA LYS A 73 -8.52 6.97 4.24
C LYS A 73 -9.23 6.68 5.57
N LEU A 74 -8.46 6.13 6.49
CA LEU A 74 -8.91 5.91 7.83
C LEU A 74 -8.48 7.10 8.69
N ASN A 75 -9.25 8.17 8.60
CA ASN A 75 -8.99 9.37 9.38
C ASN A 75 -9.12 9.06 10.85
N ILE A 76 -8.00 9.07 11.55
CA ILE A 76 -7.93 8.71 12.96
C ILE A 76 -8.88 9.60 13.76
N ASP A 77 -9.65 8.97 14.64
CA ASP A 77 -10.66 9.66 15.39
C ASP A 77 -10.38 9.49 16.87
N THR A 78 -10.02 10.59 17.49
CA THR A 78 -9.77 10.65 18.92
C THR A 78 -10.94 10.07 19.72
N VAL A 79 -10.66 9.71 20.96
CA VAL A 79 -11.69 9.24 21.87
C VAL A 79 -12.04 10.33 22.88
N PRO A 80 -13.00 11.20 22.50
CA PRO A 80 -13.34 12.39 23.29
C PRO A 80 -13.95 12.06 24.64
N ILE A 81 -13.98 13.04 25.53
CA ILE A 81 -14.61 12.89 26.82
C ILE A 81 -16.11 12.64 26.66
N GLU A 82 -16.64 11.76 27.48
CA GLU A 82 -18.05 11.38 27.37
C GLU A 82 -18.91 12.24 28.30
N SER A 83 -20.22 12.21 28.08
CA SER A 83 -21.13 13.05 28.82
C SER A 83 -22.04 12.20 29.71
N GLY A 84 -21.89 12.38 31.03
CA GLY A 84 -22.65 11.60 32.00
C GLY A 84 -22.19 10.16 32.03
N TYR A 85 -22.75 9.37 31.14
CA TYR A 85 -22.29 8.01 30.92
C TYR A 85 -22.50 7.64 29.45
N THR A 86 -21.41 7.51 28.73
CA THR A 86 -21.47 7.22 27.31
C THR A 86 -20.55 6.04 26.98
N LEU A 87 -21.03 5.15 26.13
CA LEU A 87 -20.25 3.99 25.73
C LEU A 87 -19.18 4.37 24.71
N GLU A 88 -18.03 4.77 25.22
CA GLU A 88 -16.87 5.01 24.38
C GLU A 88 -15.87 3.88 24.57
N HIS A 89 -14.64 4.07 24.14
CA HIS A 89 -13.67 2.99 24.16
C HIS A 89 -12.36 3.40 24.84
N HIS A 90 -12.08 2.82 25.99
CA HIS A 90 -10.83 3.07 26.69
C HIS A 90 -9.79 2.04 26.25
N HIS A 91 -8.72 2.52 25.63
CA HIS A 91 -7.68 1.63 25.14
C HIS A 91 -6.31 2.16 25.55
N HIS A 92 -5.79 1.62 26.63
CA HIS A 92 -4.52 2.07 27.19
C HIS A 92 -3.38 1.30 26.54
N HIS A 93 -2.25 1.97 26.34
CA HIS A 93 -1.09 1.38 25.66
C HIS A 93 -0.25 0.55 26.64
N HIS A 94 -0.91 0.00 27.67
CA HIS A 94 -0.26 -0.85 28.65
C HIS A 94 -1.30 -1.46 29.58
N MET A 1 -14.70 -15.31 3.61
CA MET A 1 -14.34 -14.82 2.26
C MET A 1 -12.83 -14.86 2.07
N VAL A 2 -12.39 -15.00 0.82
CA VAL A 2 -10.97 -15.10 0.53
C VAL A 2 -10.50 -13.90 -0.30
N LYS A 3 -11.32 -12.86 -0.39
CA LYS A 3 -10.96 -11.68 -1.15
C LYS A 3 -9.92 -10.86 -0.43
N ASP A 4 -10.18 -10.58 0.86
CA ASP A 4 -9.33 -9.72 1.68
C ASP A 4 -9.31 -8.29 1.14
N LYS A 5 -9.90 -7.37 1.89
CA LYS A 5 -9.88 -5.95 1.53
C LYS A 5 -8.43 -5.47 1.43
N GLN A 6 -7.56 -6.12 2.21
CA GLN A 6 -6.14 -5.78 2.26
C GLN A 6 -5.50 -5.82 0.87
N LYS A 7 -5.94 -6.76 0.04
CA LYS A 7 -5.40 -6.87 -1.32
C LYS A 7 -5.76 -5.65 -2.16
N ALA A 8 -6.96 -5.12 -1.93
CA ALA A 8 -7.40 -3.91 -2.60
C ALA A 8 -6.73 -2.68 -2.00
N ILE A 9 -6.48 -2.73 -0.69
CA ILE A 9 -5.79 -1.65 0.01
C ILE A 9 -4.40 -1.46 -0.56
N PHE A 10 -3.66 -2.56 -0.66
CA PHE A 10 -2.32 -2.54 -1.23
C PHE A 10 -2.33 -1.92 -2.62
N SER A 11 -3.31 -2.32 -3.43
CA SER A 11 -3.47 -1.78 -4.77
C SER A 11 -3.73 -0.27 -4.72
N GLU A 12 -4.72 0.12 -3.92
CA GLU A 12 -5.13 1.52 -3.81
C GLU A 12 -3.97 2.41 -3.34
N ASN A 13 -3.37 2.02 -2.23
CA ASN A 13 -2.31 2.82 -1.60
C ASN A 13 -1.09 2.91 -2.50
N LEU A 14 -0.69 1.79 -3.08
CA LEU A 14 0.48 1.75 -3.95
C LEU A 14 0.27 2.66 -5.17
N ASN A 15 -0.90 2.54 -5.80
CA ASN A 15 -1.21 3.31 -7.00
C ASN A 15 -1.13 4.82 -6.73
N SER A 16 -1.53 5.23 -5.54
CA SER A 16 -1.52 6.63 -5.16
C SER A 16 -0.09 7.19 -5.20
N TYR A 17 0.88 6.42 -4.71
CA TYR A 17 2.27 6.86 -4.69
C TYR A 17 2.91 6.72 -6.07
N ILE A 18 2.54 5.66 -6.79
CA ILE A 18 3.06 5.43 -8.14
C ILE A 18 2.76 6.63 -9.05
N ALA A 19 1.50 7.05 -9.07
CA ALA A 19 1.07 8.14 -9.93
C ALA A 19 1.73 9.46 -9.54
N LYS A 20 1.97 9.64 -8.24
CA LYS A 20 2.56 10.87 -7.73
C LYS A 20 4.07 10.89 -7.92
N SER A 21 4.68 9.72 -7.99
CA SER A 21 6.10 9.62 -8.31
C SER A 21 6.29 9.78 -9.83
N GLU A 22 5.30 9.30 -10.56
CA GLU A 22 5.24 9.40 -12.02
C GLU A 22 6.38 8.63 -12.68
N LYS A 23 6.82 7.57 -12.01
CA LYS A 23 7.71 6.61 -12.63
C LYS A 23 6.87 5.44 -13.13
N THR A 24 7.25 4.85 -14.24
CA THR A 24 6.45 3.81 -14.84
C THR A 24 6.51 2.53 -14.01
N GLN A 25 5.50 1.69 -14.15
CA GLN A 25 5.46 0.42 -13.45
C GLN A 25 6.69 -0.41 -13.81
N LEU A 26 7.10 -0.28 -15.06
CA LEU A 26 8.27 -0.93 -15.57
C LEU A 26 9.52 -0.47 -14.82
N GLU A 27 9.66 0.86 -14.70
CA GLU A 27 10.77 1.46 -13.99
C GLU A 27 10.79 1.06 -12.52
N ILE A 28 9.62 1.06 -11.90
CA ILE A 28 9.51 0.67 -10.50
C ILE A 28 9.87 -0.80 -10.32
N ALA A 29 9.32 -1.66 -11.17
CA ALA A 29 9.62 -3.09 -11.13
C ALA A 29 11.11 -3.35 -11.34
N LYS A 30 11.71 -2.58 -12.26
CA LYS A 30 13.13 -2.64 -12.51
C LYS A 30 13.92 -2.31 -11.24
N SER A 31 13.45 -1.30 -10.51
CA SER A 31 14.10 -0.89 -9.28
C SER A 31 13.94 -1.96 -8.20
N ILE A 32 12.76 -2.56 -8.14
CA ILE A 32 12.46 -3.59 -7.16
C ILE A 32 13.24 -4.88 -7.47
N GLY A 33 13.28 -5.25 -8.73
CA GLY A 33 14.01 -6.44 -9.13
C GLY A 33 13.10 -7.54 -9.59
N VAL A 34 11.92 -7.17 -10.07
CA VAL A 34 10.94 -8.14 -10.52
C VAL A 34 10.44 -7.79 -11.91
N SER A 35 9.78 -8.75 -12.55
CA SER A 35 9.23 -8.53 -13.88
C SER A 35 8.02 -7.61 -13.80
N PRO A 36 7.83 -6.74 -14.82
CA PRO A 36 6.73 -5.77 -14.85
C PRO A 36 5.36 -6.44 -14.81
N GLN A 37 5.28 -7.64 -15.35
CA GLN A 37 4.03 -8.39 -15.34
C GLN A 37 3.74 -8.98 -13.96
N THR A 38 4.79 -9.14 -13.17
CA THR A 38 4.63 -9.60 -11.80
C THR A 38 4.15 -8.44 -10.94
N PHE A 39 4.67 -7.26 -11.25
CA PHE A 39 4.23 -6.03 -10.62
C PHE A 39 2.75 -5.79 -10.94
N ASN A 40 2.37 -6.17 -12.15
CA ASN A 40 0.98 -6.06 -12.62
C ASN A 40 0.00 -6.73 -11.66
N THR A 41 0.29 -7.96 -11.25
CA THR A 41 -0.62 -8.70 -10.38
C THR A 41 -0.69 -8.07 -8.99
N TRP A 42 0.35 -7.35 -8.61
CA TRP A 42 0.36 -6.65 -7.33
C TRP A 42 -0.44 -5.36 -7.43
N CYS A 43 -0.17 -4.60 -8.47
CA CYS A 43 -0.80 -3.32 -8.69
C CYS A 43 -2.31 -3.47 -8.90
N LYS A 44 -2.70 -4.62 -9.45
CA LYS A 44 -4.11 -4.92 -9.68
C LYS A 44 -4.79 -5.40 -8.40
N GLY A 45 -4.00 -5.63 -7.36
CA GLY A 45 -4.56 -6.14 -6.11
C GLY A 45 -5.03 -7.57 -6.25
N ILE A 46 -4.30 -8.37 -7.03
CA ILE A 46 -4.62 -9.78 -7.20
C ILE A 46 -3.93 -10.60 -6.12
N ALA A 47 -2.70 -10.22 -5.82
CA ALA A 47 -1.92 -10.89 -4.80
C ALA A 47 -0.95 -9.93 -4.15
N ILE A 48 -0.68 -10.14 -2.87
CA ILE A 48 0.29 -9.34 -2.16
C ILE A 48 1.61 -10.10 -2.06
N PRO A 49 2.70 -9.47 -2.48
CA PRO A 49 4.04 -10.08 -2.46
C PRO A 49 4.57 -10.31 -1.06
N ARG A 50 5.71 -10.95 -0.97
CA ARG A 50 6.34 -11.23 0.31
C ARG A 50 7.00 -9.95 0.84
N MET A 51 7.12 -9.87 2.17
CA MET A 51 7.62 -8.67 2.84
C MET A 51 8.94 -8.17 2.25
N GLY A 52 9.75 -9.09 1.74
CA GLY A 52 11.02 -8.75 1.15
C GLY A 52 10.91 -7.67 0.08
N LYS A 53 9.97 -7.83 -0.84
CA LYS A 53 9.79 -6.86 -1.91
C LYS A 53 8.82 -5.76 -1.49
N VAL A 54 7.97 -6.05 -0.52
CA VAL A 54 7.05 -5.04 0.00
C VAL A 54 7.84 -3.91 0.66
N GLN A 55 8.85 -4.28 1.44
CA GLN A 55 9.70 -3.31 2.10
C GLN A 55 10.49 -2.50 1.07
N ALA A 56 10.81 -3.16 -0.04
CA ALA A 56 11.53 -2.50 -1.13
C ALA A 56 10.65 -1.42 -1.76
N LEU A 57 9.38 -1.74 -1.97
CA LEU A 57 8.41 -0.80 -2.50
C LEU A 57 8.30 0.42 -1.60
N ALA A 58 8.09 0.18 -0.32
CA ALA A 58 7.94 1.25 0.65
C ALA A 58 9.21 2.10 0.73
N ASP A 59 10.35 1.45 0.67
CA ASP A 59 11.63 2.15 0.76
C ASP A 59 11.88 2.99 -0.48
N TYR A 60 11.45 2.47 -1.62
CA TYR A 60 11.61 3.16 -2.89
C TYR A 60 10.88 4.50 -2.89
N PHE A 61 9.70 4.51 -2.28
CA PHE A 61 8.90 5.73 -2.19
C PHE A 61 9.24 6.51 -0.93
N ASN A 62 10.22 6.02 -0.19
CA ASN A 62 10.65 6.61 1.07
C ASN A 62 9.48 6.78 2.03
N ILE A 63 8.71 5.71 2.18
CA ILE A 63 7.62 5.66 3.12
C ILE A 63 7.81 4.50 4.07
N ASN A 64 6.83 4.22 4.90
CA ASN A 64 6.90 3.09 5.81
C ASN A 64 6.11 1.93 5.25
N LYS A 65 6.38 0.73 5.73
CA LYS A 65 5.62 -0.45 5.31
C LYS A 65 4.14 -0.24 5.62
N SER A 66 3.89 0.50 6.68
CA SER A 66 2.55 0.77 7.16
C SER A 66 1.72 1.48 6.09
N ASP A 67 2.38 2.27 5.25
CA ASP A 67 1.70 3.00 4.18
C ASP A 67 1.05 2.03 3.20
N LEU A 68 1.64 0.85 3.06
CA LEU A 68 1.13 -0.16 2.16
C LEU A 68 0.23 -1.16 2.89
N ILE A 69 0.36 -1.24 4.21
CA ILE A 69 -0.37 -2.25 4.98
C ILE A 69 -1.64 -1.67 5.60
N GLU A 70 -1.58 -0.43 6.06
CA GLU A 70 -2.73 0.20 6.67
C GLU A 70 -3.68 0.72 5.60
N ASP A 71 -4.94 0.88 5.98
CA ASP A 71 -5.98 1.27 5.06
C ASP A 71 -5.99 2.79 4.90
N LYS A 72 -6.56 3.27 3.79
CA LYS A 72 -6.53 4.70 3.47
C LYS A 72 -7.62 5.49 4.21
N LYS A 73 -8.31 4.84 5.14
CA LYS A 73 -9.31 5.52 5.95
C LYS A 73 -8.64 6.22 7.13
N LEU A 74 -7.52 6.84 6.83
CA LEU A 74 -6.72 7.53 7.82
C LEU A 74 -7.29 8.90 8.14
N ASN A 75 -8.29 8.92 9.00
CA ASN A 75 -8.82 10.16 9.52
C ASN A 75 -8.58 10.17 11.03
N ILE A 76 -8.14 11.31 11.54
CA ILE A 76 -7.78 11.41 12.94
C ILE A 76 -8.96 11.08 13.84
N ASP A 77 -8.76 10.09 14.68
CA ASP A 77 -9.74 9.64 15.63
C ASP A 77 -8.99 9.04 16.79
N THR A 78 -9.11 9.68 17.93
CA THR A 78 -8.29 9.39 19.10
C THR A 78 -8.17 7.89 19.41
N VAL A 79 -6.98 7.39 19.15
CA VAL A 79 -6.60 6.02 19.49
C VAL A 79 -5.20 6.07 20.07
N PRO A 80 -5.10 6.28 21.40
CA PRO A 80 -3.83 6.57 22.11
C PRO A 80 -2.60 5.80 21.63
N ILE A 81 -1.95 6.35 20.60
CA ILE A 81 -0.75 5.80 19.99
C ILE A 81 0.05 6.96 19.40
N GLU A 82 1.37 6.87 19.43
CA GLU A 82 2.20 7.93 18.88
C GLU A 82 2.21 7.87 17.36
N SER A 83 1.29 8.60 16.75
CA SER A 83 1.20 8.68 15.31
C SER A 83 1.79 10.00 14.82
N GLY A 84 2.98 9.92 14.23
CA GLY A 84 3.66 11.11 13.75
C GLY A 84 3.21 11.53 12.36
N TYR A 85 1.91 11.75 12.22
CA TYR A 85 1.32 12.23 10.98
C TYR A 85 -0.06 12.82 11.23
N THR A 86 -0.20 14.11 10.96
CA THR A 86 -1.45 14.81 11.22
C THR A 86 -2.24 15.03 9.93
N LEU A 87 -3.39 14.39 9.84
CA LEU A 87 -4.27 14.57 8.69
C LEU A 87 -5.14 15.81 8.90
N GLU A 88 -5.82 15.85 10.05
CA GLU A 88 -6.67 16.97 10.46
C GLU A 88 -7.93 17.04 9.59
N HIS A 89 -8.99 17.62 10.17
CA HIS A 89 -10.23 17.92 9.45
C HIS A 89 -11.05 16.66 9.19
N HIS A 90 -12.20 16.57 9.84
CA HIS A 90 -13.05 15.41 9.70
C HIS A 90 -13.86 15.47 8.40
N HIS A 91 -14.83 16.37 8.34
CA HIS A 91 -15.62 16.54 7.12
C HIS A 91 -16.33 17.88 7.09
N HIS A 92 -17.61 17.90 7.46
CA HIS A 92 -18.47 19.08 7.38
C HIS A 92 -19.81 18.77 8.04
N HIS A 93 -20.83 19.54 7.72
CA HIS A 93 -22.18 19.23 8.14
C HIS A 93 -22.99 18.75 6.94
N HIS A 94 -24.28 18.52 7.16
CA HIS A 94 -25.16 18.03 6.09
C HIS A 94 -25.76 19.20 5.33
N MET A 1 -8.71 -15.75 -0.83
CA MET A 1 -9.65 -15.27 -1.86
C MET A 1 -10.89 -14.65 -1.22
N VAL A 2 -11.23 -15.09 -0.01
CA VAL A 2 -12.40 -14.58 0.69
C VAL A 2 -12.10 -13.22 1.33
N LYS A 3 -11.25 -13.22 2.34
CA LYS A 3 -10.89 -11.98 3.02
C LYS A 3 -9.53 -11.47 2.53
N ASP A 4 -9.55 -10.94 1.32
CA ASP A 4 -8.35 -10.39 0.69
C ASP A 4 -8.52 -8.90 0.46
N LYS A 5 -9.38 -8.29 1.27
CA LYS A 5 -9.65 -6.87 1.18
C LYS A 5 -8.38 -6.06 1.43
N GLN A 6 -7.45 -6.68 2.15
CA GLN A 6 -6.14 -6.07 2.42
C GLN A 6 -5.41 -5.79 1.11
N LYS A 7 -5.60 -6.68 0.13
CA LYS A 7 -4.94 -6.56 -1.17
C LYS A 7 -5.51 -5.39 -1.97
N ALA A 8 -6.79 -5.08 -1.74
CA ALA A 8 -7.43 -3.95 -2.41
C ALA A 8 -6.85 -2.64 -1.88
N ILE A 9 -6.62 -2.60 -0.58
CA ILE A 9 -6.01 -1.43 0.04
C ILE A 9 -4.57 -1.30 -0.43
N PHE A 10 -3.86 -2.42 -0.45
CA PHE A 10 -2.47 -2.47 -0.89
C PHE A 10 -2.32 -1.90 -2.30
N SER A 11 -3.11 -2.42 -3.23
CA SER A 11 -3.02 -2.02 -4.62
C SER A 11 -3.42 -0.56 -4.81
N GLU A 12 -4.52 -0.15 -4.20
CA GLU A 12 -5.03 1.21 -4.37
C GLU A 12 -4.00 2.23 -3.89
N ASN A 13 -3.36 1.97 -2.76
CA ASN A 13 -2.31 2.84 -2.25
C ASN A 13 -1.13 2.88 -3.21
N LEU A 14 -0.76 1.70 -3.70
CA LEU A 14 0.36 1.57 -4.61
C LEU A 14 0.12 2.40 -5.89
N ASN A 15 -1.05 2.19 -6.50
CA ASN A 15 -1.41 2.92 -7.73
C ASN A 15 -1.34 4.42 -7.54
N SER A 16 -1.88 4.89 -6.42
CA SER A 16 -1.94 6.32 -6.14
C SER A 16 -0.55 6.96 -6.08
N TYR A 17 0.40 6.28 -5.46
CA TYR A 17 1.74 6.83 -5.34
C TYR A 17 2.50 6.74 -6.67
N ILE A 18 2.29 5.64 -7.37
CA ILE A 18 2.96 5.41 -8.64
C ILE A 18 2.48 6.39 -9.72
N ALA A 19 1.17 6.54 -9.82
CA ALA A 19 0.59 7.40 -10.85
C ALA A 19 0.91 8.88 -10.59
N LYS A 20 1.16 9.21 -9.34
CA LYS A 20 1.44 10.59 -8.96
C LYS A 20 2.91 10.91 -9.24
N SER A 21 3.72 9.87 -9.32
CA SER A 21 5.14 10.02 -9.62
C SER A 21 5.35 10.16 -11.13
N GLU A 22 6.51 10.70 -11.52
CA GLU A 22 6.82 10.92 -12.92
C GLU A 22 7.20 9.60 -13.59
N LYS A 23 7.86 8.74 -12.84
CA LYS A 23 8.30 7.45 -13.34
C LYS A 23 7.14 6.48 -13.41
N THR A 24 7.20 5.55 -14.36
CA THR A 24 6.10 4.62 -14.58
C THR A 24 6.24 3.38 -13.72
N GLN A 25 5.19 2.56 -13.74
CA GLN A 25 5.19 1.26 -13.08
C GLN A 25 6.36 0.43 -13.57
N LEU A 26 6.67 0.57 -14.86
CA LEU A 26 7.74 -0.19 -15.49
C LEU A 26 9.10 0.25 -14.95
N GLU A 27 9.25 1.55 -14.73
CA GLU A 27 10.48 2.10 -14.15
C GLU A 27 10.67 1.59 -12.72
N ILE A 28 9.62 1.71 -11.92
CA ILE A 28 9.68 1.29 -10.53
C ILE A 28 9.94 -0.22 -10.41
N ALA A 29 9.24 -1.00 -11.23
CA ALA A 29 9.41 -2.45 -11.23
C ALA A 29 10.85 -2.84 -11.55
N LYS A 30 11.42 -2.18 -12.55
CA LYS A 30 12.81 -2.43 -12.94
C LYS A 30 13.77 -1.96 -11.85
N SER A 31 13.44 -0.84 -11.23
CA SER A 31 14.26 -0.29 -10.16
C SER A 31 14.33 -1.28 -8.98
N ILE A 32 13.19 -1.87 -8.66
CA ILE A 32 13.12 -2.86 -7.59
C ILE A 32 13.82 -4.15 -8.03
N GLY A 33 13.56 -4.57 -9.25
CA GLY A 33 14.17 -5.79 -9.77
C GLY A 33 13.17 -6.90 -9.96
N VAL A 34 11.93 -6.52 -10.29
CA VAL A 34 10.87 -7.49 -10.50
C VAL A 34 10.33 -7.38 -11.92
N SER A 35 9.72 -8.45 -12.38
CA SER A 35 9.08 -8.46 -13.70
C SER A 35 7.84 -7.58 -13.67
N PRO A 36 7.55 -6.87 -14.77
CA PRO A 36 6.40 -5.96 -14.83
C PRO A 36 5.07 -6.70 -14.68
N GLN A 37 5.06 -7.98 -15.05
CA GLN A 37 3.89 -8.83 -14.87
C GLN A 37 3.58 -9.02 -13.39
N THR A 38 4.63 -9.27 -12.60
CA THR A 38 4.49 -9.52 -11.18
C THR A 38 4.07 -8.22 -10.49
N PHE A 39 4.72 -7.14 -10.90
CA PHE A 39 4.40 -5.82 -10.41
C PHE A 39 2.95 -5.48 -10.73
N ASN A 40 2.50 -5.89 -11.90
CA ASN A 40 1.13 -5.64 -12.34
C ASN A 40 0.14 -6.39 -11.46
N THR A 41 0.43 -7.67 -11.17
CA THR A 41 -0.47 -8.46 -10.34
C THR A 41 -0.57 -7.91 -8.92
N TRP A 42 0.47 -7.20 -8.48
CA TRP A 42 0.45 -6.52 -7.19
C TRP A 42 -0.41 -5.26 -7.29
N CYS A 43 -0.19 -4.50 -8.35
CA CYS A 43 -0.86 -3.22 -8.55
C CYS A 43 -2.34 -3.43 -8.89
N LYS A 44 -2.67 -4.63 -9.33
CA LYS A 44 -4.05 -4.99 -9.61
C LYS A 44 -4.72 -5.60 -8.39
N GLY A 45 -3.96 -5.79 -7.32
CA GLY A 45 -4.50 -6.36 -6.09
C GLY A 45 -4.79 -7.84 -6.22
N ILE A 46 -4.05 -8.52 -7.07
CA ILE A 46 -4.23 -9.94 -7.28
C ILE A 46 -3.47 -10.73 -6.22
N ALA A 47 -2.26 -10.28 -5.90
CA ALA A 47 -1.43 -10.95 -4.92
C ALA A 47 -0.51 -9.96 -4.21
N ILE A 48 -0.09 -10.31 -3.01
CA ILE A 48 0.89 -9.52 -2.26
C ILE A 48 2.15 -10.36 -2.08
N PRO A 49 3.32 -9.77 -2.41
CA PRO A 49 4.61 -10.45 -2.32
C PRO A 49 4.99 -10.78 -0.88
N ARG A 50 6.23 -11.23 -0.69
CA ARG A 50 6.71 -11.57 0.64
C ARG A 50 7.28 -10.34 1.33
N MET A 51 7.41 -10.41 2.65
CA MET A 51 7.77 -9.25 3.47
C MET A 51 9.05 -8.57 2.98
N GLY A 52 9.99 -9.35 2.46
CA GLY A 52 11.23 -8.79 1.94
C GLY A 52 11.00 -7.87 0.76
N LYS A 53 10.11 -8.26 -0.13
CA LYS A 53 9.85 -7.48 -1.34
C LYS A 53 8.83 -6.38 -1.04
N VAL A 54 7.95 -6.63 -0.07
CA VAL A 54 7.05 -5.59 0.42
C VAL A 54 7.87 -4.49 1.07
N GLN A 55 8.90 -4.90 1.81
CA GLN A 55 9.82 -3.95 2.41
C GLN A 55 10.55 -3.17 1.33
N ALA A 56 10.88 -3.83 0.23
CA ALA A 56 11.53 -3.17 -0.90
C ALA A 56 10.65 -2.06 -1.48
N LEU A 57 9.34 -2.33 -1.52
CA LEU A 57 8.37 -1.35 -1.98
C LEU A 57 8.36 -0.14 -1.05
N ALA A 58 8.23 -0.40 0.24
CA ALA A 58 8.22 0.66 1.25
C ALA A 58 9.56 1.37 1.29
N ASP A 59 10.63 0.62 1.03
CA ASP A 59 11.99 1.14 1.02
C ASP A 59 12.16 2.18 -0.08
N TYR A 60 11.60 1.88 -1.25
CA TYR A 60 11.71 2.75 -2.41
C TYR A 60 11.03 4.09 -2.16
N PHE A 61 9.90 4.05 -1.46
CA PHE A 61 9.15 5.26 -1.17
C PHE A 61 9.55 5.86 0.17
N ASN A 62 10.44 5.14 0.87
CA ASN A 62 10.94 5.56 2.19
C ASN A 62 9.80 5.65 3.20
N ILE A 63 8.77 4.85 2.97
CA ILE A 63 7.59 4.85 3.84
C ILE A 63 7.54 3.57 4.66
N ASN A 64 6.44 3.36 5.36
CA ASN A 64 6.27 2.17 6.19
C ASN A 64 5.50 1.13 5.39
N LYS A 65 5.71 -0.13 5.70
CA LYS A 65 4.98 -1.21 5.06
C LYS A 65 3.48 -1.08 5.39
N SER A 66 3.20 -0.52 6.55
CA SER A 66 1.82 -0.32 6.99
C SER A 66 1.11 0.71 6.12
N ASP A 67 1.87 1.61 5.50
CA ASP A 67 1.29 2.62 4.62
C ASP A 67 0.58 1.98 3.42
N LEU A 68 0.99 0.77 3.08
CA LEU A 68 0.39 0.06 1.97
C LEU A 68 -0.73 -0.87 2.44
N ILE A 69 -0.70 -1.20 3.73
CA ILE A 69 -1.61 -2.20 4.27
C ILE A 69 -2.79 -1.56 5.03
N GLU A 70 -2.51 -0.54 5.83
CA GLU A 70 -3.50 0.02 6.75
C GLU A 70 -4.57 0.84 6.05
N ASP A 71 -5.66 1.05 6.77
CA ASP A 71 -6.83 1.77 6.25
C ASP A 71 -6.77 3.25 6.66
N LYS A 72 -7.80 4.02 6.29
CA LYS A 72 -7.92 5.44 6.62
C LYS A 72 -6.97 6.28 5.78
N LYS A 73 -6.32 5.64 4.82
CA LYS A 73 -5.41 6.32 3.93
C LYS A 73 -6.09 6.66 2.61
N LEU A 74 -7.41 6.62 2.61
CA LEU A 74 -8.20 6.89 1.43
C LEU A 74 -8.38 8.39 1.24
N ASN A 75 -7.35 9.03 0.72
CA ASN A 75 -7.40 10.44 0.42
C ASN A 75 -7.59 10.61 -1.08
N ILE A 76 -8.56 11.42 -1.45
CA ILE A 76 -8.93 11.56 -2.85
C ILE A 76 -7.96 12.46 -3.60
N ASP A 77 -7.41 11.90 -4.66
CA ASP A 77 -6.56 12.65 -5.58
C ASP A 77 -6.84 12.16 -7.00
N THR A 78 -7.89 11.38 -7.12
CA THR A 78 -8.28 10.77 -8.39
C THR A 78 -9.63 11.31 -8.84
N VAL A 79 -10.24 10.65 -9.82
CA VAL A 79 -11.54 11.02 -10.33
C VAL A 79 -12.60 10.01 -9.85
N PRO A 80 -13.20 10.25 -8.68
CA PRO A 80 -14.15 9.31 -8.08
C PRO A 80 -15.49 9.30 -8.82
N ILE A 81 -15.74 8.21 -9.52
CA ILE A 81 -17.01 8.04 -10.21
C ILE A 81 -18.06 7.62 -9.19
N GLU A 82 -19.31 7.98 -9.44
CA GLU A 82 -20.40 7.63 -8.54
C GLU A 82 -20.42 6.13 -8.23
N SER A 83 -20.22 5.80 -6.97
CA SER A 83 -20.20 4.41 -6.52
C SER A 83 -20.64 4.34 -5.06
N GLY A 84 -21.05 3.17 -4.63
CA GLY A 84 -21.51 3.01 -3.27
C GLY A 84 -20.95 1.76 -2.62
N TYR A 85 -21.31 1.53 -1.37
CA TYR A 85 -20.84 0.38 -0.62
C TYR A 85 -21.93 -0.10 0.33
N THR A 86 -21.71 -1.24 0.96
CA THR A 86 -22.64 -1.76 1.95
C THR A 86 -21.86 -2.38 3.12
N LEU A 87 -20.61 -1.98 3.24
CA LEU A 87 -19.75 -2.48 4.30
C LEU A 87 -20.05 -1.74 5.60
N GLU A 88 -20.80 -2.39 6.48
CA GLU A 88 -21.20 -1.81 7.74
C GLU A 88 -20.14 -2.04 8.81
N HIS A 89 -19.48 -3.19 8.71
CA HIS A 89 -18.47 -3.61 9.67
C HIS A 89 -19.05 -3.70 11.07
N HIS A 90 -20.02 -4.58 11.25
CA HIS A 90 -20.59 -4.84 12.57
C HIS A 90 -19.51 -5.39 13.48
N HIS A 91 -19.14 -4.63 14.49
CA HIS A 91 -18.07 -5.03 15.40
C HIS A 91 -18.52 -6.20 16.27
N HIS A 92 -17.70 -7.24 16.32
CA HIS A 92 -17.96 -8.40 17.16
C HIS A 92 -16.66 -8.82 17.84
N HIS A 93 -16.68 -8.81 19.17
CA HIS A 93 -15.49 -9.16 19.93
C HIS A 93 -15.49 -10.64 20.30
N HIS A 94 -14.29 -11.17 20.53
CA HIS A 94 -14.09 -12.58 20.84
C HIS A 94 -14.58 -13.46 19.70
N MET A 1 -17.57 -9.72 -1.73
CA MET A 1 -17.15 -9.86 -3.15
C MET A 1 -15.78 -9.24 -3.39
N VAL A 2 -15.19 -8.68 -2.35
CA VAL A 2 -13.87 -8.05 -2.47
C VAL A 2 -12.76 -9.08 -2.30
N LYS A 3 -13.05 -10.13 -1.54
CA LYS A 3 -12.06 -11.15 -1.20
C LYS A 3 -10.88 -10.52 -0.45
N ASP A 4 -11.09 -10.27 0.83
CA ASP A 4 -10.09 -9.66 1.71
C ASP A 4 -9.90 -8.18 1.39
N LYS A 5 -10.38 -7.31 2.28
CA LYS A 5 -10.21 -5.88 2.12
C LYS A 5 -8.73 -5.51 2.02
N GLN A 6 -7.87 -6.30 2.66
CA GLN A 6 -6.44 -6.04 2.65
C GLN A 6 -5.92 -6.00 1.21
N LYS A 7 -6.49 -6.84 0.35
CA LYS A 7 -6.13 -6.90 -1.05
C LYS A 7 -6.50 -5.59 -1.74
N ALA A 8 -7.71 -5.10 -1.45
CA ALA A 8 -8.21 -3.90 -2.09
C ALA A 8 -7.50 -2.65 -1.58
N ILE A 9 -7.31 -2.58 -0.27
CA ILE A 9 -6.69 -1.41 0.35
C ILE A 9 -5.24 -1.28 -0.11
N PHE A 10 -4.50 -2.39 -0.10
CA PHE A 10 -3.13 -2.40 -0.58
C PHE A 10 -3.07 -1.96 -2.04
N SER A 11 -3.98 -2.50 -2.84
CA SER A 11 -4.05 -2.16 -4.26
C SER A 11 -4.31 -0.67 -4.45
N GLU A 12 -5.37 -0.18 -3.82
CA GLU A 12 -5.79 1.21 -3.96
C GLU A 12 -4.71 2.17 -3.48
N ASN A 13 -4.16 1.87 -2.32
CA ASN A 13 -3.15 2.74 -1.70
C ASN A 13 -1.90 2.83 -2.59
N LEU A 14 -1.31 1.68 -2.88
CA LEU A 14 -0.09 1.63 -3.67
C LEU A 14 -0.32 2.20 -5.07
N ASN A 15 -1.47 1.90 -5.64
CA ASN A 15 -1.83 2.37 -6.97
C ASN A 15 -1.78 3.89 -7.04
N SER A 16 -2.17 4.54 -5.94
CA SER A 16 -2.23 6.00 -5.89
C SER A 16 -0.83 6.61 -5.96
N TYR A 17 0.13 6.01 -5.26
CA TYR A 17 1.51 6.51 -5.28
C TYR A 17 2.11 6.33 -6.68
N ILE A 18 1.82 5.19 -7.28
CA ILE A 18 2.31 4.86 -8.61
C ILE A 18 1.68 5.76 -9.67
N ALA A 19 0.40 6.05 -9.51
CA ALA A 19 -0.33 6.86 -10.47
C ALA A 19 0.12 8.32 -10.46
N LYS A 20 0.59 8.79 -9.31
CA LYS A 20 1.05 10.17 -9.21
C LYS A 20 2.48 10.29 -9.73
N SER A 21 3.25 9.25 -9.52
CA SER A 21 4.64 9.21 -9.95
C SER A 21 4.74 9.19 -11.47
N GLU A 22 5.77 9.86 -12.00
CA GLU A 22 6.01 9.88 -13.44
C GLU A 22 6.58 8.55 -13.91
N LYS A 23 7.23 7.85 -12.98
CA LYS A 23 7.84 6.57 -13.27
C LYS A 23 6.79 5.48 -13.36
N THR A 24 6.89 4.65 -14.39
CA THR A 24 5.89 3.64 -14.68
C THR A 24 6.10 2.39 -13.84
N GLN A 25 5.20 1.43 -14.00
CA GLN A 25 5.31 0.13 -13.38
C GLN A 25 6.64 -0.48 -13.75
N LEU A 26 7.03 -0.25 -15.00
CA LEU A 26 8.27 -0.78 -15.54
C LEU A 26 9.47 -0.15 -14.84
N GLU A 27 9.47 1.17 -14.76
CA GLU A 27 10.60 1.91 -14.20
C GLU A 27 10.80 1.60 -12.73
N ILE A 28 9.71 1.44 -12.00
CA ILE A 28 9.79 1.09 -10.59
C ILE A 28 10.35 -0.31 -10.40
N ALA A 29 9.78 -1.27 -11.14
CA ALA A 29 10.24 -2.66 -11.08
C ALA A 29 11.68 -2.78 -11.56
N LYS A 30 12.02 -1.97 -12.56
CA LYS A 30 13.36 -1.92 -13.13
C LYS A 30 14.41 -1.61 -12.07
N SER A 31 14.07 -0.71 -11.15
CA SER A 31 15.00 -0.31 -10.11
C SER A 31 15.03 -1.35 -8.98
N ILE A 32 13.96 -2.11 -8.84
CA ILE A 32 13.88 -3.14 -7.80
C ILE A 32 14.57 -4.41 -8.26
N GLY A 33 14.30 -4.82 -9.50
CA GLY A 33 14.90 -6.03 -10.03
C GLY A 33 13.88 -7.07 -10.40
N VAL A 34 12.61 -6.72 -10.26
CA VAL A 34 11.53 -7.64 -10.60
C VAL A 34 10.97 -7.30 -11.97
N SER A 35 10.36 -8.29 -12.61
CA SER A 35 9.78 -8.09 -13.94
C SER A 35 8.55 -7.18 -13.86
N PRO A 36 8.30 -6.41 -14.93
CA PRO A 36 7.13 -5.52 -15.01
C PRO A 36 5.82 -6.25 -14.73
N GLN A 37 5.74 -7.50 -15.18
CA GLN A 37 4.56 -8.32 -14.96
C GLN A 37 4.36 -8.64 -13.49
N THR A 38 5.48 -8.75 -12.75
CA THR A 38 5.43 -9.07 -11.34
C THR A 38 4.90 -7.87 -10.57
N PHE A 39 5.43 -6.71 -10.93
CA PHE A 39 5.00 -5.46 -10.34
C PHE A 39 3.56 -5.16 -10.71
N ASN A 40 3.19 -5.55 -11.92
CA ASN A 40 1.84 -5.34 -12.42
C ASN A 40 0.81 -6.00 -11.51
N THR A 41 1.08 -7.22 -11.08
CA THR A 41 0.14 -7.95 -10.24
C THR A 41 -0.07 -7.27 -8.90
N TRP A 42 0.97 -6.59 -8.42
CA TRP A 42 0.87 -5.85 -7.17
C TRP A 42 0.05 -4.57 -7.36
N CYS A 43 0.32 -3.88 -8.47
CA CYS A 43 -0.36 -2.64 -8.80
C CYS A 43 -1.82 -2.90 -9.12
N LYS A 44 -2.09 -4.02 -9.77
CA LYS A 44 -3.44 -4.44 -10.07
C LYS A 44 -4.13 -4.98 -8.81
N GLY A 45 -3.36 -5.22 -7.76
CA GLY A 45 -3.91 -5.75 -6.53
C GLY A 45 -4.36 -7.19 -6.67
N ILE A 46 -3.58 -7.97 -7.40
CA ILE A 46 -3.89 -9.38 -7.58
C ILE A 46 -3.35 -10.19 -6.42
N ALA A 47 -2.13 -9.87 -6.00
CA ALA A 47 -1.48 -10.59 -4.93
C ALA A 47 -0.54 -9.67 -4.17
N ILE A 48 -0.30 -10.00 -2.90
CA ILE A 48 0.64 -9.26 -2.07
C ILE A 48 1.94 -10.05 -1.94
N PRO A 49 3.07 -9.40 -2.25
CA PRO A 49 4.40 -10.03 -2.22
C PRO A 49 4.86 -10.38 -0.80
N ARG A 50 6.04 -10.98 -0.71
CA ARG A 50 6.61 -11.34 0.59
C ARG A 50 7.21 -10.13 1.26
N MET A 51 7.42 -10.22 2.57
CA MET A 51 7.92 -9.10 3.37
C MET A 51 9.20 -8.52 2.81
N GLY A 52 10.04 -9.38 2.23
CA GLY A 52 11.31 -8.91 1.67
C GLY A 52 11.12 -7.94 0.52
N LYS A 53 10.10 -8.16 -0.30
CA LYS A 53 9.85 -7.30 -1.44
C LYS A 53 8.92 -6.15 -1.06
N VAL A 54 8.09 -6.36 -0.05
CA VAL A 54 7.29 -5.28 0.51
C VAL A 54 8.21 -4.22 1.11
N GLN A 55 9.26 -4.70 1.78
CA GLN A 55 10.29 -3.84 2.34
C GLN A 55 10.96 -3.03 1.22
N ALA A 56 11.17 -3.69 0.09
CA ALA A 56 11.79 -3.04 -1.07
C ALA A 56 10.90 -1.93 -1.61
N LEU A 57 9.59 -2.20 -1.67
CA LEU A 57 8.62 -1.21 -2.11
C LEU A 57 8.62 0.00 -1.18
N ALA A 58 8.56 -0.27 0.11
CA ALA A 58 8.57 0.79 1.11
C ALA A 58 9.88 1.56 1.08
N ASP A 59 10.97 0.88 0.75
CA ASP A 59 12.28 1.50 0.68
C ASP A 59 12.38 2.39 -0.56
N TYR A 60 11.85 1.91 -1.67
CA TYR A 60 11.85 2.65 -2.93
C TYR A 60 11.11 3.97 -2.79
N PHE A 61 9.96 3.93 -2.16
CA PHE A 61 9.12 5.12 -2.00
C PHE A 61 9.52 5.92 -0.76
N ASN A 62 10.37 5.32 0.06
CA ASN A 62 10.78 5.91 1.34
C ASN A 62 9.56 6.14 2.23
N ILE A 63 8.85 5.07 2.49
CA ILE A 63 7.66 5.11 3.32
C ILE A 63 7.68 3.97 4.34
N ASN A 64 6.68 3.91 5.19
CA ASN A 64 6.59 2.85 6.19
C ASN A 64 5.68 1.74 5.67
N LYS A 65 5.67 0.61 6.35
CA LYS A 65 4.80 -0.49 5.95
C LYS A 65 3.34 -0.10 6.10
N SER A 66 3.07 0.75 7.08
CA SER A 66 1.72 1.18 7.37
C SER A 66 1.21 2.18 6.33
N ASP A 67 2.12 2.82 5.61
CA ASP A 67 1.76 3.80 4.57
C ASP A 67 0.99 3.13 3.43
N LEU A 68 1.20 1.84 3.26
CA LEU A 68 0.50 1.08 2.23
C LEU A 68 -0.76 0.42 2.78
N ILE A 69 -0.84 0.29 4.09
CA ILE A 69 -1.91 -0.49 4.72
C ILE A 69 -3.06 0.41 5.18
N GLU A 70 -2.78 1.65 5.53
CA GLU A 70 -3.80 2.52 6.09
C GLU A 70 -4.87 2.90 5.07
N ASP A 71 -6.09 3.01 5.53
CA ASP A 71 -7.19 3.44 4.70
C ASP A 71 -7.52 4.90 5.01
N LYS A 72 -8.12 5.58 4.05
CA LYS A 72 -8.31 7.02 4.17
C LYS A 72 -9.59 7.36 4.93
N LYS A 73 -10.21 6.34 5.49
CA LYS A 73 -11.38 6.52 6.34
C LYS A 73 -10.95 6.67 7.81
N LEU A 74 -9.65 6.82 8.02
CA LEU A 74 -9.09 6.94 9.34
C LEU A 74 -9.36 8.33 9.92
N ASN A 75 -10.58 8.52 10.39
CA ASN A 75 -10.95 9.73 11.08
C ASN A 75 -11.02 9.45 12.57
N ILE A 76 -11.64 10.35 13.32
CA ILE A 76 -11.77 10.17 14.76
C ILE A 76 -12.74 9.03 15.04
N ASP A 77 -12.22 7.97 15.61
CA ASP A 77 -12.99 6.77 15.90
C ASP A 77 -12.27 5.97 16.96
N THR A 78 -12.79 6.02 18.18
CA THR A 78 -12.14 5.39 19.32
C THR A 78 -12.47 3.90 19.38
N VAL A 79 -11.44 3.09 19.52
CA VAL A 79 -11.59 1.66 19.73
C VAL A 79 -10.94 1.31 21.07
N PRO A 80 -11.71 1.43 22.17
CA PRO A 80 -11.18 1.28 23.52
C PRO A 80 -10.81 -0.16 23.86
N ILE A 81 -9.59 -0.54 23.53
CA ILE A 81 -9.08 -1.85 23.92
C ILE A 81 -8.67 -1.81 25.39
N GLU A 82 -9.26 -2.69 26.16
CA GLU A 82 -9.05 -2.70 27.60
C GLU A 82 -7.71 -3.32 27.92
N SER A 83 -6.83 -2.52 28.52
CA SER A 83 -5.50 -2.98 28.84
C SER A 83 -5.41 -3.31 30.33
N GLY A 84 -5.27 -4.59 30.64
CA GLY A 84 -5.19 -5.01 32.03
C GLY A 84 -3.84 -4.71 32.66
N TYR A 85 -3.85 -4.50 33.97
CA TYR A 85 -2.62 -4.20 34.70
C TYR A 85 -2.04 -5.47 35.29
N THR A 86 -0.91 -5.91 34.77
CA THR A 86 -0.29 -7.14 35.21
C THR A 86 1.21 -6.95 35.41
N LEU A 87 1.93 -8.03 35.72
CA LEU A 87 3.39 -8.03 35.88
C LEU A 87 3.82 -7.38 37.18
N GLU A 88 4.70 -8.05 37.90
CA GLU A 88 5.24 -7.53 39.16
C GLU A 88 6.49 -6.69 38.87
N HIS A 89 6.41 -5.40 39.16
CA HIS A 89 7.53 -4.51 38.94
C HIS A 89 7.66 -3.53 40.10
N HIS A 90 8.86 -3.40 40.62
CA HIS A 90 9.08 -2.56 41.80
C HIS A 90 10.28 -1.64 41.55
N HIS A 91 10.29 -0.49 42.22
CA HIS A 91 11.42 0.42 42.16
C HIS A 91 12.66 -0.22 42.76
N HIS A 92 13.81 0.09 42.19
CA HIS A 92 15.07 -0.46 42.65
C HIS A 92 16.22 0.48 42.35
N HIS A 93 17.25 0.44 43.17
CA HIS A 93 18.44 1.24 42.96
C HIS A 93 19.35 0.55 41.96
N HIS A 94 20.05 1.31 41.15
CA HIS A 94 20.98 0.74 40.18
C HIS A 94 22.31 0.45 40.87
#